data_6F9N
#
_entry.id   6F9N
#
_cell.length_a   67.910
_cell.length_b   77.400
_cell.length_c   104.020
_cell.angle_alpha   87.56
_cell.angle_beta   76.41
_cell.angle_gamma   67.00
#
_symmetry.space_group_name_H-M   'P 1'
#
loop_
_entity.id
_entity.type
_entity.pdbx_description
1 polymer 'Cleavage and polyadenylation specificity factor subunit 1'
2 polymer "pre-mRNA 3' end processing protein WDR33"
3 water water
#
loop_
_entity_poly.entity_id
_entity_poly.type
_entity_poly.pdbx_seq_one_letter_code
_entity_poly.pdbx_strand_id
1 'polypeptide(L)'
;MYAVYKQAHPPTGLEFSMYCNFFNNSERNLVVAGTSQLYVYRLNRDAEALTKNDRSTEGKAHREKLELAASFSFFGNVMS
MASVQLAGAKRDALLLSFKDAKLSVVEYDPGTHDLKTLSLHYFEEPELRDGFVQNVHTPRVRVDPDGRCAAMLVYGTRLV
VLPFRRESLAEEHEGLVGEGQRSSFLPSYIIDVRALDEKLLNIIDLQFLHGYYEPTLLILFEPNQTWPGRVAVRQDTCSI
VAISLNITQKVHPVIWSLTSLPFDCTQALAVPKPIGGVVVFAVNSLLYLNQSVPPYGVALNSLTTGTTAFPLRTQEGVRI
TLDCAQATFISYDKMVISLKGGEIYVLTLITDGMRSVRAFHFDKAAASVLTTSMVTMEPGYLFLGSRLGNSLLLKYTEKL
QEPPASAVREAADKEEPPSKKKRVDATAGWSAAGKSVPQDEVDEIEVYGSEAQSGTQLATYSFEVCDSILNIGPCANAAV
GEPAFLSEEFQNSPEPDLEIVVCSGHGKNGALSVLQKSIRPQVVTTFELPGCYDMWTVIAPVRKEEEDNPKGEGTEQEPS
TTPEADDDGRRHGFLILSREDSTMILQTGQEIMELDTSGFATQGPTVFAGNIGDNRYIVQVSPLGIRLLEGVNQLHFIPV
DLGAPIVQCAVADPYVVIMSAEGHVTMFLLKSDSYGGRHHRLALHKPPLHHQSKVITLCLYRDLSGMFTTESRLGGARDE
LGGRSGPEAEGLGSETSPTVDDEEEMLYGDSGSLFSPSKEEARRSSQPPADRDPAPFRAEPTHWCLLVRENGTMEIYQLP
DWRLVFLVKNFPVGQRVLVDSSFGQPTTQGEARREEATRQGELPLVKEVLLVALGSRQSRPYLLVHVDQELLIYEAFPHD
SQLGQGNLKVRFKKVPHNINFREKKPKPSKKKAEGGGAEEGAGARGRVARFRYFEDIYGYSGVFICGPSPHWLLVTGRGA
LRLHPMAIDGPVDSFAPFHNVNCPRGFLYFNRQGELRISVLPAYLSYDAPWPVRKIPLRCTAHYVAYHVESKVYAVATST
NTPCARIPRMTGEEKEFETIERDERYIHPQQEAFSIQLISPVSWEAIPNARIELQEWEHVTCMKTVSLRSEETVSGLKGY
VAAGTCLMQGEEVTCRGRILIMDVIEVVPEPGQPLTKNKFKVLYEKEQKGPVTALCHCNGHLVSAIGQKIFLWSLRASEL
TGMAFIDTQLYIHQMISVKNFILAADVMKSISLLRYQEESKTLSLVSRDAKPLEVYSVDFMVDNAQLGFLVSDRDRNLMV
YMYLPEAKESFGGMRLLRRADFHVGAHVNTFWRTPCRGATEGLSKKSVVWENKHITWFATLDGGIGLLLPMQEKTYRRLL
MLQNALTTMLPHHAGLNPRAFRMLHVDRRTLQNAVRNVLDGELLNRYLYLSTMERSELAKKIGTTPDIILDDLLETDRVT
AHF
;
A
2 'polypeptide(L)'
;SNAQQAMQQLTFDGKRMRKAVNRKTIDYNPSVIKYLENRIWQRDQRDMRAIQPDAGYYNDLVPPIGMLNNPMNAVTTKFV
RTSTNKVKCPVFVVRWTPEGRRLVTGASSGEFTLWNGLTFNFETILQAHDSPVRAMTWSHNDMWMLTADHGGYVKYWQSN
MNNVKMFQAHKEAIREASFSPTDNKFATCSDDGTVRIWDFLRCHEERILRGHGADVKCVDWHPTKGLVVSGSKDSQQPIK
FWDPKTGQSLATLHAHKNTVMEVKLNLNGNWLLTASRDHLCKLFDIRNLKEELQVFRGHKKEATAVAWHPVHEGLFASGG
SDGSLLFWHVGVEKEVGGMEMAHEGMIWSLAWHPLGHILCSGSNDHTSKFWTRNRPGDK
;
B
#
# COMPACT_ATOMS: atom_id res chain seq x y z
N MET A 1 1.23 2.57 26.02
CA MET A 1 0.32 3.31 25.15
C MET A 1 -0.34 2.36 24.15
N TYR A 2 -1.62 2.10 24.35
CA TYR A 2 -2.35 1.08 23.60
C TYR A 2 -3.33 1.73 22.64
N ALA A 3 -3.67 0.99 21.57
CA ALA A 3 -4.54 1.53 20.54
C ALA A 3 -5.17 0.39 19.76
N VAL A 4 -6.18 0.73 18.96
CA VAL A 4 -6.83 -0.19 18.05
C VAL A 4 -6.70 0.35 16.64
N TYR A 5 -6.46 -0.53 15.68
CA TYR A 5 -6.46 -0.15 14.27
C TYR A 5 -7.82 -0.47 13.67
N LYS A 6 -8.25 0.39 12.76
CA LYS A 6 -9.49 0.18 12.03
C LYS A 6 -9.26 0.55 10.58
N GLN A 7 -9.92 -0.18 9.68
CA GLN A 7 -9.86 0.10 8.25
C GLN A 7 -11.13 0.83 7.85
N ALA A 8 -11.02 2.15 7.66
CA ALA A 8 -12.18 2.95 7.28
C ALA A 8 -12.51 2.81 5.80
N HIS A 9 -11.50 2.59 4.97
CA HIS A 9 -11.69 2.43 3.53
C HIS A 9 -10.74 1.34 3.03
N PRO A 10 -11.26 0.31 2.38
CA PRO A 10 -10.39 -0.76 1.88
C PRO A 10 -9.52 -0.27 0.75
N PRO A 11 -8.38 -0.91 0.50
CA PRO A 11 -7.52 -0.48 -0.61
C PRO A 11 -8.23 -0.66 -1.94
N THR A 12 -7.84 0.17 -2.91
CA THR A 12 -8.44 0.16 -4.23
C THR A 12 -7.43 -0.09 -5.33
N GLY A 13 -6.15 -0.29 -4.99
CA GLY A 13 -5.14 -0.58 -5.98
C GLY A 13 -5.09 -2.05 -6.34
N LEU A 14 -5.45 -2.39 -7.56
CA LEU A 14 -5.37 -3.77 -8.02
C LEU A 14 -3.97 -4.07 -8.52
N GLU A 15 -3.61 -5.37 -8.54
CA GLU A 15 -2.28 -5.79 -8.96
C GLU A 15 -2.25 -6.98 -9.90
N PHE A 16 -3.22 -7.90 -9.81
CA PHE A 16 -3.20 -9.11 -10.61
C PHE A 16 -4.54 -9.29 -11.30
N SER A 17 -4.49 -9.70 -12.57
CA SER A 17 -5.69 -9.96 -13.35
C SER A 17 -5.62 -11.35 -13.95
N MET A 18 -6.75 -12.07 -13.91
CA MET A 18 -6.78 -13.46 -14.32
C MET A 18 -8.18 -13.76 -14.86
N TYR A 19 -8.28 -14.81 -15.67
CA TYR A 19 -9.55 -15.19 -16.27
C TYR A 19 -9.70 -16.69 -16.14
N CYS A 20 -10.64 -17.15 -15.32
CA CYS A 20 -10.71 -18.57 -15.02
C CYS A 20 -12.12 -18.98 -14.62
N ASN A 21 -12.32 -20.29 -14.47
CA ASN A 21 -13.59 -20.88 -14.07
C ASN A 21 -13.65 -20.94 -12.54
N PHE A 22 -14.03 -19.80 -11.95
CA PHE A 22 -14.04 -19.73 -10.49
C PHE A 22 -15.27 -20.40 -9.89
N PHE A 23 -16.45 -20.19 -10.48
CA PHE A 23 -17.68 -20.72 -9.91
C PHE A 23 -18.05 -22.10 -10.44
N ASN A 24 -17.80 -22.35 -11.72
CA ASN A 24 -18.07 -23.65 -12.34
C ASN A 24 -17.35 -23.69 -13.68
N ASN A 25 -17.35 -24.88 -14.27
CA ASN A 25 -16.68 -25.09 -15.56
C ASN A 25 -17.52 -24.66 -16.75
N SER A 26 -18.69 -24.06 -16.52
CA SER A 26 -19.54 -23.60 -17.62
C SER A 26 -19.23 -22.16 -18.01
N GLU A 27 -19.20 -21.25 -17.04
CA GLU A 27 -18.90 -19.85 -17.30
C GLU A 27 -17.52 -19.50 -16.74
N ARG A 28 -16.78 -18.69 -17.49
CA ARG A 28 -15.51 -18.13 -17.05
C ARG A 28 -15.73 -16.71 -16.58
N ASN A 29 -14.89 -16.27 -15.64
CA ASN A 29 -15.05 -14.93 -15.08
C ASN A 29 -13.69 -14.35 -14.73
N LEU A 30 -13.69 -13.05 -14.44
CA LEU A 30 -12.48 -12.31 -14.16
C LEU A 30 -12.16 -12.39 -12.67
N VAL A 31 -10.88 -12.57 -12.34
CA VAL A 31 -10.41 -12.65 -10.97
C VAL A 31 -9.28 -11.65 -10.83
N VAL A 32 -9.49 -10.61 -10.03
CA VAL A 32 -8.52 -9.55 -9.86
C VAL A 32 -8.15 -9.42 -8.39
N ALA A 33 -6.86 -9.27 -8.12
CA ALA A 33 -6.35 -9.19 -6.77
C ALA A 33 -5.59 -7.89 -6.56
N GLY A 34 -5.82 -7.26 -5.42
CA GLY A 34 -5.08 -6.07 -5.02
C GLY A 34 -4.71 -6.13 -3.55
N THR A 35 -3.42 -6.31 -3.27
CA THR A 35 -2.89 -6.40 -1.91
C THR A 35 -3.61 -7.47 -1.09
N SER A 36 -4.53 -7.05 -0.24
CA SER A 36 -5.22 -7.97 0.66
C SER A 36 -6.65 -8.28 0.22
N GLN A 37 -7.04 -7.85 -0.97
CA GLN A 37 -8.41 -8.04 -1.46
C GLN A 37 -8.39 -8.87 -2.74
N LEU A 38 -9.41 -9.70 -2.91
CA LEU A 38 -9.57 -10.52 -4.10
C LEU A 38 -11.02 -10.41 -4.57
N TYR A 39 -11.21 -10.27 -5.87
CA TYR A 39 -12.52 -10.00 -6.45
C TYR A 39 -12.76 -10.93 -7.63
N VAL A 40 -14.00 -11.39 -7.76
CA VAL A 40 -14.45 -12.21 -8.88
C VAL A 40 -15.60 -11.46 -9.55
N TYR A 41 -15.38 -11.06 -10.79
CA TYR A 41 -16.30 -10.26 -11.58
C TYR A 41 -16.89 -11.08 -12.73
N ARG A 42 -18.15 -10.81 -13.04
CA ARG A 42 -18.83 -11.33 -14.22
C ARG A 42 -19.06 -10.19 -15.20
N LEU A 43 -19.35 -10.55 -16.45
CA LEU A 43 -19.50 -9.58 -17.53
C LEU A 43 -20.95 -9.55 -18.00
N ASN A 44 -21.52 -8.36 -18.04
CA ASN A 44 -22.89 -8.15 -18.51
C ASN A 44 -22.87 -7.62 -19.94
N ARG A 45 -23.79 -8.11 -20.77
CA ARG A 45 -23.90 -7.67 -22.15
C ARG A 45 -25.28 -7.06 -22.42
N GLU A 64 -22.74 -3.27 -21.03
CA GLU A 64 -21.31 -3.35 -20.79
C GLU A 64 -20.98 -2.93 -19.36
N LYS A 65 -20.81 -3.92 -18.48
CA LYS A 65 -20.57 -3.66 -17.07
C LYS A 65 -20.00 -4.90 -16.42
N LEU A 66 -19.20 -4.69 -15.38
CA LEU A 66 -18.66 -5.77 -14.56
C LEU A 66 -19.36 -5.75 -13.21
N GLU A 67 -20.04 -6.85 -12.88
CA GLU A 67 -20.69 -7.00 -11.58
C GLU A 67 -19.81 -7.83 -10.67
N LEU A 68 -19.64 -7.37 -9.44
CA LEU A 68 -18.83 -8.07 -8.44
C LEU A 68 -19.57 -9.33 -8.01
N ALA A 69 -19.15 -10.47 -8.56
CA ALA A 69 -19.78 -11.74 -8.20
C ALA A 69 -19.34 -12.23 -6.83
N ALA A 70 -18.10 -11.95 -6.44
CA ALA A 70 -17.61 -12.37 -5.13
C ALA A 70 -16.43 -11.50 -4.73
N SER A 71 -16.15 -11.47 -3.43
CA SER A 71 -15.01 -10.70 -2.92
C SER A 71 -14.60 -11.26 -1.57
N PHE A 72 -13.29 -11.31 -1.34
CA PHE A 72 -12.73 -11.90 -0.14
C PHE A 72 -11.52 -11.09 0.33
N SER A 73 -11.36 -10.99 1.64
CA SER A 73 -10.22 -10.31 2.23
C SER A 73 -9.32 -11.30 2.95
N PHE A 74 -8.01 -11.04 2.91
CA PHE A 74 -7.02 -11.92 3.51
C PHE A 74 -6.24 -11.18 4.59
N PHE A 75 -5.74 -11.95 5.55
CA PHE A 75 -4.75 -11.44 6.51
C PHE A 75 -3.35 -11.66 5.94
N GLY A 76 -3.13 -11.04 4.78
CA GLY A 76 -1.88 -11.18 4.05
C GLY A 76 -1.98 -10.49 2.71
N ASN A 77 -0.82 -10.15 2.13
CA ASN A 77 -0.75 -9.46 0.86
C ASN A 77 -0.40 -10.45 -0.24
N VAL A 78 -1.26 -10.55 -1.24
CA VAL A 78 -1.05 -11.47 -2.36
C VAL A 78 0.15 -11.01 -3.16
N MET A 79 1.17 -11.87 -3.26
CA MET A 79 2.36 -11.58 -4.05
C MET A 79 2.30 -12.17 -5.46
N SER A 80 1.43 -13.15 -5.70
CA SER A 80 1.30 -13.77 -7.01
C SER A 80 0.01 -14.57 -7.02
N MET A 81 -0.60 -14.66 -8.20
CA MET A 81 -1.89 -15.33 -8.36
C MET A 81 -1.89 -16.16 -9.63
N ALA A 82 -2.49 -17.35 -9.55
CA ALA A 82 -2.55 -18.24 -10.70
C ALA A 82 -3.78 -19.14 -10.57
N SER A 83 -4.09 -19.84 -11.67
CA SER A 83 -5.23 -20.75 -11.72
C SER A 83 -4.80 -22.09 -12.30
N VAL A 84 -5.52 -23.15 -11.91
CA VAL A 84 -5.23 -24.49 -12.40
C VAL A 84 -6.49 -25.33 -12.34
N GLN A 85 -6.62 -26.26 -13.29
CA GLN A 85 -7.74 -27.19 -13.34
C GLN A 85 -7.26 -28.55 -12.82
N LEU A 86 -7.76 -28.94 -11.66
CA LEU A 86 -7.32 -30.17 -11.02
C LEU A 86 -8.05 -31.38 -11.59
N ALA A 87 -7.74 -32.55 -11.06
CA ALA A 87 -8.28 -33.80 -11.61
C ALA A 87 -9.78 -33.92 -11.40
N GLY A 88 -10.26 -33.58 -10.20
CA GLY A 88 -11.69 -33.63 -9.95
C GLY A 88 -12.48 -32.75 -10.89
N ALA A 89 -11.91 -31.60 -11.27
CA ALA A 89 -12.46 -30.73 -12.31
C ALA A 89 -13.84 -30.19 -11.93
N LYS A 90 -14.10 -30.02 -10.64
CA LYS A 90 -15.33 -29.35 -10.23
C LYS A 90 -15.26 -27.86 -10.56
N ARG A 91 -14.19 -27.20 -10.12
CA ARG A 91 -13.92 -25.81 -10.44
C ARG A 91 -12.43 -25.63 -10.60
N ASP A 92 -12.03 -24.43 -11.02
CA ASP A 92 -10.61 -24.08 -11.01
C ASP A 92 -10.15 -23.79 -9.60
N ALA A 93 -8.93 -24.20 -9.29
CA ALA A 93 -8.28 -23.87 -8.03
C ALA A 93 -7.33 -22.69 -8.25
N LEU A 94 -7.22 -21.86 -7.23
CA LEU A 94 -6.44 -20.63 -7.27
C LEU A 94 -5.21 -20.78 -6.41
N LEU A 95 -4.05 -20.43 -6.96
CA LEU A 95 -2.79 -20.41 -6.22
C LEU A 95 -2.46 -18.98 -5.85
N LEU A 96 -2.21 -18.74 -4.57
CA LEU A 96 -1.95 -17.41 -4.04
C LEU A 96 -0.65 -17.45 -3.25
N SER A 97 0.31 -16.63 -3.65
CA SER A 97 1.55 -16.45 -2.91
C SER A 97 1.35 -15.39 -1.83
N PHE A 98 2.04 -15.58 -0.72
CA PHE A 98 2.02 -14.60 0.36
C PHE A 98 3.44 -14.36 0.83
N LYS A 99 3.59 -13.37 1.71
CA LYS A 99 4.91 -12.84 2.01
C LYS A 99 5.84 -13.92 2.54
N ASP A 100 7.13 -13.74 2.27
CA ASP A 100 8.19 -14.73 2.50
C ASP A 100 7.71 -15.88 1.63
N ALA A 101 7.65 -17.10 2.18
CA ALA A 101 7.36 -18.26 1.33
C ALA A 101 6.08 -19.05 1.61
N LYS A 102 4.96 -18.35 1.74
CA LYS A 102 3.67 -19.01 1.94
C LYS A 102 2.95 -19.16 0.62
N LEU A 103 2.31 -20.32 0.43
CA LEU A 103 1.58 -20.61 -0.79
C LEU A 103 0.27 -21.30 -0.41
N SER A 104 -0.85 -20.76 -0.91
CA SER A 104 -2.17 -21.27 -0.56
C SER A 104 -2.93 -21.63 -1.82
N VAL A 105 -3.47 -22.85 -1.86
CA VAL A 105 -4.40 -23.27 -2.89
C VAL A 105 -5.81 -23.13 -2.32
N VAL A 106 -6.67 -22.41 -3.02
CA VAL A 106 -8.03 -22.15 -2.56
C VAL A 106 -9.00 -22.46 -3.69
N GLU A 107 -10.28 -22.50 -3.34
CA GLU A 107 -11.31 -22.89 -4.28
C GLU A 107 -12.66 -22.44 -3.76
N TYR A 108 -13.54 -22.04 -4.66
CA TYR A 108 -14.87 -21.58 -4.26
C TYR A 108 -15.68 -22.72 -3.65
N ASP A 109 -16.37 -22.42 -2.55
CA ASP A 109 -17.22 -23.39 -1.88
C ASP A 109 -18.67 -23.12 -2.24
N PRO A 110 -19.30 -23.94 -3.08
CA PRO A 110 -20.69 -23.67 -3.47
C PRO A 110 -21.68 -23.81 -2.33
N GLY A 111 -21.32 -24.49 -1.25
CA GLY A 111 -22.26 -24.68 -0.15
C GLY A 111 -22.37 -23.49 0.77
N THR A 112 -21.32 -22.69 0.88
CA THR A 112 -21.30 -21.56 1.79
C THR A 112 -21.02 -20.22 1.10
N HIS A 113 -20.90 -20.21 -0.23
CA HIS A 113 -20.59 -18.99 -0.99
C HIS A 113 -19.32 -18.32 -0.43
N ASP A 114 -18.32 -19.15 -0.12
CA ASP A 114 -17.10 -18.65 0.51
C ASP A 114 -15.86 -19.21 -0.20
N LEU A 115 -14.69 -18.97 0.37
CA LEU A 115 -13.44 -19.47 -0.17
C LEU A 115 -12.90 -20.56 0.74
N LYS A 116 -12.79 -21.77 0.21
CA LYS A 116 -12.36 -22.95 0.94
C LYS A 116 -10.89 -23.22 0.66
N THR A 117 -10.13 -23.54 1.70
CA THR A 117 -8.69 -23.74 1.61
C THR A 117 -8.40 -25.20 1.27
N LEU A 118 -7.94 -25.45 0.04
CA LEU A 118 -7.53 -26.80 -0.33
C LEU A 118 -6.23 -27.18 0.38
N SER A 119 -5.25 -26.28 0.39
CA SER A 119 -3.98 -26.56 1.07
C SER A 119 -3.23 -25.26 1.30
N LEU A 120 -2.28 -25.33 2.23
CA LEU A 120 -1.40 -24.20 2.57
C LEU A 120 -0.03 -24.75 2.88
N HIS A 121 0.99 -24.22 2.19
CA HIS A 121 2.35 -24.72 2.30
C HIS A 121 3.28 -23.59 2.76
N TYR A 122 4.09 -23.87 3.78
CA TYR A 122 5.12 -22.96 4.24
C TYR A 122 6.48 -23.45 3.76
N PHE A 123 7.27 -22.56 3.18
CA PHE A 123 8.62 -22.85 2.75
C PHE A 123 9.60 -21.86 3.37
N GLU A 124 9.36 -21.50 4.63
CA GLU A 124 10.14 -20.50 5.34
C GLU A 124 11.10 -21.20 6.29
N GLU A 125 12.29 -21.52 5.79
CA GLU A 125 13.34 -22.08 6.62
C GLU A 125 14.65 -21.34 6.33
N PRO A 126 15.43 -21.02 7.36
CA PRO A 126 16.63 -20.21 7.14
C PRO A 126 17.65 -20.87 6.22
N GLU A 127 17.69 -22.21 6.19
CA GLU A 127 18.61 -22.90 5.28
C GLU A 127 18.27 -22.59 3.82
N LEU A 128 17.01 -22.27 3.53
CA LEU A 128 16.62 -21.87 2.19
C LEU A 128 17.03 -20.44 1.85
N ARG A 129 17.41 -19.64 2.86
CA ARG A 129 17.80 -18.26 2.62
C ARG A 129 19.30 -18.07 2.44
N ASP A 130 20.09 -19.12 2.69
CA ASP A 130 21.54 -19.09 2.46
C ASP A 130 22.24 -18.00 3.29
N GLY A 131 21.70 -17.70 4.47
CA GLY A 131 22.29 -16.73 5.37
C GLY A 131 21.72 -15.33 5.27
N PHE A 132 21.10 -14.98 4.15
CA PHE A 132 20.52 -13.66 4.00
C PHE A 132 19.32 -13.50 4.92
N VAL A 133 19.19 -12.30 5.49
CA VAL A 133 18.08 -11.99 6.38
C VAL A 133 17.04 -11.08 5.74
N GLN A 134 17.39 -10.35 4.68
CA GLN A 134 16.48 -9.45 3.99
C GLN A 134 16.21 -9.99 2.59
N ASN A 135 14.96 -10.32 2.32
CA ASN A 135 14.58 -10.93 1.05
C ASN A 135 14.12 -9.84 0.08
N VAL A 136 14.76 -9.79 -1.08
CA VAL A 136 14.39 -8.84 -2.13
C VAL A 136 13.68 -9.54 -3.28
N HIS A 137 13.21 -10.77 -3.05
CA HIS A 137 12.54 -11.57 -4.08
C HIS A 137 11.16 -11.96 -3.59
N THR A 138 10.16 -11.74 -4.43
CA THR A 138 8.79 -12.09 -4.09
C THR A 138 8.46 -13.49 -4.59
N PRO A 139 7.61 -14.24 -3.88
CA PRO A 139 7.27 -15.60 -4.32
C PRO A 139 6.54 -15.59 -5.65
N ARG A 140 7.19 -16.06 -6.71
CA ARG A 140 6.61 -16.00 -8.05
C ARG A 140 6.07 -17.37 -8.45
N VAL A 141 4.77 -17.44 -8.71
CA VAL A 141 4.09 -18.69 -9.04
C VAL A 141 3.79 -18.73 -10.53
N ARG A 142 4.11 -19.85 -11.17
CA ARG A 142 3.73 -20.14 -12.53
C ARG A 142 3.03 -21.50 -12.57
N VAL A 143 2.14 -21.67 -13.54
CA VAL A 143 1.37 -22.90 -13.69
C VAL A 143 1.59 -23.43 -15.10
N ASP A 144 1.90 -24.72 -15.20
CA ASP A 144 2.09 -25.34 -16.51
C ASP A 144 0.78 -25.29 -17.30
N PRO A 145 0.84 -24.96 -18.59
CA PRO A 145 -0.42 -24.85 -19.37
C PRO A 145 -1.22 -26.13 -19.42
N ASP A 146 -0.57 -27.29 -19.48
CA ASP A 146 -1.29 -28.55 -19.47
C ASP A 146 -1.88 -28.88 -18.10
N GLY A 147 -1.47 -28.17 -17.05
CA GLY A 147 -2.04 -28.36 -15.73
C GLY A 147 -1.49 -29.52 -14.95
N ARG A 148 -0.26 -29.94 -15.23
CA ARG A 148 0.32 -31.09 -14.54
C ARG A 148 1.13 -30.70 -13.30
N CYS A 149 1.59 -29.46 -13.20
CA CYS A 149 2.34 -29.03 -12.04
C CYS A 149 2.35 -27.52 -11.96
N ALA A 150 2.72 -27.01 -10.79
CA ALA A 150 2.95 -25.59 -10.56
C ALA A 150 4.34 -25.40 -9.98
N ALA A 151 4.85 -24.17 -10.09
CA ALA A 151 6.18 -23.86 -9.58
C ALA A 151 6.13 -22.51 -8.90
N MET A 152 6.93 -22.36 -7.83
CA MET A 152 7.06 -21.09 -7.11
C MET A 152 8.52 -20.83 -6.84
N LEU A 153 9.07 -19.80 -7.48
CA LEU A 153 10.41 -19.35 -7.18
C LEU A 153 10.38 -18.50 -5.91
N VAL A 154 11.18 -18.90 -4.93
CA VAL A 154 11.27 -18.23 -3.64
C VAL A 154 12.73 -17.93 -3.35
N TYR A 155 12.98 -16.73 -2.82
CA TYR A 155 14.31 -16.22 -2.48
C TYR A 155 15.23 -16.16 -3.70
N GLY A 156 14.68 -16.27 -4.91
CA GLY A 156 15.50 -16.35 -6.09
C GLY A 156 16.46 -17.50 -6.11
N THR A 157 16.24 -18.52 -5.26
CA THR A 157 17.18 -19.61 -5.11
C THR A 157 16.48 -20.96 -5.12
N ARG A 158 15.25 -21.01 -4.60
CA ARG A 158 14.55 -22.28 -4.43
C ARG A 158 13.32 -22.30 -5.32
N LEU A 159 13.29 -23.23 -6.28
CA LEU A 159 12.14 -23.42 -7.17
C LEU A 159 11.31 -24.57 -6.60
N VAL A 160 10.20 -24.23 -5.95
CA VAL A 160 9.30 -25.24 -5.41
C VAL A 160 8.45 -25.80 -6.54
N VAL A 161 8.31 -27.12 -6.60
CA VAL A 161 7.52 -27.80 -7.61
C VAL A 161 6.39 -28.54 -6.90
N LEU A 162 5.15 -28.19 -7.25
CA LEU A 162 3.96 -28.87 -6.76
C LEU A 162 3.36 -29.69 -7.89
N PRO A 163 3.51 -31.01 -7.88
CA PRO A 163 2.88 -31.85 -8.89
C PRO A 163 1.39 -32.02 -8.63
N PHE A 164 0.66 -32.35 -9.69
CA PHE A 164 -0.77 -32.59 -9.63
C PHE A 164 -1.08 -33.98 -10.18
N ARG A 165 -2.04 -34.67 -9.55
CA ARG A 165 -2.44 -35.97 -10.02
C ARG A 165 -3.09 -35.87 -11.40
N ARG A 166 -2.93 -36.93 -12.19
CA ARG A 166 -3.49 -36.98 -13.53
C ARG A 166 -4.42 -38.17 -13.69
N ARG A 182 -6.28 -40.03 -3.01
CA ARG A 182 -7.10 -39.20 -2.13
C ARG A 182 -6.85 -37.72 -2.37
N SER A 183 -5.72 -37.22 -1.87
CA SER A 183 -5.37 -35.82 -2.06
C SER A 183 -5.11 -35.53 -3.53
N SER A 184 -5.48 -34.33 -3.95
CA SER A 184 -5.33 -33.91 -5.34
C SER A 184 -3.96 -33.30 -5.63
N PHE A 185 -3.04 -33.33 -4.67
CA PHE A 185 -1.71 -32.77 -4.85
C PHE A 185 -0.67 -33.81 -4.44
N LEU A 186 0.35 -33.98 -5.27
CA LEU A 186 1.49 -34.81 -4.90
C LEU A 186 2.41 -34.02 -3.96
N PRO A 187 3.26 -34.71 -3.22
CA PRO A 187 4.23 -34.00 -2.36
C PRO A 187 5.15 -33.12 -3.18
N SER A 188 5.31 -31.88 -2.74
CA SER A 188 6.15 -30.92 -3.44
C SER A 188 7.63 -31.28 -3.26
N TYR A 189 8.47 -30.71 -4.13
CA TYR A 189 9.90 -30.86 -3.97
C TYR A 189 10.61 -29.59 -4.44
N ILE A 190 11.70 -29.26 -3.77
CA ILE A 190 12.41 -28.00 -3.98
C ILE A 190 13.65 -28.25 -4.82
N ILE A 191 13.83 -27.46 -5.86
CA ILE A 191 15.02 -27.51 -6.72
C ILE A 191 15.89 -26.31 -6.38
N ASP A 192 17.12 -26.57 -5.96
CA ASP A 192 18.10 -25.51 -5.75
C ASP A 192 18.65 -25.13 -7.11
N VAL A 193 18.30 -23.93 -7.59
CA VAL A 193 18.70 -23.51 -8.93
C VAL A 193 20.21 -23.37 -9.06
N ARG A 194 20.92 -23.23 -7.94
CA ARG A 194 22.37 -23.10 -7.99
C ARG A 194 23.05 -24.45 -8.21
N ALA A 195 22.59 -25.20 -9.20
CA ALA A 195 23.14 -26.51 -9.49
C ALA A 195 22.90 -26.90 -10.94
N GLU A 198 25.83 -23.76 -15.90
CA GLU A 198 24.69 -23.42 -15.08
C GLU A 198 24.87 -22.05 -14.42
N LYS A 199 25.16 -22.06 -13.12
CA LYS A 199 25.35 -20.84 -12.33
C LYS A 199 24.13 -19.93 -12.43
N LEU A 200 22.95 -20.52 -12.20
CA LEU A 200 21.69 -19.78 -12.25
C LEU A 200 21.64 -18.77 -11.11
N LEU A 201 21.76 -17.49 -11.43
CA LEU A 201 21.71 -16.42 -10.44
C LEU A 201 20.92 -15.24 -10.99
N ASN A 202 20.30 -14.50 -10.09
CA ASN A 202 19.55 -13.28 -10.42
C ASN A 202 18.50 -13.56 -11.49
N ILE A 203 17.53 -14.41 -11.13
CA ILE A 203 16.49 -14.79 -12.07
C ILE A 203 15.59 -13.59 -12.33
N ILE A 204 15.47 -13.20 -13.61
CA ILE A 204 14.62 -12.09 -13.97
C ILE A 204 13.18 -12.53 -14.10
N ASP A 205 12.94 -13.67 -14.74
CA ASP A 205 11.58 -14.16 -14.97
C ASP A 205 11.63 -15.67 -15.17
N LEU A 206 10.44 -16.28 -15.13
CA LEU A 206 10.31 -17.70 -15.40
C LEU A 206 8.87 -17.97 -15.84
N GLN A 207 8.73 -18.85 -16.83
CA GLN A 207 7.41 -19.12 -17.40
C GLN A 207 7.38 -20.53 -17.98
N PHE A 208 6.26 -21.23 -17.77
CA PHE A 208 6.08 -22.54 -18.37
C PHE A 208 5.71 -22.40 -19.84
N LEU A 209 6.13 -23.38 -20.64
CA LEU A 209 6.02 -23.31 -22.08
C LEU A 209 4.95 -24.27 -22.60
N HIS A 210 4.45 -23.96 -23.79
CA HIS A 210 3.44 -24.79 -24.45
C HIS A 210 4.10 -25.75 -25.42
N GLY A 211 3.47 -26.92 -25.60
CA GLY A 211 3.89 -27.86 -26.62
C GLY A 211 4.94 -28.86 -26.21
N TYR A 212 5.16 -29.05 -24.90
CA TYR A 212 6.13 -30.03 -24.42
C TYR A 212 5.42 -31.16 -23.69
N TYR A 213 5.97 -32.36 -23.82
CA TYR A 213 5.39 -33.53 -23.17
C TYR A 213 5.74 -33.60 -21.69
N GLU A 214 6.78 -32.91 -21.26
CA GLU A 214 7.07 -32.68 -19.85
C GLU A 214 6.98 -31.19 -19.57
N PRO A 215 6.56 -30.79 -18.36
CA PRO A 215 6.48 -29.36 -18.05
C PRO A 215 7.83 -28.67 -18.20
N THR A 216 7.97 -27.87 -19.27
CA THR A 216 9.21 -27.20 -19.59
C THR A 216 9.13 -25.75 -19.10
N LEU A 217 9.97 -25.41 -18.14
CA LEU A 217 10.01 -24.08 -17.54
C LEU A 217 11.20 -23.32 -18.06
N LEU A 218 10.95 -22.17 -18.69
CA LEU A 218 12.03 -21.30 -19.16
C LEU A 218 12.36 -20.29 -18.07
N ILE A 219 13.65 -20.09 -17.83
CA ILE A 219 14.15 -19.20 -16.79
C ILE A 219 15.06 -18.17 -17.45
N LEU A 220 14.68 -16.90 -17.34
CA LEU A 220 15.47 -15.78 -17.82
C LEU A 220 16.17 -15.16 -16.62
N PHE A 221 17.50 -15.07 -16.69
CA PHE A 221 18.34 -14.72 -15.55
C PHE A 221 19.59 -14.02 -16.07
N GLU A 222 20.53 -13.74 -15.16
CA GLU A 222 21.84 -13.24 -15.56
C GLU A 222 22.91 -13.73 -14.60
N PRO A 223 23.87 -14.53 -15.07
CA PRO A 223 24.90 -15.04 -14.15
C PRO A 223 25.77 -13.96 -13.55
N ASN A 224 26.25 -13.02 -14.36
CA ASN A 224 27.12 -11.94 -13.90
C ASN A 224 26.30 -10.64 -13.95
N GLN A 225 25.74 -10.26 -12.81
CA GLN A 225 24.87 -9.10 -12.75
C GLN A 225 25.63 -7.84 -13.12
N THR A 226 24.94 -6.93 -13.81
CA THR A 226 25.52 -5.65 -14.21
C THR A 226 24.47 -4.57 -14.03
N TRP A 227 24.90 -3.32 -14.19
CA TRP A 227 24.01 -2.17 -14.05
C TRP A 227 24.38 -1.14 -15.11
N PRO A 228 23.44 -0.29 -15.51
CA PRO A 228 23.69 0.61 -16.66
C PRO A 228 24.97 1.42 -16.58
N GLY A 229 25.25 2.04 -15.43
CA GLY A 229 26.46 2.82 -15.30
C GLY A 229 27.72 2.04 -15.62
N ARG A 230 27.71 0.74 -15.33
CA ARG A 230 28.83 -0.15 -15.64
C ARG A 230 28.57 -1.01 -16.87
N VAL A 231 27.76 -0.53 -17.81
CA VAL A 231 27.47 -1.31 -19.01
C VAL A 231 28.70 -1.42 -19.89
N ALA A 232 29.60 -0.43 -19.83
CA ALA A 232 30.79 -0.47 -20.67
C ALA A 232 31.73 -1.59 -20.26
N VAL A 233 31.67 -2.01 -19.00
CA VAL A 233 32.52 -3.11 -18.53
C VAL A 233 31.82 -4.45 -18.66
N ARG A 234 30.53 -4.51 -18.35
CA ARG A 234 29.75 -5.75 -18.42
C ARG A 234 28.46 -5.49 -19.17
N GLN A 235 28.28 -6.20 -20.29
CA GLN A 235 27.03 -6.18 -21.03
C GLN A 235 26.78 -7.57 -21.59
N ASP A 236 25.60 -7.75 -22.19
CA ASP A 236 25.17 -9.05 -22.69
C ASP A 236 25.26 -10.11 -21.60
N THR A 237 24.80 -9.76 -20.41
CA THR A 237 24.91 -10.62 -19.25
C THR A 237 23.72 -11.56 -19.06
N CYS A 238 22.66 -11.41 -19.86
CA CYS A 238 21.47 -12.19 -19.62
C CYS A 238 21.56 -13.55 -20.32
N SER A 239 20.74 -14.48 -19.86
CA SER A 239 20.72 -15.84 -20.38
C SER A 239 19.36 -16.47 -20.09
N ILE A 240 18.99 -17.43 -20.91
CA ILE A 240 17.77 -18.21 -20.71
C ILE A 240 18.12 -19.68 -20.69
N VAL A 241 17.45 -20.43 -19.83
CA VAL A 241 17.63 -21.87 -19.70
C VAL A 241 16.26 -22.53 -19.57
N ALA A 242 15.98 -23.49 -20.42
CA ALA A 242 14.72 -24.24 -20.35
C ALA A 242 14.97 -25.57 -19.65
N ILE A 243 14.03 -25.93 -18.76
CA ILE A 243 14.17 -27.08 -17.88
C ILE A 243 13.01 -28.02 -18.14
N SER A 244 13.31 -29.27 -18.48
CA SER A 244 12.30 -30.30 -18.66
C SER A 244 12.12 -31.02 -17.34
N LEU A 245 10.95 -30.86 -16.73
CA LEU A 245 10.68 -31.38 -15.39
C LEU A 245 9.97 -32.73 -15.50
N ASN A 246 10.61 -33.77 -14.95
CA ASN A 246 9.99 -35.08 -14.79
C ASN A 246 9.67 -35.24 -13.30
N ILE A 247 8.38 -35.13 -12.97
CA ILE A 247 8.01 -35.10 -11.56
C ILE A 247 8.07 -36.48 -10.91
N THR A 248 7.94 -37.55 -11.71
CA THR A 248 7.96 -38.90 -11.13
C THR A 248 9.35 -39.25 -10.63
N GLN A 249 10.39 -38.94 -11.41
CA GLN A 249 11.76 -39.19 -11.02
C GLN A 249 12.47 -37.96 -10.46
N LYS A 250 11.80 -36.81 -10.47
CA LYS A 250 12.38 -35.55 -9.98
C LYS A 250 13.69 -35.23 -10.70
N VAL A 251 13.65 -35.33 -12.03
CA VAL A 251 14.80 -35.08 -12.88
C VAL A 251 14.50 -33.87 -13.76
N HIS A 252 15.43 -32.92 -13.81
CA HIS A 252 15.22 -31.64 -14.49
C HIS A 252 16.45 -31.30 -15.33
N PRO A 253 16.61 -31.92 -16.49
CA PRO A 253 17.72 -31.58 -17.38
C PRO A 253 17.43 -30.33 -18.19
N VAL A 254 18.50 -29.75 -18.74
CA VAL A 254 18.41 -28.57 -19.60
C VAL A 254 18.26 -29.05 -21.04
N ILE A 255 17.12 -28.73 -21.66
CA ILE A 255 16.90 -29.14 -23.04
C ILE A 255 17.60 -28.18 -24.00
N TRP A 256 17.60 -26.89 -23.69
CA TRP A 256 18.33 -25.92 -24.49
C TRP A 256 18.61 -24.68 -23.65
N SER A 257 19.60 -23.92 -24.08
CA SER A 257 20.03 -22.74 -23.35
C SER A 257 20.57 -21.70 -24.33
N LEU A 258 20.59 -20.45 -23.88
CA LEU A 258 21.15 -19.36 -24.65
C LEU A 258 21.85 -18.39 -23.71
N THR A 259 22.99 -17.87 -24.15
CA THR A 259 23.78 -16.93 -23.39
C THR A 259 23.99 -15.66 -24.19
N SER A 260 24.55 -14.65 -23.52
CA SER A 260 24.90 -13.37 -24.13
C SER A 260 23.66 -12.62 -24.64
N LEU A 261 22.52 -12.78 -23.95
CA LEU A 261 21.35 -11.98 -24.25
C LEU A 261 21.50 -10.58 -23.64
N PRO A 262 20.89 -9.57 -24.26
CA PRO A 262 21.08 -8.18 -23.81
C PRO A 262 20.89 -8.02 -22.31
N PHE A 263 21.72 -7.15 -21.73
CA PHE A 263 21.78 -7.02 -20.28
C PHE A 263 20.46 -6.57 -19.68
N ASP A 264 19.66 -5.81 -20.44
CA ASP A 264 18.43 -5.20 -19.93
C ASP A 264 17.20 -6.03 -20.27
N CYS A 265 17.29 -7.35 -20.24
CA CYS A 265 16.12 -8.19 -20.41
C CYS A 265 15.19 -8.04 -19.21
N THR A 266 13.90 -7.84 -19.47
CA THR A 266 12.92 -7.51 -18.44
C THR A 266 11.97 -8.64 -18.11
N GLN A 267 11.47 -9.37 -19.09
CA GLN A 267 10.54 -10.47 -18.81
C GLN A 267 10.49 -11.41 -20.01
N ALA A 268 9.68 -12.46 -19.87
CA ALA A 268 9.50 -13.46 -20.91
C ALA A 268 8.04 -13.88 -20.96
N LEU A 269 7.52 -14.08 -22.16
CA LEU A 269 6.14 -14.47 -22.39
C LEU A 269 6.10 -15.74 -23.21
N ALA A 270 5.36 -16.74 -22.72
CA ALA A 270 5.23 -18.01 -23.42
C ALA A 270 4.22 -17.89 -24.55
N VAL A 271 4.64 -18.28 -25.76
CA VAL A 271 3.77 -18.22 -26.92
C VAL A 271 2.95 -19.51 -27.00
N PRO A 272 1.62 -19.43 -27.09
CA PRO A 272 0.82 -20.65 -27.16
C PRO A 272 0.95 -21.33 -28.51
N LYS A 273 0.35 -22.53 -28.59
CA LYS A 273 0.35 -23.27 -29.84
C LYS A 273 -0.37 -22.47 -30.93
N PRO A 274 -0.01 -22.69 -32.21
CA PRO A 274 0.99 -23.66 -32.69
C PRO A 274 2.39 -23.08 -32.86
N ILE A 275 2.55 -21.77 -32.69
CA ILE A 275 3.87 -21.15 -32.82
C ILE A 275 4.82 -21.70 -31.76
N GLY A 276 4.43 -21.60 -30.49
CA GLY A 276 5.13 -22.29 -29.42
C GLY A 276 6.56 -21.84 -29.19
N GLY A 277 6.81 -20.53 -29.20
CA GLY A 277 8.10 -19.99 -28.88
C GLY A 277 8.09 -19.23 -27.56
N VAL A 278 9.15 -18.45 -27.34
CA VAL A 278 9.23 -17.56 -26.19
C VAL A 278 9.57 -16.17 -26.68
N VAL A 279 8.83 -15.17 -26.21
CA VAL A 279 9.05 -13.78 -26.54
C VAL A 279 9.67 -13.10 -25.32
N VAL A 280 10.90 -12.62 -25.48
CA VAL A 280 11.65 -11.98 -24.42
C VAL A 280 11.60 -10.47 -24.62
N PHE A 281 11.08 -9.77 -23.61
CA PHE A 281 11.14 -8.32 -23.59
C PHE A 281 12.50 -7.87 -23.07
N ALA A 282 13.01 -6.78 -23.62
CA ALA A 282 14.16 -6.09 -23.07
C ALA A 282 13.95 -4.61 -23.30
N VAL A 283 14.53 -3.80 -22.41
CA VAL A 283 14.27 -2.37 -22.35
C VAL A 283 14.27 -1.75 -23.74
N ASN A 284 15.23 -2.13 -24.58
CA ASN A 284 15.34 -1.54 -25.92
C ASN A 284 15.27 -2.58 -27.02
N SER A 285 14.77 -3.79 -26.74
CA SER A 285 14.79 -4.83 -27.77
C SER A 285 13.70 -5.85 -27.50
N LEU A 286 13.37 -6.58 -28.57
CA LEU A 286 12.38 -7.65 -28.53
C LEU A 286 13.00 -8.89 -29.15
N LEU A 287 12.92 -10.03 -28.45
CA LEU A 287 13.52 -11.25 -28.92
C LEU A 287 12.46 -12.34 -29.06
N TYR A 288 12.61 -13.17 -30.10
CA TYR A 288 11.85 -14.41 -30.22
C TYR A 288 12.85 -15.56 -30.25
N LEU A 289 12.67 -16.51 -29.33
CA LEU A 289 13.57 -17.65 -29.20
C LEU A 289 12.76 -18.93 -29.26
N ASN A 290 13.40 -19.99 -29.75
CA ASN A 290 12.80 -21.32 -29.85
C ASN A 290 13.90 -22.31 -30.17
N GLN A 291 13.63 -23.58 -29.89
CA GLN A 291 14.63 -24.62 -30.10
C GLN A 291 14.96 -24.79 -31.57
N SER A 292 13.93 -24.75 -32.43
CA SER A 292 14.11 -25.14 -33.82
C SER A 292 14.83 -24.06 -34.63
N VAL A 293 14.59 -22.80 -34.33
CA VAL A 293 15.09 -21.70 -35.15
C VAL A 293 16.11 -20.90 -34.36
N PRO A 294 17.17 -20.40 -34.98
CA PRO A 294 18.07 -19.46 -34.30
C PRO A 294 17.31 -18.23 -33.84
N PRO A 295 17.84 -17.52 -32.84
CA PRO A 295 17.09 -16.39 -32.26
C PRO A 295 16.81 -15.30 -33.28
N TYR A 296 15.71 -14.58 -33.06
CA TYR A 296 15.32 -13.45 -33.90
C TYR A 296 15.23 -12.20 -33.01
N GLY A 297 16.10 -11.24 -33.24
CA GLY A 297 16.21 -10.07 -32.38
C GLY A 297 15.92 -8.77 -33.12
N VAL A 298 15.19 -7.87 -32.46
CA VAL A 298 14.77 -6.61 -33.04
C VAL A 298 15.09 -5.49 -32.05
N ALA A 299 15.83 -4.49 -32.52
CA ALA A 299 16.06 -3.28 -31.74
C ALA A 299 14.87 -2.34 -31.86
N LEU A 300 14.45 -1.77 -30.74
CA LEU A 300 13.27 -0.93 -30.70
C LEU A 300 13.57 0.56 -30.68
N ASN A 301 14.81 0.94 -30.38
CA ASN A 301 15.21 2.35 -30.37
C ASN A 301 16.70 2.44 -30.62
N SER A 302 17.25 3.65 -30.52
CA SER A 302 18.66 3.88 -30.80
C SER A 302 19.56 3.49 -29.63
N LEU A 303 19.04 3.52 -28.40
CA LEU A 303 19.84 3.24 -27.23
C LEU A 303 20.46 1.85 -27.24
N THR A 304 20.02 0.96 -28.13
CA THR A 304 20.64 -0.35 -28.25
C THR A 304 22.06 -0.28 -28.80
N THR A 305 22.43 0.84 -29.44
CA THR A 305 23.76 0.95 -30.02
C THR A 305 24.81 1.10 -28.93
N GLY A 306 25.84 0.26 -28.99
CA GLY A 306 26.92 0.29 -28.01
C GLY A 306 26.64 -0.40 -26.70
N THR A 307 25.46 -1.00 -26.53
CA THR A 307 25.10 -1.67 -25.29
C THR A 307 24.89 -3.17 -25.44
N THR A 308 24.60 -3.66 -26.64
CA THR A 308 24.37 -5.08 -26.87
C THR A 308 25.12 -5.52 -28.12
N ALA A 309 25.94 -6.56 -27.99
CA ALA A 309 26.57 -7.18 -29.15
C ALA A 309 25.65 -8.20 -29.81
N PHE A 310 24.45 -8.40 -29.30
CA PHE A 310 23.51 -9.34 -29.89
C PHE A 310 23.03 -8.79 -31.24
N PRO A 311 22.98 -9.63 -32.28
CA PRO A 311 22.51 -9.16 -33.59
C PRO A 311 21.03 -8.79 -33.57
N LEU A 312 20.73 -7.51 -33.78
CA LEU A 312 19.37 -6.99 -33.68
C LEU A 312 19.05 -6.20 -34.94
N ARG A 313 18.05 -6.65 -35.69
CA ARG A 313 17.55 -5.88 -36.82
C ARG A 313 16.67 -4.74 -36.35
N THR A 314 16.65 -3.66 -37.10
CA THR A 314 15.96 -2.45 -36.70
C THR A 314 14.51 -2.47 -37.19
N GLN A 315 13.57 -2.34 -36.25
CA GLN A 315 12.16 -2.17 -36.61
C GLN A 315 11.94 -0.70 -36.99
N GLU A 316 11.39 -0.48 -38.18
CA GLU A 316 11.43 0.86 -38.77
C GLU A 316 10.45 1.81 -38.09
N GLY A 317 9.18 1.43 -38.01
CA GLY A 317 8.16 2.36 -37.55
C GLY A 317 7.87 2.34 -36.07
N VAL A 318 8.84 1.92 -35.25
CA VAL A 318 8.64 1.74 -33.82
C VAL A 318 9.78 2.43 -33.08
N ARG A 319 9.47 3.06 -31.95
CA ARG A 319 10.44 3.82 -31.15
C ARG A 319 9.89 3.91 -29.72
N ILE A 320 10.04 2.82 -28.95
CA ILE A 320 9.51 2.72 -27.60
C ILE A 320 10.46 1.87 -26.76
N THR A 321 10.05 1.63 -25.51
CA THR A 321 10.75 0.75 -24.57
C THR A 321 9.74 -0.21 -23.98
N LEU A 322 10.23 -1.38 -23.56
CA LEU A 322 9.38 -2.43 -23.02
C LEU A 322 9.58 -2.65 -21.53
N ASP A 323 10.32 -1.77 -20.85
CA ASP A 323 10.50 -1.90 -19.41
C ASP A 323 9.22 -1.50 -18.68
N CYS A 324 8.89 -2.27 -17.64
CA CYS A 324 7.69 -2.05 -16.84
C CYS A 324 6.42 -2.11 -17.68
N ALA A 325 6.45 -2.87 -18.77
CA ALA A 325 5.31 -3.04 -19.65
C ALA A 325 4.61 -4.36 -19.35
N GLN A 326 3.32 -4.41 -19.67
CA GLN A 326 2.52 -5.62 -19.56
C GLN A 326 2.09 -6.06 -20.96
N ALA A 327 1.78 -7.35 -21.08
CA ALA A 327 1.42 -7.88 -22.39
C ALA A 327 0.65 -9.18 -22.22
N THR A 328 -0.38 -9.37 -23.05
CA THR A 328 -1.13 -10.62 -23.08
C THR A 328 -1.50 -10.98 -24.51
N PHE A 329 -1.57 -12.28 -24.78
CA PHE A 329 -1.97 -12.77 -26.08
C PHE A 329 -3.48 -12.66 -26.25
N ILE A 330 -3.92 -11.94 -27.28
CA ILE A 330 -5.34 -11.97 -27.64
C ILE A 330 -5.65 -13.14 -28.56
N SER A 331 -4.65 -13.68 -29.23
CA SER A 331 -4.78 -14.88 -30.05
C SER A 331 -3.41 -15.53 -30.13
N TYR A 332 -3.30 -16.56 -30.97
CA TYR A 332 -2.01 -17.22 -31.15
C TYR A 332 -1.01 -16.32 -31.87
N ASP A 333 -1.50 -15.39 -32.68
CA ASP A 333 -0.66 -14.62 -33.59
C ASP A 333 -0.37 -13.22 -33.11
N LYS A 334 -1.23 -12.64 -32.28
CA LYS A 334 -1.10 -11.25 -31.86
C LYS A 334 -1.18 -11.16 -30.35
N MET A 335 -0.40 -10.25 -29.78
CA MET A 335 -0.48 -9.93 -28.37
C MET A 335 -0.46 -8.42 -28.17
N VAL A 336 -1.24 -7.95 -27.20
CA VAL A 336 -1.36 -6.53 -26.91
C VAL A 336 -0.42 -6.20 -25.76
N ILE A 337 0.22 -5.02 -25.85
CA ILE A 337 1.23 -4.57 -24.91
C ILE A 337 0.85 -3.19 -24.42
N SER A 338 0.76 -3.04 -23.10
CA SER A 338 0.60 -1.74 -22.46
C SER A 338 1.96 -1.30 -21.92
N LEU A 339 2.45 -0.17 -22.43
CA LEU A 339 3.81 0.27 -22.14
C LEU A 339 3.86 1.01 -20.80
N LYS A 340 5.06 1.51 -20.48
CA LYS A 340 5.26 2.25 -19.24
C LYS A 340 4.41 3.51 -19.19
N GLY A 341 4.23 4.17 -20.33
CA GLY A 341 3.47 5.40 -20.40
C GLY A 341 2.01 5.25 -20.78
N GLY A 342 1.48 4.03 -20.79
CA GLY A 342 0.09 3.81 -21.12
C GLY A 342 -0.20 3.52 -22.57
N GLU A 343 0.81 3.59 -23.44
CA GLU A 343 0.59 3.29 -24.85
C GLU A 343 0.22 1.83 -25.03
N ILE A 344 -0.84 1.59 -25.81
CA ILE A 344 -1.32 0.25 -26.10
C ILE A 344 -0.96 -0.06 -27.55
N TYR A 345 -0.03 -0.99 -27.73
CA TYR A 345 0.40 -1.48 -29.02
C TYR A 345 -0.12 -2.91 -29.23
N VAL A 346 -0.17 -3.31 -30.49
CA VAL A 346 -0.55 -4.68 -30.88
C VAL A 346 0.58 -5.26 -31.72
N LEU A 347 1.13 -6.38 -31.29
CA LEU A 347 2.24 -7.03 -31.97
C LEU A 347 1.75 -8.30 -32.65
N THR A 348 2.09 -8.43 -33.94
CA THR A 348 1.72 -9.59 -34.74
C THR A 348 2.99 -10.33 -35.16
N LEU A 349 2.94 -11.66 -35.07
CA LEU A 349 4.06 -12.51 -35.47
C LEU A 349 3.85 -13.01 -36.89
N ILE A 350 4.85 -12.77 -37.74
CA ILE A 350 4.81 -13.21 -39.13
C ILE A 350 5.52 -14.56 -39.22
N THR A 351 4.85 -15.54 -39.83
CA THR A 351 5.34 -16.91 -39.85
C THR A 351 5.36 -17.45 -41.28
N ASP A 352 6.18 -18.48 -41.48
CA ASP A 352 6.19 -19.22 -42.74
C ASP A 352 5.04 -20.21 -42.78
N GLY A 353 5.13 -21.21 -43.67
CA GLY A 353 4.15 -22.28 -43.66
C GLY A 353 4.31 -23.22 -42.48
N MET A 354 5.52 -23.30 -41.92
CA MET A 354 5.82 -24.14 -40.77
C MET A 354 5.86 -23.34 -39.47
N ARG A 355 5.31 -22.12 -39.48
CA ARG A 355 5.17 -21.29 -38.28
C ARG A 355 6.54 -20.95 -37.68
N SER A 356 7.27 -20.12 -38.42
CA SER A 356 8.58 -19.63 -37.99
C SER A 356 8.55 -18.11 -38.04
N VAL A 357 8.75 -17.48 -36.88
CA VAL A 357 8.66 -16.03 -36.76
C VAL A 357 9.71 -15.36 -37.65
N ARG A 358 9.26 -14.79 -38.78
CA ARG A 358 10.15 -14.09 -39.69
C ARG A 358 10.34 -12.62 -39.33
N ALA A 359 9.28 -11.95 -38.89
CA ALA A 359 9.35 -10.53 -38.59
C ALA A 359 8.30 -10.16 -37.56
N PHE A 360 8.46 -8.97 -36.98
CA PHE A 360 7.53 -8.41 -36.02
C PHE A 360 6.78 -7.24 -36.65
N HIS A 361 5.52 -7.09 -36.28
CA HIS A 361 4.70 -5.96 -36.71
C HIS A 361 4.06 -5.32 -35.49
N PHE A 362 4.42 -4.08 -35.23
CA PHE A 362 3.81 -3.29 -34.16
C PHE A 362 2.80 -2.32 -34.75
N ASP A 363 1.85 -1.90 -33.91
CA ASP A 363 0.85 -0.92 -34.32
C ASP A 363 0.41 -0.17 -33.08
N LYS A 364 0.64 1.15 -33.06
CA LYS A 364 0.19 1.98 -31.97
C LYS A 364 -1.33 2.01 -31.94
N ALA A 365 -1.93 1.09 -31.18
CA ALA A 365 -3.38 0.92 -31.21
C ALA A 365 -4.09 2.07 -30.51
N ALA A 366 -3.73 2.34 -29.26
CA ALA A 366 -4.45 3.36 -28.49
C ALA A 366 -3.60 3.80 -27.31
N ALA A 367 -4.23 4.47 -26.35
CA ALA A 367 -3.60 4.91 -25.12
C ALA A 367 -4.60 4.73 -23.98
N SER A 368 -4.13 4.19 -22.87
CA SER A 368 -5.02 3.88 -21.76
C SER A 368 -4.27 4.10 -20.45
N VAL A 369 -4.73 3.44 -19.38
CA VAL A 369 -4.20 3.69 -18.05
C VAL A 369 -2.85 2.98 -17.89
N LEU A 370 -2.12 3.40 -16.86
CA LEU A 370 -0.86 2.76 -16.48
C LEU A 370 -1.18 1.40 -15.87
N THR A 371 -1.01 0.34 -16.66
CA THR A 371 -1.48 -0.98 -16.26
C THR A 371 -0.45 -1.68 -15.39
N THR A 372 -0.90 -2.17 -14.23
CA THR A 372 -0.10 -3.09 -13.42
C THR A 372 -0.41 -4.54 -13.75
N SER A 373 -1.54 -4.82 -14.40
CA SER A 373 -1.92 -6.17 -14.79
C SER A 373 -2.80 -6.09 -16.01
N MET A 374 -3.00 -7.24 -16.66
CA MET A 374 -3.71 -7.27 -17.92
C MET A 374 -4.09 -8.71 -18.23
N VAL A 375 -5.29 -8.89 -18.80
CA VAL A 375 -5.76 -10.24 -19.10
C VAL A 375 -6.86 -10.16 -20.16
N THR A 376 -6.93 -11.17 -21.01
CA THR A 376 -8.00 -11.28 -21.98
C THR A 376 -9.17 -12.05 -21.39
N MET A 377 -10.37 -11.58 -21.68
CA MET A 377 -11.60 -12.21 -21.19
C MET A 377 -12.30 -12.88 -22.39
N GLU A 378 -13.60 -12.67 -22.61
CA GLU A 378 -14.25 -13.21 -23.78
C GLU A 378 -13.68 -12.56 -25.04
N PRO A 379 -13.83 -13.20 -26.20
CA PRO A 379 -13.26 -12.65 -27.44
C PRO A 379 -13.68 -11.22 -27.68
N GLY A 380 -12.70 -10.34 -27.87
CA GLY A 380 -12.94 -8.94 -28.09
C GLY A 380 -12.93 -8.09 -26.83
N TYR A 381 -12.67 -8.66 -25.67
CA TYR A 381 -12.66 -7.94 -24.41
C TYR A 381 -11.32 -8.14 -23.71
N LEU A 382 -10.77 -7.05 -23.18
CA LEU A 382 -9.46 -7.05 -22.54
C LEU A 382 -9.51 -6.18 -21.29
N PHE A 383 -9.07 -6.74 -20.17
CA PHE A 383 -9.07 -6.02 -18.91
C PHE A 383 -7.67 -5.53 -18.59
N LEU A 384 -7.56 -4.23 -18.26
CA LEU A 384 -6.34 -3.59 -17.83
C LEU A 384 -6.50 -3.22 -16.36
N GLY A 385 -5.86 -3.97 -15.48
CA GLY A 385 -5.88 -3.68 -14.06
C GLY A 385 -4.78 -2.70 -13.70
N SER A 386 -5.12 -1.75 -12.84
CA SER A 386 -4.21 -0.67 -12.50
C SER A 386 -4.31 -0.35 -11.02
N ARG A 387 -3.16 0.01 -10.43
CA ARG A 387 -3.11 0.59 -9.10
C ARG A 387 -2.77 2.08 -9.13
N LEU A 388 -2.29 2.58 -10.26
CA LEU A 388 -1.99 4.00 -10.44
C LEU A 388 -3.14 4.77 -11.06
N GLY A 389 -4.20 4.08 -11.49
CA GLY A 389 -5.37 4.73 -12.04
C GLY A 389 -6.60 3.86 -11.89
N ASN A 390 -7.68 4.24 -12.56
CA ASN A 390 -8.88 3.42 -12.56
C ASN A 390 -8.73 2.27 -13.54
N SER A 391 -8.92 1.04 -13.05
CA SER A 391 -8.84 -0.12 -13.93
C SER A 391 -9.92 -0.05 -14.99
N LEU A 392 -9.64 -0.60 -16.16
CA LEU A 392 -10.50 -0.42 -17.32
C LEU A 392 -10.81 -1.75 -18.00
N LEU A 393 -12.07 -1.95 -18.35
CA LEU A 393 -12.47 -2.96 -19.30
C LEU A 393 -12.53 -2.32 -20.68
N LEU A 394 -11.86 -2.93 -21.65
CA LEU A 394 -11.85 -2.45 -23.01
C LEU A 394 -12.45 -3.50 -23.93
N LYS A 395 -13.05 -3.03 -25.01
CA LYS A 395 -13.50 -3.88 -26.11
C LYS A 395 -12.72 -3.46 -27.35
N TYR A 396 -12.04 -4.40 -27.97
CA TYR A 396 -11.25 -4.14 -29.16
C TYR A 396 -11.92 -4.81 -30.36
N THR A 397 -12.06 -4.06 -31.44
CA THR A 397 -12.62 -4.57 -32.69
C THR A 397 -11.65 -4.31 -33.83
N GLU A 398 -11.56 -5.25 -34.75
CA GLU A 398 -10.57 -5.19 -35.81
C GLU A 398 -11.03 -4.27 -36.94
N LYS A 399 -10.14 -3.41 -37.39
CA LYS A 399 -10.41 -2.46 -38.48
C LYS A 399 -11.69 -1.65 -38.25
N LEU A 458 -1.21 -6.91 -40.28
CA LEU A 458 -2.02 -6.57 -41.44
C LEU A 458 -3.42 -6.13 -41.03
N ALA A 459 -3.79 -6.44 -39.79
CA ALA A 459 -5.10 -6.11 -39.24
C ALA A 459 -4.92 -5.30 -37.97
N THR A 460 -5.42 -4.06 -37.98
CA THR A 460 -5.35 -3.19 -36.82
C THR A 460 -6.62 -3.31 -35.99
N TYR A 461 -6.51 -2.92 -34.72
CA TYR A 461 -7.61 -3.04 -33.77
C TYR A 461 -7.84 -1.70 -33.09
N SER A 462 -9.10 -1.27 -33.06
CA SER A 462 -9.51 -0.09 -32.32
C SER A 462 -10.04 -0.51 -30.94
N PHE A 463 -9.61 0.21 -29.91
CA PHE A 463 -9.96 -0.08 -28.54
C PHE A 463 -10.97 0.94 -28.03
N GLU A 464 -11.96 0.47 -27.27
CA GLU A 464 -13.03 1.30 -26.76
C GLU A 464 -13.23 0.99 -25.28
N VAL A 465 -13.30 2.02 -24.45
CA VAL A 465 -13.49 1.85 -23.01
C VAL A 465 -14.95 1.50 -22.74
N CYS A 466 -15.18 0.33 -22.13
CA CYS A 466 -16.52 -0.11 -21.78
C CYS A 466 -16.86 0.15 -20.31
N ASP A 467 -15.93 -0.07 -19.40
CA ASP A 467 -16.21 0.09 -17.98
C ASP A 467 -14.93 0.49 -17.25
N SER A 468 -15.10 0.99 -16.03
CA SER A 468 -13.99 1.43 -15.20
C SER A 468 -14.24 1.06 -13.75
N ILE A 469 -13.16 0.77 -13.04
CA ILE A 469 -13.20 0.48 -11.61
C ILE A 469 -12.44 1.58 -10.90
N LEU A 470 -13.14 2.32 -10.03
CA LEU A 470 -12.54 3.48 -9.37
C LEU A 470 -11.39 3.06 -8.47
N ASN A 471 -10.40 3.94 -8.37
CA ASN A 471 -9.22 3.72 -7.53
C ASN A 471 -8.72 5.07 -7.05
N ILE A 472 -8.66 5.25 -5.72
CA ILE A 472 -8.18 6.49 -5.13
C ILE A 472 -6.70 6.40 -4.76
N GLY A 473 -5.99 5.38 -5.23
CA GLY A 473 -4.61 5.19 -4.89
C GLY A 473 -3.68 5.36 -6.06
N PRO A 474 -2.39 5.56 -5.79
CA PRO A 474 -1.84 5.71 -4.44
C PRO A 474 -2.13 7.08 -3.82
N CYS A 475 -2.31 7.10 -2.50
CA CYS A 475 -2.62 8.34 -1.77
C CYS A 475 -1.30 8.98 -1.35
N ALA A 476 -0.80 9.89 -2.20
CA ALA A 476 0.50 10.49 -1.95
C ALA A 476 0.44 11.48 -0.79
N ASN A 477 -0.65 12.24 -0.69
CA ASN A 477 -0.77 13.27 0.34
C ASN A 477 -2.25 13.56 0.54
N ALA A 478 -2.61 13.95 1.77
CA ALA A 478 -4.01 14.14 2.11
C ALA A 478 -4.19 15.42 2.92
N ALA A 479 -5.29 16.13 2.64
CA ALA A 479 -5.68 17.31 3.39
C ALA A 479 -7.15 17.17 3.79
N VAL A 480 -7.51 17.80 4.89
CA VAL A 480 -8.87 17.77 5.40
C VAL A 480 -9.42 19.19 5.41
N GLY A 481 -10.60 19.37 4.83
CA GLY A 481 -11.22 20.68 4.74
C GLY A 481 -12.71 20.60 4.95
N GLU A 482 -13.35 21.77 4.90
CA GLU A 482 -14.80 21.82 5.05
C GLU A 482 -15.44 21.89 3.67
N PRO A 483 -16.48 21.09 3.41
CA PRO A 483 -17.16 21.16 2.11
C PRO A 483 -17.75 22.54 1.86
N ALA A 484 -17.78 22.91 0.58
CA ALA A 484 -18.25 24.25 0.22
C ALA A 484 -19.76 24.38 0.39
N PHE A 485 -20.51 23.33 0.07
CA PHE A 485 -21.97 23.36 0.11
C PHE A 485 -22.46 22.46 1.24
N LEU A 486 -23.33 23.02 2.09
CA LEU A 486 -23.99 22.25 3.14
C LEU A 486 -25.36 22.86 3.37
N SER A 487 -26.38 22.01 3.47
CA SER A 487 -27.74 22.50 3.65
C SER A 487 -27.86 23.30 4.93
N GLU A 488 -28.60 24.41 4.86
CA GLU A 488 -28.71 25.33 5.98
C GLU A 488 -29.21 24.63 7.24
N GLU A 489 -30.18 23.73 7.08
CA GLU A 489 -30.74 23.00 8.21
C GLU A 489 -29.68 22.26 9.02
N PHE A 490 -28.51 21.99 8.44
CA PHE A 490 -27.45 21.28 9.13
C PHE A 490 -26.33 22.18 9.62
N GLN A 491 -26.33 23.46 9.24
CA GLN A 491 -25.31 24.36 9.74
C GLN A 491 -25.49 24.60 11.24
N ASN A 492 -24.42 25.07 11.87
CA ASN A 492 -24.33 25.22 13.33
C ASN A 492 -24.44 23.87 14.05
N SER A 493 -24.16 22.77 13.35
CA SER A 493 -24.15 21.46 13.99
C SER A 493 -22.98 21.38 14.96
N PRO A 494 -23.14 20.65 16.08
CA PRO A 494 -22.03 20.55 17.04
C PRO A 494 -20.79 19.89 16.46
N GLU A 495 -20.97 18.90 15.58
CA GLU A 495 -19.81 18.24 14.97
C GLU A 495 -19.41 18.97 13.68
N PRO A 496 -18.11 19.05 13.40
CA PRO A 496 -17.67 19.75 12.19
C PRO A 496 -17.93 18.92 10.94
N ASP A 497 -18.29 19.62 9.86
CA ASP A 497 -18.51 18.99 8.57
C ASP A 497 -17.16 18.89 7.85
N LEU A 498 -16.66 17.68 7.68
CA LEU A 498 -15.31 17.46 7.17
C LEU A 498 -15.35 16.70 5.85
N GLU A 499 -14.25 16.81 5.11
CA GLU A 499 -14.12 16.29 3.75
C GLU A 499 -12.64 16.07 3.49
N ILE A 500 -12.31 14.97 2.81
CA ILE A 500 -10.92 14.59 2.58
C ILE A 500 -10.58 14.83 1.12
N VAL A 501 -9.41 15.41 0.88
CA VAL A 501 -8.89 15.64 -0.48
C VAL A 501 -7.53 14.99 -0.58
N VAL A 502 -7.39 14.06 -1.52
CA VAL A 502 -6.21 13.20 -1.61
C VAL A 502 -5.59 13.34 -2.98
N CYS A 503 -4.25 13.45 -3.01
CA CYS A 503 -3.50 13.29 -4.25
C CYS A 503 -3.47 11.81 -4.62
N SER A 504 -4.18 11.44 -5.69
CA SER A 504 -4.36 10.05 -6.06
C SER A 504 -3.72 9.78 -7.43
N GLY A 505 -3.29 8.53 -7.63
CA GLY A 505 -2.81 8.12 -8.92
C GLY A 505 -1.39 8.59 -9.21
N HIS A 506 -1.08 8.70 -10.51
CA HIS A 506 0.23 9.12 -10.97
C HIS A 506 0.16 9.40 -12.46
N GLY A 507 1.05 10.29 -12.92
CA GLY A 507 1.23 10.51 -14.34
C GLY A 507 -0.04 10.99 -15.01
N LYS A 508 -0.34 10.40 -16.17
CA LYS A 508 -1.57 10.76 -16.89
C LYS A 508 -2.82 10.40 -16.09
N ASN A 509 -2.72 9.44 -15.18
CA ASN A 509 -3.84 9.07 -14.33
C ASN A 509 -3.84 9.78 -12.99
N GLY A 510 -3.03 10.83 -12.84
CA GLY A 510 -3.05 11.60 -11.62
C GLY A 510 -4.35 12.35 -11.46
N ALA A 511 -4.79 12.49 -10.21
CA ALA A 511 -6.08 13.11 -9.94
C ALA A 511 -6.13 13.52 -8.47
N LEU A 512 -7.22 14.20 -8.13
CA LEU A 512 -7.60 14.46 -6.75
C LEU A 512 -8.85 13.64 -6.43
N SER A 513 -8.85 13.01 -5.26
CA SER A 513 -9.99 12.24 -4.80
C SER A 513 -10.61 12.99 -3.62
N VAL A 514 -11.87 13.38 -3.78
CA VAL A 514 -12.64 14.06 -2.73
C VAL A 514 -13.53 13.00 -2.08
N LEU A 515 -13.19 12.62 -0.85
CA LEU A 515 -13.87 11.57 -0.13
C LEU A 515 -14.75 12.15 0.99
N GLN A 516 -15.97 11.63 1.07
CA GLN A 516 -16.89 11.86 2.18
C GLN A 516 -17.52 10.54 2.54
N LYS A 517 -17.41 10.14 3.81
CA LYS A 517 -18.01 8.87 4.21
C LYS A 517 -19.51 8.99 4.39
N SER A 518 -19.98 10.07 4.98
CA SER A 518 -21.40 10.24 5.27
C SER A 518 -22.13 10.82 4.06
N ILE A 519 -23.41 10.48 3.97
CA ILE A 519 -24.28 11.08 2.96
C ILE A 519 -24.84 12.39 3.50
N ARG A 520 -24.69 13.46 2.73
CA ARG A 520 -25.32 14.71 3.09
C ARG A 520 -26.60 14.89 2.29
N PRO A 521 -27.75 15.13 2.92
CA PRO A 521 -28.96 15.39 2.14
C PRO A 521 -29.00 16.84 1.68
N GLN A 522 -29.21 17.04 0.37
CA GLN A 522 -29.38 18.38 -0.18
C GLN A 522 -30.84 18.75 -0.04
N VAL A 523 -31.16 19.43 1.06
CA VAL A 523 -32.55 19.70 1.41
C VAL A 523 -33.11 20.78 0.49
N VAL A 524 -34.10 20.40 -0.33
CA VAL A 524 -34.82 21.40 -1.11
C VAL A 524 -35.75 22.20 -0.21
N THR A 525 -36.53 21.51 0.63
CA THR A 525 -37.39 22.25 1.54
C THR A 525 -37.76 21.37 2.74
N THR A 526 -38.36 22.00 3.74
CA THR A 526 -38.67 21.33 5.01
C THR A 526 -40.04 21.76 5.48
N PHE A 527 -40.93 20.79 5.68
CA PHE A 527 -42.24 21.01 6.27
C PHE A 527 -42.25 20.46 7.69
N GLU A 528 -42.83 21.20 8.62
CA GLU A 528 -42.97 20.73 9.99
C GLU A 528 -44.41 20.27 10.21
N LEU A 529 -44.60 18.97 10.34
CA LEU A 529 -45.93 18.36 10.43
C LEU A 529 -46.07 17.63 11.76
N PRO A 530 -46.88 18.11 12.69
CA PRO A 530 -47.03 17.43 13.97
C PRO A 530 -47.99 16.26 13.90
N GLY A 531 -47.60 15.16 14.55
CA GLY A 531 -48.42 13.97 14.64
C GLY A 531 -48.08 12.88 13.64
N CYS A 532 -47.47 13.24 12.51
CA CYS A 532 -47.14 12.24 11.49
C CYS A 532 -46.00 11.36 11.97
N TYR A 533 -46.25 10.04 12.02
CA TYR A 533 -45.22 9.09 12.39
C TYR A 533 -44.82 8.14 11.27
N ASP A 534 -45.64 8.00 10.22
CA ASP A 534 -45.32 7.13 9.11
C ASP A 534 -45.79 7.77 7.81
N MET A 535 -45.20 7.33 6.71
CA MET A 535 -45.37 7.97 5.42
C MET A 535 -45.32 6.94 4.30
N TRP A 536 -45.97 7.28 3.19
CA TRP A 536 -45.90 6.49 1.97
C TRP A 536 -46.02 7.43 0.78
N THR A 537 -45.36 7.07 -0.32
CA THR A 537 -45.38 7.87 -1.54
C THR A 537 -45.90 7.01 -2.67
N VAL A 538 -46.87 7.54 -3.42
CA VAL A 538 -47.61 6.75 -4.40
C VAL A 538 -47.68 7.51 -5.72
N ILE A 539 -47.50 6.78 -6.82
CA ILE A 539 -47.56 7.36 -8.16
C ILE A 539 -49.02 7.48 -8.59
N ALA A 540 -49.41 8.68 -9.04
CA ALA A 540 -50.74 8.83 -9.59
C ALA A 540 -50.70 8.69 -11.11
N PRO A 541 -51.74 8.11 -11.72
CA PRO A 541 -51.79 7.94 -13.17
C PRO A 541 -52.19 9.23 -13.90
N GLY A 569 -41.68 9.23 -16.81
CA GLY A 569 -42.95 8.54 -16.92
C GLY A 569 -43.60 8.25 -15.59
N ARG A 570 -42.78 7.99 -14.57
CA ARG A 570 -43.26 7.64 -13.24
C ARG A 570 -42.93 8.81 -12.30
N ARG A 571 -43.92 9.65 -12.05
CA ARG A 571 -43.81 10.74 -11.08
C ARG A 571 -44.82 10.52 -9.96
N HIS A 572 -44.35 10.65 -8.73
CA HIS A 572 -45.22 10.42 -7.58
C HIS A 572 -46.36 11.43 -7.55
N GLY A 573 -47.56 10.93 -7.26
CA GLY A 573 -48.74 11.78 -7.26
C GLY A 573 -49.22 12.17 -5.88
N PHE A 574 -49.09 11.26 -4.92
CA PHE A 574 -49.63 11.51 -3.58
C PHE A 574 -48.61 11.13 -2.51
N LEU A 575 -48.61 11.92 -1.44
CA LEU A 575 -47.87 11.63 -0.22
C LEU A 575 -48.89 11.40 0.89
N ILE A 576 -48.91 10.20 1.44
CA ILE A 576 -49.90 9.79 2.43
C ILE A 576 -49.19 9.63 3.77
N LEU A 577 -49.53 10.49 4.72
CA LEU A 577 -48.97 10.46 6.06
C LEU A 577 -50.00 9.92 7.04
N SER A 578 -49.52 9.22 8.06
CA SER A 578 -50.39 8.59 9.04
C SER A 578 -50.19 9.21 10.41
N ARG A 579 -51.27 9.30 11.18
CA ARG A 579 -51.25 9.79 12.55
C ARG A 579 -52.19 8.92 13.37
N GLU A 580 -51.89 8.82 14.67
CA GLU A 580 -52.61 7.91 15.56
C GLU A 580 -54.12 7.99 15.40
N ASP A 581 -54.64 9.16 14.98
CA ASP A 581 -56.08 9.36 14.89
C ASP A 581 -56.56 9.73 13.49
N SER A 582 -55.68 9.86 12.50
CA SER A 582 -56.12 10.34 11.19
C SER A 582 -55.04 10.06 10.15
N THR A 583 -55.22 10.61 8.96
CA THR A 583 -54.21 10.54 7.92
C THR A 583 -54.33 11.80 7.06
N MET A 584 -53.24 12.10 6.35
CA MET A 584 -53.14 13.32 5.56
C MET A 584 -52.69 12.96 4.15
N ILE A 585 -53.36 13.53 3.15
CA ILE A 585 -53.10 13.25 1.75
C ILE A 585 -52.59 14.52 1.09
N LEU A 586 -51.45 14.43 0.41
CA LEU A 586 -50.81 15.57 -0.20
C LEU A 586 -50.67 15.35 -1.71
N GLN A 587 -51.32 16.19 -2.49
CA GLN A 587 -51.09 16.26 -3.92
C GLN A 587 -49.67 16.73 -4.21
N THR A 588 -48.98 16.03 -5.10
CA THR A 588 -47.59 16.30 -5.46
C THR A 588 -47.55 16.79 -6.91
N GLY A 589 -47.20 18.05 -7.10
CA GLY A 589 -47.06 18.62 -8.43
C GLY A 589 -46.07 19.77 -8.40
N GLN A 590 -46.40 20.85 -9.11
CA GLN A 590 -45.60 22.07 -8.98
C GLN A 590 -45.61 22.57 -7.54
N GLU A 591 -46.68 22.28 -6.80
CA GLU A 591 -46.76 22.54 -5.38
C GLU A 591 -47.30 21.30 -4.68
N ILE A 592 -46.96 21.16 -3.41
CA ILE A 592 -47.45 20.05 -2.59
C ILE A 592 -48.57 20.60 -1.72
N MET A 593 -49.81 20.18 -2.01
CA MET A 593 -50.99 20.76 -1.39
C MET A 593 -51.83 19.70 -0.69
N GLU A 594 -52.30 20.01 0.51
CA GLU A 594 -53.13 19.06 1.24
C GLU A 594 -54.43 18.80 0.50
N LEU A 595 -54.88 17.55 0.53
CA LEU A 595 -56.06 17.10 -0.21
C LEU A 595 -57.08 16.60 0.80
N ASP A 596 -58.03 17.46 1.18
CA ASP A 596 -59.08 17.10 2.11
C ASP A 596 -60.31 16.54 1.41
N THR A 597 -60.56 16.91 0.16
CA THR A 597 -61.79 16.55 -0.52
C THR A 597 -61.75 15.16 -1.14
N SER A 598 -60.57 14.57 -1.30
CA SER A 598 -60.44 13.31 -2.02
C SER A 598 -61.19 12.18 -1.33
N GLY A 599 -61.32 11.07 -2.03
CA GLY A 599 -62.00 9.89 -1.51
C GLY A 599 -61.07 8.95 -0.78
N PHE A 600 -60.03 9.50 -0.16
CA PHE A 600 -59.14 8.70 0.68
C PHE A 600 -59.77 8.47 2.05
N ALA A 601 -59.11 7.62 2.84
CA ALA A 601 -59.56 7.34 4.21
C ALA A 601 -58.91 8.34 5.17
N THR A 602 -59.31 9.60 5.02
CA THR A 602 -58.72 10.67 5.83
C THR A 602 -58.94 10.45 7.32
N GLN A 603 -60.08 9.88 7.70
CA GLN A 603 -60.35 9.59 9.09
C GLN A 603 -59.71 8.26 9.49
N GLY A 604 -59.10 8.23 10.67
CA GLY A 604 -58.42 7.05 11.16
C GLY A 604 -57.03 6.91 10.59
N PRO A 605 -56.17 6.16 11.28
CA PRO A 605 -54.80 6.00 10.81
C PRO A 605 -54.73 5.11 9.58
N THR A 606 -53.61 5.20 8.87
CA THR A 606 -53.33 4.39 7.69
C THR A 606 -52.13 3.52 7.99
N VAL A 607 -52.28 2.20 7.84
CA VAL A 607 -51.18 1.29 8.13
C VAL A 607 -50.33 0.98 6.91
N PHE A 608 -50.85 1.16 5.69
CA PHE A 608 -50.01 0.99 4.51
C PHE A 608 -50.63 1.72 3.33
N ALA A 609 -49.78 2.04 2.35
CA ALA A 609 -50.23 2.64 1.11
C ALA A 609 -49.24 2.30 0.01
N GLY A 610 -49.74 1.72 -1.08
CA GLY A 610 -48.87 1.29 -2.17
C GLY A 610 -49.51 1.32 -3.54
N ASN A 611 -48.80 0.77 -4.53
CA ASN A 611 -49.28 0.75 -5.92
C ASN A 611 -49.48 -0.69 -6.37
N ILE A 612 -50.55 -0.91 -7.14
CA ILE A 612 -50.89 -2.20 -7.72
C ILE A 612 -51.23 -1.98 -9.19
N GLY A 613 -51.12 -3.04 -9.98
CA GLY A 613 -51.45 -2.97 -11.39
C GLY A 613 -50.45 -2.18 -12.20
N ASP A 614 -49.17 -2.29 -11.87
CA ASP A 614 -48.10 -1.55 -12.55
C ASP A 614 -48.36 -0.04 -12.49
N ASN A 615 -48.55 0.45 -11.26
CA ASN A 615 -48.73 1.87 -10.96
C ASN A 615 -49.98 2.46 -11.60
N ARG A 616 -50.96 1.63 -11.94
CA ARG A 616 -52.25 2.13 -12.41
C ARG A 616 -53.22 2.35 -11.26
N TYR A 617 -53.23 1.45 -10.29
CA TYR A 617 -54.14 1.50 -9.16
C TYR A 617 -53.35 1.73 -7.87
N ILE A 618 -53.98 2.37 -6.89
CA ILE A 618 -53.34 2.63 -5.62
C ILE A 618 -54.17 2.00 -4.51
N VAL A 619 -53.50 1.62 -3.43
CA VAL A 619 -54.11 0.86 -2.35
C VAL A 619 -53.77 1.53 -1.02
N GLN A 620 -54.77 1.64 -0.15
CA GLN A 620 -54.63 2.22 1.18
C GLN A 620 -55.21 1.22 2.18
N VAL A 621 -54.35 0.68 3.03
CA VAL A 621 -54.77 -0.30 4.03
C VAL A 621 -54.82 0.38 5.38
N SER A 622 -55.98 0.31 6.03
CA SER A 622 -56.26 0.86 7.34
C SER A 622 -56.62 -0.28 8.29
N PRO A 623 -56.56 -0.05 9.60
CA PRO A 623 -56.84 -1.16 10.54
C PRO A 623 -58.19 -1.82 10.34
N LEU A 624 -59.11 -1.18 9.63
CA LEU A 624 -60.43 -1.76 9.41
C LEU A 624 -60.55 -2.53 8.10
N GLY A 625 -59.64 -2.33 7.16
CA GLY A 625 -59.72 -3.07 5.91
C GLY A 625 -58.75 -2.53 4.88
N ILE A 626 -59.05 -2.84 3.61
CA ILE A 626 -58.22 -2.46 2.48
C ILE A 626 -59.08 -1.64 1.51
N ARG A 627 -58.46 -0.64 0.88
CA ARG A 627 -59.15 0.27 -0.02
C ARG A 627 -58.38 0.34 -1.33
N LEU A 628 -59.08 0.09 -2.43
CA LEU A 628 -58.49 0.15 -3.77
C LEU A 628 -59.08 1.34 -4.50
N LEU A 629 -58.25 2.35 -4.75
CA LEU A 629 -58.70 3.56 -5.41
C LEU A 629 -57.83 3.85 -6.63
N GLU A 630 -58.32 4.73 -7.49
CA GLU A 630 -57.61 5.15 -8.69
C GLU A 630 -57.59 6.68 -8.69
N GLY A 631 -56.41 7.24 -8.47
CA GLY A 631 -56.33 8.69 -8.32
C GLY A 631 -56.93 9.11 -7.00
N VAL A 632 -57.90 10.02 -7.05
CA VAL A 632 -58.51 10.56 -5.85
C VAL A 632 -59.83 9.87 -5.48
N ASN A 633 -60.49 9.20 -6.42
CA ASN A 633 -61.75 8.53 -6.16
C ASN A 633 -61.52 7.06 -5.89
N GLN A 634 -62.29 6.49 -4.97
CA GLN A 634 -62.13 5.09 -4.58
C GLN A 634 -63.04 4.21 -5.43
N LEU A 635 -62.47 3.13 -5.95
CA LEU A 635 -63.21 2.17 -6.76
C LEU A 635 -63.71 0.97 -5.96
N HIS A 636 -63.11 0.68 -4.81
CA HIS A 636 -63.42 -0.55 -4.10
C HIS A 636 -62.92 -0.45 -2.67
N PHE A 637 -63.58 -1.15 -1.76
CA PHE A 637 -63.15 -1.21 -0.37
C PHE A 637 -63.65 -2.50 0.24
N ILE A 638 -62.75 -3.30 0.78
CA ILE A 638 -63.08 -4.57 1.43
C ILE A 638 -62.80 -4.43 2.92
N PRO A 639 -63.80 -4.58 3.78
CA PRO A 639 -63.54 -4.66 5.22
C PRO A 639 -62.97 -6.03 5.59
N VAL A 640 -61.92 -6.02 6.40
CA VAL A 640 -61.23 -7.24 6.79
C VAL A 640 -61.33 -7.36 8.30
N ASP A 641 -62.09 -8.36 8.77
CA ASP A 641 -62.26 -8.63 10.19
C ASP A 641 -61.85 -10.08 10.44
N LEU A 642 -60.75 -10.28 11.16
CA LEU A 642 -60.24 -11.61 11.47
C LEU A 642 -60.12 -11.85 12.96
N GLY A 643 -60.65 -10.96 13.79
CA GLY A 643 -60.51 -11.04 15.23
C GLY A 643 -59.49 -10.10 15.81
N ALA A 644 -58.67 -9.45 14.97
CA ALA A 644 -57.66 -8.51 15.40
C ALA A 644 -57.47 -7.47 14.31
N PRO A 645 -57.13 -6.24 14.66
CA PRO A 645 -56.89 -5.22 13.63
C PRO A 645 -55.65 -5.52 12.83
N ILE A 646 -55.65 -5.04 11.58
CA ILE A 646 -54.53 -5.28 10.68
C ILE A 646 -53.32 -4.50 11.17
N VAL A 647 -52.20 -5.20 11.39
CA VAL A 647 -51.00 -4.57 11.89
C VAL A 647 -49.90 -4.49 10.84
N GLN A 648 -49.87 -5.38 9.85
CA GLN A 648 -48.84 -5.35 8.83
C GLN A 648 -49.45 -5.61 7.45
N CYS A 649 -48.82 -5.06 6.43
CA CYS A 649 -49.28 -5.21 5.05
C CYS A 649 -48.08 -5.17 4.11
N ALA A 650 -48.02 -6.14 3.20
CA ALA A 650 -47.01 -6.19 2.15
C ALA A 650 -47.70 -6.31 0.80
N VAL A 651 -47.04 -5.78 -0.23
CA VAL A 651 -47.60 -5.74 -1.57
C VAL A 651 -46.50 -6.15 -2.55
N ALA A 652 -46.74 -7.23 -3.30
CA ALA A 652 -45.87 -7.65 -4.39
C ALA A 652 -46.78 -7.86 -5.59
N ASP A 653 -46.98 -6.80 -6.38
CA ASP A 653 -47.82 -6.72 -7.56
C ASP A 653 -47.89 -8.04 -8.31
N PRO A 654 -49.08 -8.61 -8.55
CA PRO A 654 -50.39 -8.06 -8.16
C PRO A 654 -50.94 -8.61 -6.85
N TYR A 655 -50.13 -9.35 -6.10
CA TYR A 655 -50.56 -9.96 -4.85
C TYR A 655 -50.42 -8.97 -3.70
N VAL A 656 -51.38 -9.02 -2.77
CA VAL A 656 -51.37 -8.22 -1.55
C VAL A 656 -51.56 -9.17 -0.39
N VAL A 657 -50.81 -8.96 0.70
CA VAL A 657 -50.96 -9.77 1.89
C VAL A 657 -51.04 -8.84 3.11
N ILE A 658 -51.94 -9.17 4.03
CA ILE A 658 -52.09 -8.44 5.27
C ILE A 658 -52.06 -9.43 6.43
N MET A 659 -51.65 -8.94 7.59
CA MET A 659 -51.68 -9.75 8.80
C MET A 659 -52.04 -8.87 9.99
N SER A 660 -52.74 -9.49 10.94
CA SER A 660 -53.21 -8.82 12.14
C SER A 660 -52.22 -9.03 13.29
N ALA A 661 -52.49 -8.35 14.40
CA ALA A 661 -51.63 -8.46 15.58
C ALA A 661 -51.69 -9.85 16.21
N GLU A 662 -52.77 -10.60 15.98
CA GLU A 662 -52.85 -11.96 16.53
C GLU A 662 -52.11 -12.97 15.66
N GLY A 663 -52.06 -12.76 14.35
CA GLY A 663 -51.31 -13.64 13.48
C GLY A 663 -52.14 -14.26 12.37
N HIS A 664 -53.22 -13.59 11.96
CA HIS A 664 -54.05 -14.07 10.87
C HIS A 664 -53.60 -13.43 9.56
N VAL A 665 -53.35 -14.25 8.56
CA VAL A 665 -52.80 -13.81 7.28
C VAL A 665 -53.89 -13.91 6.20
N THR A 666 -53.97 -12.88 5.36
CA THR A 666 -54.95 -12.82 4.29
C THR A 666 -54.28 -12.34 3.02
N MET A 667 -54.71 -12.89 1.88
CA MET A 667 -54.15 -12.51 0.58
C MET A 667 -55.27 -12.07 -0.36
N PHE A 668 -55.00 -10.99 -1.10
CA PHE A 668 -55.88 -10.49 -2.14
C PHE A 668 -55.12 -10.44 -3.46
N LEU A 669 -55.87 -10.59 -4.56
CA LEU A 669 -55.30 -10.59 -5.89
C LEU A 669 -56.00 -9.55 -6.76
N LEU A 670 -55.21 -8.82 -7.56
CA LEU A 670 -55.76 -7.86 -8.51
C LEU A 670 -55.97 -8.58 -9.84
N LYS A 671 -57.23 -8.88 -10.16
CA LYS A 671 -57.58 -9.60 -11.37
C LYS A 671 -58.20 -8.66 -12.39
N SER A 672 -57.77 -8.79 -13.64
CA SER A 672 -58.35 -8.02 -14.72
C SER A 672 -59.71 -8.59 -15.10
N ASP A 673 -60.53 -7.75 -15.73
CA ASP A 673 -61.85 -8.17 -16.16
C ASP A 673 -61.75 -9.20 -17.29
N SER A 674 -62.80 -9.99 -17.45
CA SER A 674 -62.81 -11.02 -18.48
C SER A 674 -62.88 -10.45 -19.89
N TYR A 675 -63.40 -9.23 -20.05
CA TYR A 675 -63.53 -8.61 -21.35
C TYR A 675 -62.28 -7.82 -21.75
N GLY A 676 -61.20 -7.92 -20.98
CA GLY A 676 -59.96 -7.25 -21.32
C GLY A 676 -59.96 -5.75 -21.16
N GLY A 677 -61.02 -5.17 -20.59
CA GLY A 677 -61.11 -3.73 -20.42
C GLY A 677 -60.19 -3.15 -19.37
N ARG A 678 -59.42 -4.00 -18.67
CA ARG A 678 -58.43 -3.58 -17.68
C ARG A 678 -59.06 -2.91 -16.47
N HIS A 679 -60.31 -3.26 -16.14
CA HIS A 679 -60.92 -2.86 -14.88
C HIS A 679 -60.56 -3.91 -13.83
N HIS A 680 -59.99 -3.47 -12.73
CA HIS A 680 -59.44 -4.37 -11.73
C HIS A 680 -60.11 -4.17 -10.38
N ARG A 681 -60.11 -5.24 -9.58
CA ARG A 681 -60.68 -5.22 -8.24
C ARG A 681 -60.03 -6.32 -7.43
N LEU A 682 -59.93 -6.09 -6.12
CA LEU A 682 -59.31 -7.07 -5.24
C LEU A 682 -60.21 -8.29 -5.06
N ALA A 683 -59.60 -9.47 -5.11
CA ALA A 683 -60.31 -10.73 -4.93
C ALA A 683 -59.69 -11.48 -3.76
N LEU A 684 -60.52 -11.88 -2.82
CA LEU A 684 -60.06 -12.63 -1.67
C LEU A 684 -59.60 -14.03 -2.08
N HIS A 685 -58.47 -14.47 -1.53
CA HIS A 685 -57.94 -15.81 -1.78
C HIS A 685 -57.30 -16.28 -0.47
N LYS A 686 -58.12 -16.94 0.36
CA LYS A 686 -57.66 -17.37 1.66
C LYS A 686 -56.49 -18.34 1.53
N PRO A 687 -55.40 -18.13 2.25
CA PRO A 687 -54.23 -19.00 2.11
C PRO A 687 -54.32 -20.21 3.03
N PRO A 688 -54.01 -21.40 2.52
CA PRO A 688 -54.08 -22.60 3.36
C PRO A 688 -52.82 -22.80 4.20
N LEU A 689 -52.21 -21.71 4.64
CA LEU A 689 -50.93 -21.77 5.38
C LEU A 689 -51.15 -21.90 6.88
N HIS A 690 -52.01 -22.83 7.29
CA HIS A 690 -52.25 -23.04 8.70
C HIS A 690 -51.04 -23.70 9.36
N HIS A 691 -50.79 -23.32 10.62
CA HIS A 691 -49.67 -23.85 11.37
C HIS A 691 -49.95 -23.70 12.86
N GLN A 692 -49.32 -24.58 13.65
CA GLN A 692 -49.38 -24.47 15.09
C GLN A 692 -48.45 -23.39 15.64
N SER A 693 -47.56 -22.86 14.80
CA SER A 693 -46.65 -21.80 15.20
C SER A 693 -47.20 -20.46 14.70
N LYS A 694 -47.34 -19.51 15.63
CA LYS A 694 -47.92 -18.21 15.33
C LYS A 694 -46.95 -17.35 14.52
N VAL A 695 -47.48 -16.72 13.48
CA VAL A 695 -46.68 -15.86 12.62
C VAL A 695 -46.41 -14.53 13.33
N ILE A 696 -45.15 -14.09 13.30
CA ILE A 696 -44.78 -12.81 13.88
C ILE A 696 -44.88 -11.73 12.81
N THR A 697 -44.01 -11.80 11.81
CA THR A 697 -44.04 -10.88 10.68
C THR A 697 -43.86 -11.65 9.38
N LEU A 698 -44.02 -10.94 8.28
CA LEU A 698 -43.87 -11.53 6.96
C LEU A 698 -43.54 -10.41 5.96
N CYS A 699 -43.28 -10.81 4.72
CA CYS A 699 -43.04 -9.89 3.62
C CYS A 699 -43.25 -10.63 2.32
N LEU A 700 -43.46 -9.86 1.26
CA LEU A 700 -43.68 -10.41 -0.08
C LEU A 700 -42.52 -10.03 -0.97
N TYR A 701 -42.31 -10.83 -2.03
CA TYR A 701 -41.20 -10.62 -2.94
C TYR A 701 -41.60 -11.00 -4.35
N ARG A 702 -41.44 -10.07 -5.28
CA ARG A 702 -41.67 -10.31 -6.69
C ARG A 702 -40.32 -10.49 -7.37
N ASP A 703 -40.06 -11.69 -7.88
CA ASP A 703 -38.77 -12.03 -8.45
C ASP A 703 -38.84 -11.88 -9.97
N LEU A 704 -38.08 -10.91 -10.48
CA LEU A 704 -37.78 -10.78 -11.91
C LEU A 704 -36.47 -11.45 -12.29
N SER A 705 -35.67 -11.86 -11.30
CA SER A 705 -34.45 -12.62 -11.55
C SER A 705 -34.81 -14.09 -11.80
N GLY A 706 -33.79 -14.94 -11.87
CA GLY A 706 -34.01 -16.34 -12.12
C GLY A 706 -33.52 -17.24 -10.99
N MET A 707 -33.09 -16.63 -9.89
CA MET A 707 -32.56 -17.41 -8.77
C MET A 707 -33.64 -18.26 -8.11
N PHE A 708 -34.74 -17.63 -7.72
CA PHE A 708 -35.82 -18.34 -7.03
C PHE A 708 -36.51 -19.33 -7.96
N THR A 709 -36.05 -20.58 -7.95
CA THR A 709 -36.64 -21.65 -8.73
C THR A 709 -36.76 -22.90 -7.87
N THR A 710 -37.63 -23.81 -8.29
CA THR A 710 -37.85 -25.05 -7.55
C THR A 710 -37.58 -26.26 -8.42
N GLU A 780 -39.52 -14.11 -16.63
CA GLU A 780 -39.91 -15.14 -15.68
C GLU A 780 -40.22 -14.53 -14.31
N PRO A 781 -41.43 -13.99 -14.16
CA PRO A 781 -41.80 -13.34 -12.89
C PRO A 781 -42.46 -14.30 -11.92
N THR A 782 -41.89 -14.47 -10.72
CA THR A 782 -42.48 -15.33 -9.71
C THR A 782 -42.80 -14.53 -8.47
N HIS A 783 -43.63 -15.10 -7.60
CA HIS A 783 -44.09 -14.41 -6.40
C HIS A 783 -43.91 -15.30 -5.18
N TRP A 784 -43.30 -14.74 -4.14
CA TRP A 784 -42.96 -15.50 -2.95
C TRP A 784 -43.34 -14.70 -1.70
N CYS A 785 -43.55 -15.44 -0.61
CA CYS A 785 -43.85 -14.87 0.69
C CYS A 785 -42.86 -15.43 1.70
N LEU A 786 -42.09 -14.55 2.34
CA LEU A 786 -41.19 -14.94 3.41
C LEU A 786 -41.85 -14.61 4.74
N LEU A 787 -41.74 -15.53 5.69
CA LEU A 787 -42.55 -15.49 6.89
C LEU A 787 -41.73 -15.95 8.08
N VAL A 788 -41.90 -15.28 9.22
CA VAL A 788 -41.23 -15.64 10.46
C VAL A 788 -42.29 -16.01 11.48
N ARG A 789 -41.99 -17.00 12.33
CA ARG A 789 -42.97 -17.53 13.25
C ARG A 789 -42.42 -17.55 14.68
N GLU A 790 -43.33 -17.82 15.62
CA GLU A 790 -43.01 -17.72 17.05
C GLU A 790 -42.00 -18.77 17.48
N ASN A 791 -42.05 -19.97 16.89
CA ASN A 791 -41.14 -21.03 17.27
C ASN A 791 -39.68 -20.72 16.92
N GLY A 792 -39.43 -19.63 16.20
CA GLY A 792 -38.09 -19.27 15.77
C GLY A 792 -37.76 -19.67 14.36
N THR A 793 -38.65 -20.40 13.68
CA THR A 793 -38.37 -20.85 12.33
C THR A 793 -38.74 -19.77 11.32
N MET A 794 -38.28 -19.97 10.08
CA MET A 794 -38.60 -19.08 8.97
C MET A 794 -38.97 -19.93 7.77
N GLU A 795 -39.95 -19.45 6.99
CA GLU A 795 -40.47 -20.23 5.88
C GLU A 795 -40.63 -19.34 4.66
N ILE A 796 -40.49 -19.95 3.49
CA ILE A 796 -40.74 -19.30 2.21
C ILE A 796 -41.79 -20.10 1.47
N TYR A 797 -42.82 -19.41 0.98
CA TYR A 797 -43.89 -20.04 0.23
C TYR A 797 -43.97 -19.42 -1.17
N GLN A 798 -44.22 -20.27 -2.16
CA GLN A 798 -44.53 -19.79 -3.50
C GLN A 798 -46.02 -19.52 -3.59
N LEU A 799 -46.37 -18.45 -4.35
CA LEU A 799 -47.71 -17.94 -4.61
C LEU A 799 -48.10 -18.25 -6.06
N PRO A 800 -49.40 -18.47 -6.32
CA PRO A 800 -50.51 -18.39 -5.36
C PRO A 800 -50.83 -19.72 -4.70
N ASP A 801 -50.12 -20.78 -5.10
CA ASP A 801 -50.42 -22.10 -4.56
C ASP A 801 -50.09 -22.21 -3.08
N TRP A 802 -49.32 -21.26 -2.54
CA TRP A 802 -48.90 -21.26 -1.14
C TRP A 802 -48.18 -22.56 -0.78
N ARG A 803 -47.12 -22.85 -1.53
CA ARG A 803 -46.38 -24.09 -1.33
C ARG A 803 -45.07 -23.80 -0.62
N LEU A 804 -44.80 -24.56 0.45
CA LEU A 804 -43.57 -24.39 1.21
C LEU A 804 -42.38 -24.86 0.38
N VAL A 805 -41.35 -24.01 0.28
CA VAL A 805 -40.16 -24.32 -0.50
C VAL A 805 -38.87 -24.06 0.26
N PHE A 806 -38.94 -23.56 1.49
CA PHE A 806 -37.73 -23.21 2.22
C PHE A 806 -38.08 -23.11 3.71
N LEU A 807 -37.18 -23.61 4.55
CA LEU A 807 -37.41 -23.61 6.00
C LEU A 807 -36.08 -23.55 6.73
N VAL A 808 -35.95 -22.61 7.65
CA VAL A 808 -34.78 -22.48 8.52
C VAL A 808 -35.26 -22.67 9.96
N LYS A 809 -34.63 -23.58 10.69
CA LYS A 809 -35.12 -23.93 12.02
C LYS A 809 -34.83 -22.85 13.06
N ASN A 810 -33.71 -22.14 12.92
CA ASN A 810 -33.30 -21.14 13.90
C ASN A 810 -32.90 -19.86 13.16
N PHE A 811 -33.88 -18.97 12.97
CA PHE A 811 -33.68 -17.74 12.21
C PHE A 811 -33.15 -16.58 13.07
N PRO A 812 -33.76 -16.27 14.22
CA PRO A 812 -33.30 -15.09 14.98
C PRO A 812 -31.89 -15.22 15.54
N VAL A 813 -31.30 -16.42 15.55
CA VAL A 813 -29.93 -16.57 16.02
C VAL A 813 -28.96 -15.82 15.12
N GLY A 814 -29.27 -15.74 13.83
CA GLY A 814 -28.40 -15.04 12.90
C GLY A 814 -27.26 -15.90 12.42
N GLN A 815 -27.57 -17.08 11.88
CA GLN A 815 -26.54 -17.98 11.40
C GLN A 815 -25.86 -17.40 10.16
N ARG A 816 -24.60 -17.74 9.98
CA ARG A 816 -23.81 -17.18 8.89
C ARG A 816 -24.23 -17.71 7.52
N VAL A 817 -24.84 -18.91 7.47
CA VAL A 817 -25.38 -19.46 6.24
C VAL A 817 -26.76 -20.04 6.54
N LEU A 818 -27.79 -19.52 5.87
CA LEU A 818 -29.14 -20.03 6.04
C LEU A 818 -29.34 -21.24 5.14
N VAL A 819 -29.61 -22.39 5.74
CA VAL A 819 -29.73 -23.66 5.04
C VAL A 819 -31.17 -24.12 5.09
N ASP A 820 -31.63 -24.74 4.01
CA ASP A 820 -32.99 -25.25 3.93
C ASP A 820 -33.12 -26.58 4.65
N SER A 821 -34.26 -26.77 5.32
CA SER A 821 -34.57 -28.01 6.02
C SER A 821 -35.85 -28.62 5.45
N SER A 822 -35.93 -29.94 5.49
CA SER A 822 -37.07 -30.69 4.97
C SER A 822 -37.33 -30.37 3.51
N PRO A 844 -34.90 -13.67 21.64
CA PRO A 844 -34.72 -13.16 20.28
C PRO A 844 -36.05 -12.88 19.58
N LEU A 845 -36.27 -11.63 19.18
CA LEU A 845 -37.52 -11.20 18.58
C LEU A 845 -37.23 -10.67 17.18
N VAL A 846 -37.63 -11.42 16.16
CA VAL A 846 -37.55 -10.95 14.78
C VAL A 846 -38.62 -9.90 14.57
N LYS A 847 -38.21 -8.63 14.54
CA LYS A 847 -39.16 -7.53 14.47
C LYS A 847 -39.55 -7.16 13.05
N GLU A 848 -38.60 -7.21 12.11
CA GLU A 848 -38.91 -6.82 10.73
C GLU A 848 -38.14 -7.71 9.76
N VAL A 849 -38.69 -7.86 8.56
CA VAL A 849 -38.04 -8.63 7.51
C VAL A 849 -38.44 -8.05 6.16
N LEU A 850 -37.47 -8.01 5.23
CA LEU A 850 -37.71 -7.46 3.90
C LEU A 850 -36.81 -8.16 2.89
N LEU A 851 -37.41 -8.71 1.83
CA LEU A 851 -36.69 -9.44 0.80
C LEU A 851 -36.84 -8.68 -0.51
N VAL A 852 -35.75 -8.07 -0.99
CA VAL A 852 -35.81 -7.20 -2.14
C VAL A 852 -34.69 -7.53 -3.13
N ALA A 853 -34.91 -7.17 -4.39
CA ALA A 853 -33.94 -7.36 -5.45
C ALA A 853 -33.30 -6.03 -5.80
N LEU A 854 -31.98 -6.03 -5.93
CA LEU A 854 -31.20 -4.84 -6.28
C LEU A 854 -30.28 -5.17 -7.44
N GLY A 855 -29.51 -4.18 -7.87
CA GLY A 855 -28.60 -4.36 -8.97
C GLY A 855 -29.25 -4.07 -10.31
N SER A 856 -28.55 -4.48 -11.37
CA SER A 856 -29.03 -4.28 -12.73
C SER A 856 -30.17 -5.23 -13.03
N ARG A 857 -31.37 -4.69 -13.23
CA ARG A 857 -32.56 -5.46 -13.60
C ARG A 857 -32.89 -6.51 -12.54
N GLN A 858 -32.97 -6.07 -11.29
CA GLN A 858 -33.36 -6.92 -10.16
C GLN A 858 -32.52 -8.19 -10.10
N SER A 859 -31.21 -8.04 -10.29
CA SER A 859 -30.35 -9.21 -10.45
C SER A 859 -30.09 -9.91 -9.13
N ARG A 860 -29.68 -9.16 -8.10
CA ARG A 860 -29.19 -9.77 -6.87
C ARG A 860 -30.23 -9.65 -5.77
N PRO A 861 -30.66 -10.74 -5.14
CA PRO A 861 -31.62 -10.65 -4.03
C PRO A 861 -30.96 -10.59 -2.67
N TYR A 862 -31.54 -9.77 -1.81
CA TYR A 862 -31.05 -9.53 -0.46
C TYR A 862 -32.19 -9.63 0.54
N LEU A 863 -31.86 -10.13 1.72
CA LEU A 863 -32.81 -10.33 2.82
C LEU A 863 -32.33 -9.52 4.01
N LEU A 864 -33.06 -8.47 4.37
CA LEU A 864 -32.75 -7.65 5.53
C LEU A 864 -33.66 -8.07 6.67
N VAL A 865 -33.06 -8.26 7.85
CA VAL A 865 -33.77 -8.71 9.04
C VAL A 865 -33.46 -7.76 10.17
N HIS A 866 -34.49 -7.30 10.86
CA HIS A 866 -34.36 -6.47 12.06
C HIS A 866 -34.78 -7.35 13.23
N VAL A 867 -33.78 -7.86 13.96
CA VAL A 867 -34.00 -8.53 15.22
C VAL A 867 -33.74 -7.51 16.32
N ASP A 868 -34.02 -7.88 17.57
CA ASP A 868 -33.93 -6.94 18.69
C ASP A 868 -32.55 -6.30 18.76
N GLN A 869 -32.49 -5.01 18.42
CA GLN A 869 -31.28 -4.19 18.44
C GLN A 869 -30.19 -4.73 17.51
N GLU A 870 -30.57 -5.49 16.48
CA GLU A 870 -29.61 -6.11 15.58
C GLU A 870 -30.12 -6.06 14.15
N LEU A 871 -29.21 -5.77 13.22
CA LEU A 871 -29.48 -5.76 11.79
C LEU A 871 -28.73 -6.90 11.13
N LEU A 872 -29.42 -7.64 10.26
CA LEU A 872 -28.84 -8.74 9.52
C LEU A 872 -29.08 -8.52 8.03
N ILE A 873 -28.01 -8.67 7.23
CA ILE A 873 -28.10 -8.60 5.78
C ILE A 873 -27.70 -9.96 5.23
N TYR A 874 -28.48 -10.47 4.28
CA TYR A 874 -28.22 -11.77 3.68
C TYR A 874 -28.22 -11.64 2.17
N GLU A 875 -27.11 -12.00 1.54
CA GLU A 875 -27.02 -12.09 0.09
C GLU A 875 -27.48 -13.47 -0.35
N ALA A 876 -28.39 -13.53 -1.31
CA ALA A 876 -28.91 -14.80 -1.79
C ALA A 876 -28.06 -15.31 -2.94
N PHE A 877 -27.71 -16.59 -2.90
CA PHE A 877 -26.92 -17.20 -3.94
C PHE A 877 -27.50 -18.56 -4.32
N PRO A 878 -27.38 -18.95 -5.59
CA PRO A 878 -27.92 -20.24 -6.03
C PRO A 878 -27.21 -21.41 -5.38
N HIS A 879 -27.97 -22.50 -5.18
CA HIS A 879 -27.43 -23.70 -4.57
C HIS A 879 -28.28 -24.89 -5.01
N ASP A 880 -27.62 -25.95 -5.47
CA ASP A 880 -28.27 -27.16 -5.97
C ASP A 880 -29.30 -26.84 -7.04
N GLY A 886 -38.29 -29.37 -6.30
CA GLY A 886 -39.09 -29.33 -5.09
C GLY A 886 -38.79 -28.13 -4.21
N ASN A 887 -37.66 -28.19 -3.50
CA ASN A 887 -37.28 -27.12 -2.61
C ASN A 887 -36.65 -25.96 -3.39
N LEU A 888 -36.65 -24.79 -2.75
CA LEU A 888 -36.09 -23.59 -3.37
C LEU A 888 -34.57 -23.72 -3.46
N LYS A 889 -34.05 -23.64 -4.69
CA LYS A 889 -32.62 -23.81 -4.94
C LYS A 889 -31.87 -22.50 -4.68
N VAL A 890 -31.99 -22.01 -3.45
CA VAL A 890 -31.40 -20.75 -3.01
C VAL A 890 -30.86 -20.93 -1.60
N ARG A 891 -29.74 -20.28 -1.31
CA ARG A 891 -29.24 -20.16 0.05
C ARG A 891 -28.92 -18.69 0.33
N PHE A 892 -28.68 -18.38 1.60
CA PHE A 892 -28.39 -17.02 2.02
C PHE A 892 -27.11 -16.99 2.83
N LYS A 893 -26.28 -15.98 2.58
CA LYS A 893 -25.01 -15.81 3.28
C LYS A 893 -25.00 -14.45 3.96
N LYS A 894 -24.59 -14.43 5.23
CA LYS A 894 -24.57 -13.18 5.97
C LYS A 894 -23.54 -12.22 5.40
N VAL A 895 -23.88 -10.95 5.40
CA VAL A 895 -23.01 -9.88 4.90
C VAL A 895 -22.49 -9.10 6.10
N PRO A 896 -21.19 -8.87 6.21
CA PRO A 896 -20.66 -8.15 7.37
C PRO A 896 -20.91 -6.65 7.28
N HIS A 897 -21.19 -6.04 8.43
CA HIS A 897 -21.43 -4.61 8.51
C HIS A 897 -21.21 -4.17 9.95
N ASN A 898 -21.09 -2.85 10.12
CA ASN A 898 -20.94 -2.24 11.44
C ASN A 898 -22.11 -1.32 11.77
N ILE A 899 -23.25 -1.48 11.08
CA ILE A 899 -24.41 -0.66 11.34
C ILE A 899 -25.01 -1.05 12.69
N ASN A 900 -25.17 -0.07 13.58
CA ASN A 900 -25.60 -0.30 14.96
C ASN A 900 -27.05 0.14 15.11
N PHE A 901 -27.92 -0.81 15.46
CA PHE A 901 -29.33 -0.54 15.70
C PHE A 901 -29.62 -0.15 17.14
N ARG A 902 -28.63 -0.17 18.02
CA ARG A 902 -28.86 0.08 19.43
C ARG A 902 -29.02 1.58 19.70
N GLU A 903 -29.87 1.89 20.67
CA GLU A 903 -30.13 3.28 21.04
C GLU A 903 -29.73 3.54 22.48
N VAL A 928 -43.11 2.70 11.27
CA VAL A 928 -43.00 1.41 11.95
C VAL A 928 -42.00 0.52 11.22
N ALA A 929 -41.96 0.62 9.90
CA ALA A 929 -41.04 -0.16 9.10
C ALA A 929 -39.69 0.54 9.04
N ARG A 930 -38.63 -0.15 9.45
CA ARG A 930 -37.31 0.46 9.47
C ARG A 930 -36.61 0.34 8.12
N PHE A 931 -36.95 -0.67 7.33
CA PHE A 931 -36.36 -0.88 6.01
C PHE A 931 -37.31 -0.32 4.95
N ARG A 932 -36.83 0.67 4.18
CA ARG A 932 -37.65 1.29 3.14
C ARG A 932 -36.94 1.10 1.80
N TYR A 933 -37.51 0.24 0.96
CA TYR A 933 -36.93 0.00 -0.36
C TYR A 933 -37.19 1.19 -1.28
N PHE A 934 -36.24 1.45 -2.18
CA PHE A 934 -36.41 2.48 -3.19
C PHE A 934 -35.72 2.03 -4.48
N GLU A 935 -36.30 2.46 -5.61
CA GLU A 935 -35.68 2.28 -6.91
C GLU A 935 -35.61 3.64 -7.60
N ASP A 936 -34.50 3.88 -8.29
CA ASP A 936 -34.28 5.11 -9.04
C ASP A 936 -34.45 6.35 -8.16
N ILE A 937 -33.59 6.45 -7.15
CA ILE A 937 -33.58 7.64 -6.30
C ILE A 937 -32.59 8.67 -6.83
N TYR A 938 -31.58 8.24 -7.57
CA TYR A 938 -30.66 9.11 -8.30
C TYR A 938 -30.00 8.25 -9.36
N GLY A 939 -30.80 7.44 -10.04
CA GLY A 939 -30.28 6.33 -10.81
C GLY A 939 -29.84 5.16 -9.98
N TYR A 940 -29.91 5.27 -8.65
CA TYR A 940 -29.51 4.21 -7.73
C TYR A 940 -30.73 3.49 -7.18
N SER A 941 -30.66 2.17 -7.15
CA SER A 941 -31.64 1.34 -6.46
C SER A 941 -31.04 0.83 -5.16
N GLY A 942 -31.88 0.65 -4.16
CA GLY A 942 -31.39 0.15 -2.89
C GLY A 942 -32.45 0.22 -1.80
N VAL A 943 -31.96 0.28 -0.56
CA VAL A 943 -32.82 0.30 0.63
C VAL A 943 -32.26 1.30 1.63
N PHE A 944 -33.13 2.15 2.15
CA PHE A 944 -32.77 3.04 3.24
C PHE A 944 -33.11 2.37 4.57
N ILE A 945 -32.13 2.28 5.45
CA ILE A 945 -32.29 1.66 6.76
C ILE A 945 -32.43 2.78 7.78
N CYS A 946 -33.62 2.86 8.39
CA CYS A 946 -33.91 3.87 9.39
C CYS A 946 -33.32 3.43 10.73
N GLY A 947 -33.64 4.16 11.79
CA GLY A 947 -33.20 3.82 13.13
C GLY A 947 -32.28 4.85 13.75
N PRO A 948 -31.57 4.46 14.80
CA PRO A 948 -30.70 5.42 15.50
C PRO A 948 -29.55 5.93 14.64
N SER A 949 -29.04 5.11 13.72
CA SER A 949 -27.99 5.52 12.79
C SER A 949 -28.44 5.12 11.39
N PRO A 950 -29.13 6.02 10.69
CA PRO A 950 -29.65 5.68 9.36
C PRO A 950 -28.52 5.39 8.38
N HIS A 951 -28.80 4.51 7.42
CA HIS A 951 -27.82 4.12 6.43
C HIS A 951 -28.49 3.97 5.07
N TRP A 952 -27.66 4.09 4.03
CA TRP A 952 -28.06 3.85 2.65
C TRP A 952 -27.39 2.57 2.19
N LEU A 953 -28.19 1.66 1.63
CA LEU A 953 -27.71 0.38 1.11
C LEU A 953 -27.95 0.40 -0.39
N LEU A 954 -26.86 0.40 -1.15
CA LEU A 954 -26.92 0.61 -2.60
C LEU A 954 -26.23 -0.54 -3.33
N VAL A 955 -26.85 -1.00 -4.42
CA VAL A 955 -26.25 -1.93 -5.36
C VAL A 955 -26.60 -1.48 -6.77
N THR A 956 -25.59 -1.23 -7.59
CA THR A 956 -25.79 -0.79 -8.96
C THR A 956 -25.60 -1.96 -9.91
N GLY A 957 -25.33 -1.67 -11.19
CA GLY A 957 -25.04 -2.73 -12.14
C GLY A 957 -23.89 -3.61 -11.70
N ARG A 958 -22.96 -3.07 -10.93
CA ARG A 958 -21.94 -3.85 -10.26
C ARG A 958 -22.48 -4.39 -8.94
N GLY A 959 -22.35 -5.69 -8.72
CA GLY A 959 -22.90 -6.32 -7.53
C GLY A 959 -22.08 -6.08 -6.27
N ALA A 960 -21.86 -4.81 -5.94
CA ALA A 960 -21.10 -4.43 -4.75
C ALA A 960 -22.02 -3.71 -3.78
N LEU A 961 -22.11 -4.23 -2.55
CA LEU A 961 -22.97 -3.64 -1.54
C LEU A 961 -22.32 -2.38 -0.97
N ARG A 962 -23.05 -1.28 -0.97
CA ARG A 962 -22.60 0.00 -0.45
C ARG A 962 -23.42 0.36 0.78
N LEU A 963 -22.73 0.65 1.88
CA LEU A 963 -23.37 1.05 3.13
C LEU A 963 -22.83 2.41 3.53
N HIS A 964 -23.60 3.46 3.25
CA HIS A 964 -23.16 4.83 3.51
C HIS A 964 -23.96 5.42 4.66
N PRO A 965 -23.33 5.94 5.70
CA PRO A 965 -24.09 6.51 6.82
C PRO A 965 -24.66 7.88 6.47
N MET A 966 -25.77 8.21 7.14
CA MET A 966 -26.39 9.54 7.07
C MET A 966 -26.76 9.92 8.49
N ALA A 967 -25.83 10.59 9.17
CA ALA A 967 -26.00 10.94 10.58
C ALA A 967 -25.87 12.44 10.83
N ILE A 968 -25.74 13.27 9.79
CA ILE A 968 -25.68 14.71 10.00
C ILE A 968 -26.99 15.21 10.58
N ASP A 969 -28.10 14.62 10.17
CA ASP A 969 -29.35 14.70 10.91
C ASP A 969 -29.43 13.51 11.86
N GLY A 970 -30.28 13.64 12.88
CA GLY A 970 -30.37 12.63 13.90
C GLY A 970 -30.91 11.31 13.41
N PRO A 971 -31.36 10.47 14.34
CA PRO A 971 -32.03 9.22 13.94
C PRO A 971 -33.27 9.51 13.12
N VAL A 972 -33.41 8.79 12.01
CA VAL A 972 -34.54 8.93 11.10
C VAL A 972 -35.49 7.75 11.32
N ASP A 973 -36.78 8.04 11.45
CA ASP A 973 -37.78 7.01 11.71
C ASP A 973 -38.71 6.74 10.54
N SER A 974 -38.67 7.57 9.48
CA SER A 974 -39.53 7.38 8.34
C SER A 974 -38.83 7.92 7.09
N PHE A 975 -38.91 7.15 6.00
CA PHE A 975 -38.23 7.49 4.76
C PHE A 975 -39.10 7.07 3.59
N ALA A 976 -38.97 7.79 2.46
CA ALA A 976 -39.68 7.40 1.26
C ALA A 976 -39.01 8.04 0.06
N PRO A 977 -39.07 7.39 -1.11
CA PRO A 977 -38.61 8.05 -2.34
C PRO A 977 -39.60 9.11 -2.77
N PHE A 978 -39.14 10.01 -3.64
CA PHE A 978 -39.97 11.15 -4.03
C PHE A 978 -39.43 11.73 -5.33
N HIS A 979 -40.18 11.58 -6.40
CA HIS A 979 -39.85 12.15 -7.71
C HIS A 979 -40.84 13.27 -7.99
N ASN A 980 -40.34 14.51 -7.99
CA ASN A 980 -41.19 15.68 -8.19
C ASN A 980 -40.52 16.60 -9.21
N VAL A 981 -41.31 17.54 -9.74
CA VAL A 981 -40.79 18.50 -10.69
C VAL A 981 -39.80 19.45 -10.01
N ASN A 982 -39.95 19.67 -8.70
CA ASN A 982 -39.01 20.46 -7.92
C ASN A 982 -38.02 19.60 -7.16
N CYS A 983 -38.24 18.29 -7.11
CA CYS A 983 -37.33 17.34 -6.46
C CYS A 983 -37.08 16.19 -7.41
N PRO A 984 -36.33 16.44 -8.51
CA PRO A 984 -36.15 15.41 -9.54
C PRO A 984 -35.29 14.27 -9.03
N ARG A 985 -35.87 13.07 -8.98
CA ARG A 985 -35.22 11.89 -8.43
C ARG A 985 -34.67 12.19 -7.05
N GLY A 986 -35.53 12.19 -6.04
CA GLY A 986 -35.11 12.52 -4.70
C GLY A 986 -35.81 11.70 -3.63
N PHE A 987 -35.86 12.23 -2.40
CA PHE A 987 -36.45 11.49 -1.31
C PHE A 987 -36.98 12.46 -0.27
N LEU A 988 -37.71 11.91 0.70
CA LEU A 988 -38.18 12.69 1.83
C LEU A 988 -38.18 11.83 3.07
N TYR A 989 -37.80 12.43 4.19
CA TYR A 989 -37.67 11.67 5.43
C TYR A 989 -38.06 12.52 6.62
N PHE A 990 -38.47 11.85 7.69
CA PHE A 990 -38.86 12.50 8.94
C PHE A 990 -37.74 12.33 9.96
N ASN A 991 -37.37 13.41 10.63
CA ASN A 991 -36.46 13.29 11.76
C ASN A 991 -37.27 13.13 13.05
N ARG A 992 -36.58 12.98 14.18
CA ARG A 992 -37.27 12.79 15.45
C ARG A 992 -37.79 14.09 16.03
N GLN A 993 -37.46 15.23 15.44
CA GLN A 993 -38.00 16.52 15.87
C GLN A 993 -39.26 16.90 15.09
N GLY A 994 -39.82 15.97 14.32
CA GLY A 994 -41.05 16.23 13.59
C GLY A 994 -40.88 16.94 12.27
N GLU A 995 -39.64 17.13 11.79
CA GLU A 995 -39.39 17.82 10.53
C GLU A 995 -39.34 16.81 9.40
N LEU A 996 -40.20 17.02 8.39
CA LEU A 996 -40.14 16.32 7.13
C LEU A 996 -39.24 17.09 6.17
N ARG A 997 -38.25 16.40 5.63
CA ARG A 997 -37.27 17.00 4.75
C ARG A 997 -37.45 16.44 3.34
N ILE A 998 -37.76 17.31 2.39
CA ILE A 998 -37.75 16.99 0.98
C ILE A 998 -36.35 17.35 0.46
N SER A 999 -35.57 16.32 0.12
CA SER A 999 -34.15 16.46 -0.21
C SER A 999 -33.84 15.67 -1.46
N VAL A 1000 -32.64 15.92 -2.01
CA VAL A 1000 -32.09 15.17 -3.13
C VAL A 1000 -30.67 14.74 -2.76
N LEU A 1001 -30.13 13.83 -3.54
CA LEU A 1001 -28.74 13.43 -3.36
C LEU A 1001 -27.82 14.42 -4.06
N PRO A 1002 -26.75 14.86 -3.40
CA PRO A 1002 -25.81 15.79 -4.06
C PRO A 1002 -25.20 15.15 -5.30
N ALA A 1003 -25.22 15.91 -6.40
CA ALA A 1003 -24.64 15.43 -7.64
C ALA A 1003 -23.12 15.48 -7.55
N TYR A 1004 -22.47 15.06 -8.65
CA TYR A 1004 -21.03 15.06 -8.82
C TYR A 1004 -20.29 14.14 -7.86
N LEU A 1005 -21.00 13.34 -7.08
CA LEU A 1005 -20.40 12.34 -6.21
C LEU A 1005 -20.82 10.95 -6.67
N SER A 1006 -19.85 10.07 -6.88
CA SER A 1006 -20.14 8.68 -7.15
C SER A 1006 -20.39 7.95 -5.83
N TYR A 1007 -21.61 7.46 -5.66
CA TYR A 1007 -21.97 6.68 -4.48
C TYR A 1007 -21.73 5.20 -4.67
N ASP A 1008 -21.29 4.78 -5.85
CA ASP A 1008 -20.95 3.38 -6.12
C ASP A 1008 -19.47 3.16 -5.84
N ALA A 1009 -19.12 3.27 -4.57
CA ALA A 1009 -17.74 3.16 -4.10
C ALA A 1009 -17.77 2.90 -2.61
N PRO A 1010 -16.66 2.40 -2.03
CA PRO A 1010 -16.62 2.23 -0.56
C PRO A 1010 -17.02 3.49 0.19
N TRP A 1011 -16.49 4.64 -0.24
CA TRP A 1011 -16.92 5.95 0.23
C TRP A 1011 -17.43 6.75 -0.95
N PRO A 1012 -18.45 7.58 -0.76
CA PRO A 1012 -18.79 8.60 -1.77
C PRO A 1012 -17.55 9.40 -2.15
N VAL A 1013 -17.27 9.44 -3.45
CA VAL A 1013 -16.03 10.05 -3.95
C VAL A 1013 -16.34 10.87 -5.20
N ARG A 1014 -15.67 12.01 -5.30
CA ARG A 1014 -15.61 12.79 -6.53
C ARG A 1014 -14.18 12.74 -7.06
N LYS A 1015 -14.03 12.37 -8.33
CA LYS A 1015 -12.73 12.21 -8.96
C LYS A 1015 -12.46 13.42 -9.85
N ILE A 1016 -11.39 14.14 -9.55
CA ILE A 1016 -10.98 15.32 -10.32
C ILE A 1016 -9.72 14.96 -11.09
N PRO A 1017 -9.83 14.53 -12.35
CA PRO A 1017 -8.63 14.14 -13.11
C PRO A 1017 -7.74 15.34 -13.39
N LEU A 1018 -6.46 15.19 -13.06
CA LEU A 1018 -5.48 16.25 -13.27
C LEU A 1018 -4.61 16.02 -14.50
N ARG A 1019 -4.59 14.81 -15.04
CA ARG A 1019 -3.75 14.44 -16.19
C ARG A 1019 -2.28 14.70 -15.91
N CYS A 1020 -1.91 14.81 -14.63
CA CYS A 1020 -0.53 15.04 -14.22
C CYS A 1020 -0.39 14.58 -12.78
N THR A 1021 0.84 14.26 -12.39
CA THR A 1021 1.10 13.74 -11.06
C THR A 1021 0.81 14.79 -10.00
N ALA A 1022 -0.05 14.45 -9.05
CA ALA A 1022 -0.37 15.33 -7.93
C ALA A 1022 0.57 15.00 -6.77
N HIS A 1023 1.49 15.92 -6.48
CA HIS A 1023 2.49 15.68 -5.45
C HIS A 1023 2.02 16.08 -4.06
N TYR A 1024 1.42 17.27 -3.94
CA TYR A 1024 1.05 17.75 -2.61
C TYR A 1024 -0.26 18.54 -2.67
N VAL A 1025 -0.97 18.57 -1.54
CA VAL A 1025 -2.21 19.32 -1.41
C VAL A 1025 -2.25 19.95 -0.03
N ALA A 1026 -2.60 21.24 0.04
CA ALA A 1026 -2.71 21.98 1.29
C ALA A 1026 -4.01 22.77 1.28
N TYR A 1027 -4.65 22.87 2.44
CA TYR A 1027 -5.92 23.56 2.59
C TYR A 1027 -5.69 24.88 3.32
N HIS A 1028 -6.05 26.00 2.68
CA HIS A 1028 -5.90 27.32 3.29
C HIS A 1028 -7.20 27.65 4.00
N VAL A 1029 -7.13 27.75 5.33
CA VAL A 1029 -8.35 27.87 6.13
C VAL A 1029 -9.04 29.21 5.90
N GLU A 1030 -8.25 30.28 5.75
CA GLU A 1030 -8.83 31.61 5.64
C GLU A 1030 -9.62 31.79 4.36
N SER A 1031 -9.22 31.12 3.27
CA SER A 1031 -9.88 31.29 1.99
C SER A 1031 -10.67 30.07 1.53
N LYS A 1032 -10.55 28.93 2.22
CA LYS A 1032 -11.25 27.70 1.84
C LYS A 1032 -10.89 27.29 0.42
N VAL A 1033 -9.59 27.23 0.13
CA VAL A 1033 -9.08 26.89 -1.20
C VAL A 1033 -7.91 25.93 -1.03
N TYR A 1034 -7.72 25.04 -2.00
CA TYR A 1034 -6.63 24.08 -1.94
C TYR A 1034 -5.50 24.51 -2.87
N ALA A 1035 -4.28 24.43 -2.36
CA ALA A 1035 -3.07 24.60 -3.16
C ALA A 1035 -2.53 23.21 -3.48
N VAL A 1036 -2.40 22.91 -4.77
CA VAL A 1036 -1.97 21.59 -5.22
C VAL A 1036 -0.68 21.74 -6.01
N ALA A 1037 0.37 21.08 -5.54
CA ALA A 1037 1.64 21.02 -6.25
C ALA A 1037 1.67 19.77 -7.10
N THR A 1038 1.84 19.95 -8.41
CA THR A 1038 1.81 18.90 -9.42
C THR A 1038 3.04 19.00 -10.31
N SER A 1039 3.18 18.02 -11.22
CA SER A 1039 4.29 18.01 -12.16
C SER A 1039 3.86 17.39 -13.48
N THR A 1040 4.54 17.81 -14.54
CA THR A 1040 4.35 17.23 -15.87
C THR A 1040 5.72 16.82 -16.41
N ASN A 1041 5.72 15.95 -17.41
CA ASN A 1041 6.95 15.41 -17.99
C ASN A 1041 7.19 16.03 -19.36
N THR A 1042 8.40 16.48 -19.60
CA THR A 1042 8.87 16.99 -20.88
C THR A 1042 10.12 16.23 -21.28
N PRO A 1043 10.52 16.31 -22.55
CA PRO A 1043 11.78 15.68 -22.96
C PRO A 1043 12.98 16.43 -22.38
N CYS A 1044 13.90 15.69 -21.78
CA CYS A 1044 15.15 16.27 -21.29
C CYS A 1044 16.05 16.59 -22.47
N ALA A 1045 16.46 17.85 -22.58
CA ALA A 1045 17.22 18.32 -23.73
C ALA A 1045 18.66 18.71 -23.42
N ARG A 1046 18.97 19.09 -22.19
CA ARG A 1046 20.31 19.53 -21.85
C ARG A 1046 20.78 18.83 -20.58
N ILE A 1047 22.10 18.78 -20.44
CA ILE A 1047 22.77 18.18 -19.30
C ILE A 1047 23.57 19.26 -18.58
N PRO A 1048 23.27 19.59 -17.33
CA PRO A 1048 24.15 20.48 -16.56
C PRO A 1048 25.42 19.75 -16.19
N ARG A 1049 26.56 20.38 -16.48
CA ARG A 1049 27.85 19.70 -16.37
C ARG A 1049 28.71 20.17 -15.20
N MET A 1050 28.63 21.44 -14.80
CA MET A 1050 29.47 21.96 -13.73
C MET A 1050 28.61 22.67 -12.69
N THR A 1051 28.95 22.45 -11.42
CA THR A 1051 28.20 23.03 -10.30
C THR A 1051 28.35 24.55 -10.26
N GLU A 1053 34.50 24.76 -12.67
CA GLU A 1053 34.16 25.67 -13.76
C GLU A 1053 32.93 26.50 -13.41
N GLU A 1054 32.06 26.71 -14.40
CA GLU A 1054 30.85 27.49 -14.24
C GLU A 1054 29.67 26.73 -14.83
N LYS A 1055 28.47 27.27 -14.61
CA LYS A 1055 27.24 26.64 -15.07
C LYS A 1055 27.27 26.47 -16.59
N GLU A 1056 27.22 25.23 -17.06
CA GLU A 1056 27.20 24.94 -18.48
C GLU A 1056 26.19 23.84 -18.76
N PHE A 1057 25.55 23.93 -19.92
CA PHE A 1057 24.54 22.97 -20.35
C PHE A 1057 24.94 22.39 -21.69
N GLU A 1058 25.16 21.07 -21.72
CA GLU A 1058 25.43 20.36 -22.96
C GLU A 1058 24.10 20.00 -23.63
N THR A 1059 23.90 20.47 -24.85
CA THR A 1059 22.69 20.14 -25.59
C THR A 1059 22.76 18.69 -26.08
N ILE A 1060 21.81 17.87 -25.64
CA ILE A 1060 21.80 16.45 -25.98
C ILE A 1060 21.54 16.32 -27.48
N GLU A 1061 22.55 15.87 -28.22
CA GLU A 1061 22.44 15.64 -29.66
C GLU A 1061 22.45 14.15 -29.93
N ARG A 1062 21.37 13.65 -30.51
CA ARG A 1062 21.23 12.24 -30.86
C ARG A 1062 20.53 12.16 -32.21
N ASP A 1063 20.10 10.95 -32.58
CA ASP A 1063 19.34 10.74 -33.80
C ASP A 1063 17.86 10.59 -33.47
N GLU A 1064 17.06 10.33 -34.51
CA GLU A 1064 15.61 10.31 -34.34
C GLU A 1064 15.14 9.15 -33.47
N ARG A 1065 15.81 8.00 -33.55
CA ARG A 1065 15.39 6.83 -32.79
C ARG A 1065 15.73 6.92 -31.31
N TYR A 1066 16.49 7.93 -30.90
CA TYR A 1066 16.84 8.10 -29.50
C TYR A 1066 15.60 8.43 -28.67
N ILE A 1067 15.59 7.95 -27.43
CA ILE A 1067 14.49 8.15 -26.51
C ILE A 1067 14.97 9.07 -25.39
N HIS A 1068 14.41 10.28 -25.36
CA HIS A 1068 14.88 11.29 -24.42
C HIS A 1068 14.48 10.94 -22.99
N PRO A 1069 15.25 11.41 -22.01
CA PRO A 1069 14.85 11.21 -20.61
C PRO A 1069 13.67 12.08 -20.24
N GLN A 1070 13.03 11.72 -19.13
CA GLN A 1070 11.86 12.44 -18.64
C GLN A 1070 12.30 13.51 -17.65
N GLN A 1071 11.95 14.76 -17.94
CA GLN A 1071 12.29 15.89 -17.09
C GLN A 1071 11.03 16.47 -16.49
N GLU A 1072 11.01 16.62 -15.18
CA GLU A 1072 9.81 17.06 -14.46
C GLU A 1072 9.76 18.57 -14.38
N ALA A 1073 8.60 19.13 -14.73
CA ALA A 1073 8.31 20.55 -14.56
C ALA A 1073 7.20 20.68 -13.52
N PHE A 1074 7.49 21.40 -12.45
CA PHE A 1074 6.59 21.50 -11.30
C PHE A 1074 5.76 22.77 -11.36
N SER A 1075 4.53 22.68 -10.86
CA SER A 1075 3.59 23.79 -10.84
C SER A 1075 2.79 23.74 -9.55
N ILE A 1076 2.25 24.89 -9.16
CA ILE A 1076 1.42 25.02 -7.96
C ILE A 1076 0.13 25.72 -8.36
N GLN A 1077 -0.98 24.98 -8.34
CA GLN A 1077 -2.27 25.50 -8.75
C GLN A 1077 -3.15 25.77 -7.53
N LEU A 1078 -4.12 26.66 -7.72
CA LEU A 1078 -5.17 26.91 -6.75
C LEU A 1078 -6.48 26.32 -7.26
N ILE A 1079 -7.15 25.54 -6.41
CA ILE A 1079 -8.36 24.82 -6.78
C ILE A 1079 -9.44 25.14 -5.77
N SER A 1080 -10.63 25.49 -6.25
CA SER A 1080 -11.71 25.86 -5.34
C SER A 1080 -12.63 24.68 -5.11
N PRO A 1081 -12.96 24.36 -3.86
CA PRO A 1081 -13.90 23.24 -3.61
C PRO A 1081 -15.34 23.54 -4.02
N VAL A 1082 -15.64 24.79 -4.40
CA VAL A 1082 -17.00 25.13 -4.84
C VAL A 1082 -17.34 24.38 -6.13
N SER A 1083 -16.52 24.55 -7.15
CA SER A 1083 -16.71 23.87 -8.43
C SER A 1083 -15.64 22.81 -8.69
N TRP A 1084 -14.70 22.64 -7.78
CA TRP A 1084 -13.55 21.75 -7.98
C TRP A 1084 -12.85 22.04 -9.30
N GLU A 1085 -12.66 23.33 -9.56
CA GLU A 1085 -11.95 23.82 -10.74
C GLU A 1085 -10.72 24.60 -10.31
N ALA A 1086 -9.77 24.71 -11.24
CA ALA A 1086 -8.61 25.55 -11.03
C ALA A 1086 -8.98 27.02 -11.12
N ILE A 1087 -8.30 27.84 -10.32
CA ILE A 1087 -8.52 29.28 -10.30
C ILE A 1087 -7.64 29.91 -11.37
N PRO A 1088 -8.21 30.60 -12.35
CA PRO A 1088 -7.37 31.20 -13.39
C PRO A 1088 -6.45 32.26 -12.82
N ASN A 1089 -5.27 32.39 -13.45
CA ASN A 1089 -4.23 33.34 -13.06
C ASN A 1089 -3.76 33.14 -11.62
N ALA A 1090 -3.90 31.92 -11.09
CA ALA A 1090 -3.47 31.58 -9.75
C ALA A 1090 -2.56 30.36 -9.77
N ARG A 1091 -1.66 30.30 -10.75
CA ARG A 1091 -0.77 29.17 -10.94
C ARG A 1091 0.67 29.65 -10.92
N ILE A 1092 1.48 29.03 -10.08
CA ILE A 1092 2.89 29.37 -9.92
C ILE A 1092 3.73 28.32 -10.63
N GLU A 1093 4.46 28.75 -11.66
CA GLU A 1093 5.35 27.87 -12.39
C GLU A 1093 6.76 27.99 -11.80
N LEU A 1094 7.32 26.87 -11.39
CA LEU A 1094 8.65 26.86 -10.81
C LEU A 1094 9.71 26.70 -11.90
N GLN A 1095 10.96 26.98 -11.53
CA GLN A 1095 12.04 27.00 -12.50
C GLN A 1095 12.27 25.61 -13.10
N GLU A 1096 13.01 25.59 -14.20
CA GLU A 1096 13.40 24.33 -14.82
C GLU A 1096 14.28 23.53 -13.86
N TRP A 1097 14.09 22.22 -13.83
CA TRP A 1097 14.80 21.28 -12.97
C TRP A 1097 14.54 21.53 -11.48
N GLU A 1098 13.53 22.32 -11.13
CA GLU A 1098 13.23 22.64 -9.75
C GLU A 1098 12.10 21.74 -9.27
N HIS A 1099 12.39 20.86 -8.33
CA HIS A 1099 11.42 19.92 -7.78
C HIS A 1099 10.87 20.46 -6.47
N VAL A 1100 9.55 20.39 -6.32
CA VAL A 1100 8.89 20.75 -5.06
C VAL A 1100 9.02 19.57 -4.12
N THR A 1101 9.83 19.73 -3.08
CA THR A 1101 10.05 18.66 -2.11
C THR A 1101 9.06 18.69 -0.96
N CYS A 1102 8.42 19.83 -0.69
CA CYS A 1102 7.42 19.85 0.37
C CYS A 1102 6.47 21.02 0.19
N MET A 1103 5.23 20.83 0.63
CA MET A 1103 4.23 21.89 0.62
C MET A 1103 3.26 21.66 1.76
N LYS A 1104 3.20 22.61 2.70
CA LYS A 1104 2.33 22.48 3.86
C LYS A 1104 1.62 23.81 4.14
N THR A 1105 0.47 23.70 4.80
CA THR A 1105 -0.18 24.89 5.35
C THR A 1105 0.44 25.21 6.70
N VAL A 1106 1.02 26.40 6.81
CA VAL A 1106 1.72 26.82 8.02
C VAL A 1106 1.00 28.00 8.65
N SER A 1107 1.07 28.08 9.97
CA SER A 1107 0.50 29.20 10.72
C SER A 1107 1.66 30.01 11.30
N LEU A 1108 1.91 31.17 10.71
CA LEU A 1108 3.02 32.02 11.11
C LEU A 1108 2.51 33.22 11.89
N ARG A 1109 3.40 33.78 12.71
CA ARG A 1109 3.02 34.88 13.59
C ARG A 1109 2.67 36.12 12.77
N SER A 1110 1.57 36.76 13.14
CA SER A 1110 1.12 37.99 12.49
C SER A 1110 0.33 38.80 13.50
N GLU A 1111 0.44 40.12 13.39
CA GLU A 1111 -0.21 41.05 14.32
C GLU A 1111 -1.60 41.44 13.87
N GLU A 1112 -2.08 40.92 12.75
CA GLU A 1112 -3.38 41.29 12.21
C GLU A 1112 -4.49 40.35 12.63
N THR A 1113 -4.19 39.33 13.43
CA THR A 1113 -5.18 38.33 13.83
C THR A 1113 -5.37 38.38 15.34
N VAL A 1114 -6.58 38.00 15.77
CA VAL A 1114 -6.88 37.94 17.20
C VAL A 1114 -6.07 36.85 17.87
N SER A 1115 -5.77 35.77 17.15
CA SER A 1115 -4.99 34.67 17.69
C SER A 1115 -3.48 34.88 17.56
N GLY A 1116 -3.04 35.93 16.88
CA GLY A 1116 -1.63 36.19 16.71
C GLY A 1116 -0.96 35.41 15.61
N LEU A 1117 -1.69 34.55 14.90
CA LEU A 1117 -1.13 33.76 13.82
C LEU A 1117 -2.09 33.76 12.65
N LYS A 1118 -1.54 33.54 11.46
CA LYS A 1118 -2.37 33.40 10.26
C LYS A 1118 -1.72 32.38 9.33
N GLY A 1119 -2.53 31.87 8.40
CA GLY A 1119 -2.13 30.75 7.57
C GLY A 1119 -1.57 31.18 6.22
N TYR A 1120 -0.48 30.52 5.83
CA TYR A 1120 0.13 30.64 4.52
C TYR A 1120 0.38 29.25 3.95
N VAL A 1121 0.72 29.19 2.68
CA VAL A 1121 1.11 27.96 2.01
C VAL A 1121 2.62 28.02 1.80
N ALA A 1122 3.35 27.17 2.50
CA ALA A 1122 4.81 27.15 2.42
C ALA A 1122 5.26 25.97 1.58
N ALA A 1123 6.27 26.20 0.74
CA ALA A 1123 6.78 25.17 -0.14
C ALA A 1123 8.31 25.22 -0.13
N GLY A 1124 8.91 24.03 -0.06
CA GLY A 1124 10.35 23.88 -0.16
C GLY A 1124 10.72 23.13 -1.41
N THR A 1125 11.66 23.69 -2.20
CA THR A 1125 12.05 23.14 -3.48
C THR A 1125 13.55 22.92 -3.52
N CYS A 1126 13.97 21.93 -4.32
CA CYS A 1126 15.37 21.66 -4.58
C CYS A 1126 15.61 21.67 -6.09
N LEU A 1127 16.66 22.37 -6.51
CA LEU A 1127 17.08 22.40 -7.91
C LEU A 1127 18.07 21.27 -8.12
N MET A 1128 17.61 20.17 -8.72
CA MET A 1128 18.44 18.99 -8.92
C MET A 1128 18.96 18.99 -10.36
N GLN A 1129 20.27 19.19 -10.51
CA GLN A 1129 20.94 19.19 -11.80
C GLN A 1129 21.78 17.94 -12.00
N GLY A 1130 21.53 16.89 -11.23
CA GLY A 1130 22.34 15.69 -11.27
C GLY A 1130 23.27 15.59 -10.06
N GLU A 1131 24.08 14.54 -10.08
CA GLU A 1131 24.97 14.29 -8.94
C GLU A 1131 26.17 15.23 -8.95
N GLU A 1132 26.68 15.58 -10.13
CA GLU A 1132 27.90 16.40 -10.24
C GLU A 1132 27.67 17.86 -9.91
N VAL A 1133 26.43 18.31 -9.79
CA VAL A 1133 26.11 19.71 -9.52
C VAL A 1133 25.54 19.82 -8.11
N THR A 1134 25.93 20.88 -7.40
CA THR A 1134 25.44 21.11 -6.05
C THR A 1134 23.95 21.40 -6.09
N CYS A 1135 23.20 20.71 -5.21
CA CYS A 1135 21.75 20.85 -5.14
C CYS A 1135 21.42 22.02 -4.22
N ARG A 1136 20.98 23.12 -4.81
CA ARG A 1136 20.59 24.32 -4.06
C ARG A 1136 19.08 24.35 -3.89
N GLY A 1137 18.63 24.85 -2.73
CA GLY A 1137 17.23 24.88 -2.40
C GLY A 1137 16.59 26.25 -2.61
N ARG A 1138 15.29 26.30 -2.32
CA ARG A 1138 14.54 27.55 -2.40
C ARG A 1138 13.28 27.42 -1.55
N ILE A 1139 13.02 28.44 -0.74
CA ILE A 1139 11.82 28.51 0.08
C ILE A 1139 10.84 29.46 -0.59
N LEU A 1140 9.56 29.08 -0.59
CA LEU A 1140 8.52 29.81 -1.31
C LEU A 1140 7.30 29.93 -0.40
N ILE A 1141 7.02 31.13 0.08
CA ILE A 1141 5.88 31.39 0.96
C ILE A 1141 4.83 32.13 0.16
N MET A 1142 3.62 31.58 0.11
CA MET A 1142 2.52 32.22 -0.61
C MET A 1142 1.33 32.41 0.32
N ASP A 1143 0.47 33.35 -0.06
CA ASP A 1143 -0.79 33.60 0.62
C ASP A 1143 -1.90 33.64 -0.41
N VAL A 1144 -3.07 33.17 -0.02
CA VAL A 1144 -4.25 33.21 -0.88
C VAL A 1144 -5.09 34.38 -0.41
N ILE A 1145 -5.19 35.42 -1.24
CA ILE A 1145 -5.87 36.64 -0.84
C ILE A 1145 -7.15 36.80 -1.65
N GLU A 1146 -8.12 37.47 -1.03
CA GLU A 1146 -9.41 37.72 -1.66
C GLU A 1146 -9.33 38.92 -2.57
N VAL A 1147 -9.92 38.79 -3.76
CA VAL A 1147 -9.88 39.82 -4.80
C VAL A 1147 -11.29 39.99 -5.34
N VAL A 1148 -11.65 41.24 -5.64
CA VAL A 1148 -12.95 41.54 -6.25
C VAL A 1148 -13.08 40.77 -7.56
N PRO A 1149 -14.08 39.89 -7.69
CA PRO A 1149 -14.31 39.12 -8.92
C PRO A 1149 -15.23 39.82 -9.89
N PRO A 1154 -16.59 34.73 -9.63
CA PRO A 1154 -16.70 33.41 -9.01
C PRO A 1154 -15.35 32.85 -8.58
N LEU A 1155 -14.69 32.11 -9.47
CA LEU A 1155 -13.34 31.63 -9.19
C LEU A 1155 -12.33 32.77 -9.12
N THR A 1156 -12.65 33.92 -9.71
CA THR A 1156 -11.78 35.10 -9.65
C THR A 1156 -11.67 35.68 -8.24
N LYS A 1157 -12.47 35.18 -7.30
CA LYS A 1157 -12.50 35.75 -5.96
C LYS A 1157 -11.14 35.68 -5.28
N ASN A 1158 -10.40 34.59 -5.48
CA ASN A 1158 -9.14 34.37 -4.80
C ASN A 1158 -7.97 34.45 -5.77
N LYS A 1159 -6.80 34.79 -5.23
CA LYS A 1159 -5.60 34.84 -6.05
C LYS A 1159 -4.38 34.52 -5.20
N PHE A 1160 -3.32 34.06 -5.87
CA PHE A 1160 -2.06 33.70 -5.23
C PHE A 1160 -1.17 34.94 -5.14
N LYS A 1161 -0.54 35.12 -3.99
CA LYS A 1161 0.39 36.21 -3.75
C LYS A 1161 1.67 35.63 -3.16
N VAL A 1162 2.77 35.76 -3.88
CA VAL A 1162 4.06 35.22 -3.44
C VAL A 1162 4.66 36.20 -2.44
N LEU A 1163 4.46 35.94 -1.14
CA LEU A 1163 4.98 36.84 -0.11
C LEU A 1163 6.48 36.68 0.06
N TYR A 1164 7.02 35.50 -0.24
CA TYR A 1164 8.44 35.22 -0.07
C TYR A 1164 8.87 34.22 -1.13
N GLU A 1165 10.08 34.42 -1.65
CA GLU A 1165 10.56 33.61 -2.77
C GLU A 1165 12.08 33.83 -2.87
N LYS A 1166 12.84 33.04 -2.12
CA LYS A 1166 14.29 33.24 -2.02
C LYS A 1166 15.01 31.92 -2.13
N GLU A 1167 16.06 31.90 -2.94
CA GLU A 1167 16.93 30.74 -3.07
C GLU A 1167 17.73 30.54 -1.79
N GLN A 1168 17.87 29.28 -1.38
CA GLN A 1168 18.53 28.93 -0.13
C GLN A 1168 19.81 28.15 -0.41
N LYS A 1169 20.87 28.46 0.34
CA LYS A 1169 22.12 27.73 0.24
C LYS A 1169 21.93 26.36 0.88
N GLY A 1170 21.78 25.34 0.05
CA GLY A 1170 21.47 24.00 0.51
C GLY A 1170 20.07 23.60 0.13
N PRO A 1171 19.85 22.31 -0.09
CA PRO A 1171 18.54 21.85 -0.57
C PRO A 1171 17.49 21.90 0.53
N VAL A 1172 16.32 22.45 0.21
CA VAL A 1172 15.21 22.55 1.15
C VAL A 1172 14.41 21.26 1.06
N THR A 1173 14.50 20.42 2.09
CA THR A 1173 14.00 19.06 2.03
C THR A 1173 12.69 18.85 2.78
N ALA A 1174 12.41 19.65 3.81
CA ALA A 1174 11.18 19.50 4.58
C ALA A 1174 10.89 20.82 5.29
N LEU A 1175 9.63 20.99 5.67
CA LEU A 1175 9.24 22.20 6.40
C LEU A 1175 8.00 21.93 7.22
N CYS A 1176 7.83 22.76 8.25
CA CYS A 1176 6.66 22.76 9.13
C CYS A 1176 6.65 24.09 9.88
N HIS A 1177 5.72 24.22 10.83
CA HIS A 1177 5.67 25.41 11.67
C HIS A 1177 5.78 25.02 13.14
N CYS A 1178 6.17 26.00 13.95
CA CYS A 1178 6.35 25.78 15.39
C CYS A 1178 6.24 27.14 16.07
N ASN A 1179 5.16 27.34 16.81
CA ASN A 1179 4.92 28.57 17.58
C ASN A 1179 5.06 29.81 16.71
N GLY A 1180 4.39 29.77 15.56
CA GLY A 1180 4.42 30.88 14.63
C GLY A 1180 5.70 31.04 13.84
N HIS A 1181 6.68 30.17 14.05
CA HIS A 1181 7.93 30.21 13.31
C HIS A 1181 7.93 29.14 12.23
N LEU A 1182 8.71 29.38 11.17
CA LEU A 1182 8.84 28.44 10.07
C LEU A 1182 10.11 27.61 10.29
N VAL A 1183 9.93 26.29 10.42
CA VAL A 1183 11.05 25.37 10.60
C VAL A 1183 11.27 24.66 9.27
N SER A 1184 12.51 24.67 8.79
CA SER A 1184 12.82 24.06 7.50
C SER A 1184 14.15 23.33 7.57
N ALA A 1185 14.16 22.13 7.00
CA ALA A 1185 15.39 21.34 6.88
C ALA A 1185 16.08 21.74 5.59
N ILE A 1186 17.30 22.27 5.72
CA ILE A 1186 18.11 22.68 4.58
C ILE A 1186 19.42 21.90 4.64
N GLY A 1187 19.65 21.08 3.62
CA GLY A 1187 20.84 20.24 3.61
C GLY A 1187 20.86 19.32 4.81
N GLN A 1188 21.97 19.35 5.55
CA GLN A 1188 22.10 18.58 6.79
C GLN A 1188 21.91 19.46 8.02
N LYS A 1189 21.11 20.52 7.89
CA LYS A 1189 20.78 21.39 9.01
C LYS A 1189 19.28 21.60 9.06
N ILE A 1190 18.81 22.11 10.19
CA ILE A 1190 17.43 22.53 10.36
C ILE A 1190 17.45 23.95 10.91
N PHE A 1191 16.83 24.88 10.18
CA PHE A 1191 16.78 26.29 10.54
C PHE A 1191 15.37 26.64 11.00
N LEU A 1192 15.29 27.54 11.97
CA LEU A 1192 14.03 28.07 12.47
C LEU A 1192 14.05 29.58 12.26
N TRP A 1193 13.12 30.05 11.42
CA TRP A 1193 12.98 31.44 11.03
C TRP A 1193 11.71 32.05 11.61
N SER A 1194 11.71 33.37 11.73
CA SER A 1194 10.51 34.14 12.01
C SER A 1194 10.21 35.04 10.81
N LEU A 1195 8.94 35.09 10.40
CA LEU A 1195 8.53 35.86 9.25
C LEU A 1195 8.10 37.26 9.69
N ARG A 1196 8.76 38.28 9.15
CA ARG A 1196 8.42 39.67 9.41
C ARG A 1196 8.34 40.41 8.08
N ALA A 1197 7.17 40.98 7.80
CA ALA A 1197 6.90 41.66 6.52
C ALA A 1197 7.10 40.64 5.41
N SER A 1198 8.03 40.84 4.48
CA SER A 1198 8.25 39.92 3.37
C SER A 1198 9.63 39.28 3.40
N GLU A 1199 10.29 39.28 4.56
CA GLU A 1199 11.64 38.74 4.68
C GLU A 1199 11.71 37.73 5.81
N LEU A 1200 12.64 36.79 5.67
CA LEU A 1200 12.82 35.69 6.59
C LEU A 1200 14.10 35.91 7.40
N THR A 1201 13.96 36.11 8.71
CA THR A 1201 15.09 36.35 9.59
C THR A 1201 15.48 35.06 10.30
N GLY A 1202 16.74 34.67 10.15
CA GLY A 1202 17.25 33.47 10.78
C GLY A 1202 17.41 33.58 12.27
N MET A 1203 16.69 32.74 13.03
CA MET A 1203 16.76 32.76 14.48
C MET A 1203 17.50 31.57 15.07
N ALA A 1204 17.34 30.37 14.51
CA ALA A 1204 18.05 29.23 15.08
C ALA A 1204 18.43 28.25 13.97
N PHE A 1205 19.37 27.36 14.30
CA PHE A 1205 19.71 26.26 13.42
C PHE A 1205 20.35 25.15 14.25
N ILE A 1206 20.36 23.94 13.68
CA ILE A 1206 20.91 22.78 14.36
C ILE A 1206 21.40 21.79 13.31
N ASP A 1207 22.45 21.04 13.65
CA ASP A 1207 22.95 19.98 12.79
C ASP A 1207 22.04 18.76 12.90
N THR A 1208 21.82 18.10 11.77
CA THR A 1208 20.90 16.96 11.72
C THR A 1208 21.57 15.79 11.01
N GLN A 1209 20.75 14.87 10.51
CA GLN A 1209 21.24 13.60 9.98
C GLN A 1209 21.54 13.68 8.48
N LEU A 1210 21.33 12.57 7.77
CA LEU A 1210 21.69 12.50 6.36
C LEU A 1210 20.72 13.32 5.51
N TYR A 1211 19.42 13.06 5.65
CA TYR A 1211 18.41 13.74 4.84
C TYR A 1211 17.09 13.67 5.58
N ILE A 1212 16.59 14.81 6.03
CA ILE A 1212 15.30 14.88 6.70
C ILE A 1212 14.23 15.16 5.64
N HIS A 1213 13.33 14.20 5.46
CA HIS A 1213 12.29 14.28 4.45
C HIS A 1213 10.91 14.62 5.00
N GLN A 1214 10.76 14.69 6.31
CA GLN A 1214 9.46 14.95 6.93
C GLN A 1214 9.68 15.59 8.29
N MET A 1215 8.86 16.58 8.61
CA MET A 1215 8.94 17.28 9.89
C MET A 1215 7.54 17.66 10.35
N ILE A 1216 7.20 17.35 11.60
CA ILE A 1216 5.92 17.73 12.19
C ILE A 1216 6.17 18.18 13.62
N SER A 1217 5.39 19.16 14.08
CA SER A 1217 5.62 19.76 15.38
C SER A 1217 4.35 19.77 16.22
N VAL A 1218 4.45 19.22 17.42
CA VAL A 1218 3.53 19.57 18.51
C VAL A 1218 4.12 20.80 19.19
N LYS A 1219 3.27 21.65 19.75
CA LYS A 1219 3.72 22.93 20.29
C LYS A 1219 4.94 22.76 21.18
N ASN A 1220 5.99 23.53 20.87
CA ASN A 1220 7.27 23.60 21.57
C ASN A 1220 8.25 22.53 21.08
N PHE A 1221 7.75 21.42 20.55
CA PHE A 1221 8.60 20.32 20.11
C PHE A 1221 8.55 20.16 18.59
N ILE A 1222 9.57 19.49 18.05
CA ILE A 1222 9.66 19.20 16.63
C ILE A 1222 10.11 17.76 16.48
N LEU A 1223 9.62 17.09 15.44
CA LEU A 1223 9.97 15.71 15.14
C LEU A 1223 10.36 15.63 13.68
N ALA A 1224 11.60 15.21 13.42
CA ALA A 1224 12.13 15.11 12.07
C ALA A 1224 12.42 13.66 11.74
N ALA A 1225 12.24 13.31 10.47
CA ALA A 1225 12.40 11.94 10.00
C ALA A 1225 13.53 11.89 8.98
N ASP A 1226 14.54 11.07 9.23
CA ASP A 1226 15.63 10.86 8.29
C ASP A 1226 15.25 9.78 7.28
N VAL A 1227 15.97 9.78 6.16
CA VAL A 1227 15.75 8.76 5.14
C VAL A 1227 16.17 7.39 5.65
N MET A 1228 17.23 7.33 6.46
CA MET A 1228 17.77 6.06 6.94
C MET A 1228 17.93 5.97 8.45
N LYS A 1229 17.92 7.08 9.19
CA LYS A 1229 18.29 7.07 10.60
C LYS A 1229 17.10 7.39 11.51
N SER A 1230 15.90 6.98 11.11
CA SER A 1230 14.71 7.02 11.97
C SER A 1230 14.38 8.46 12.35
N ILE A 1231 13.77 8.65 13.51
CA ILE A 1231 13.20 9.93 13.90
C ILE A 1231 14.07 10.60 14.95
N SER A 1232 13.88 11.92 15.09
CA SER A 1232 14.61 12.74 16.05
C SER A 1232 13.64 13.74 16.67
N LEU A 1233 13.68 13.87 17.99
CA LEU A 1233 12.84 14.79 18.74
C LEU A 1233 13.69 15.95 19.24
N LEU A 1234 13.36 17.15 18.77
CA LEU A 1234 14.05 18.39 19.08
C LEU A 1234 13.12 19.34 19.85
N ARG A 1235 13.74 20.29 20.55
CA ARG A 1235 13.02 21.31 21.30
C ARG A 1235 13.55 22.69 20.91
N TYR A 1236 12.64 23.66 20.85
CA TYR A 1236 13.01 25.05 20.63
C TYR A 1236 12.61 25.87 21.85
N GLN A 1237 13.56 26.65 22.36
CA GLN A 1237 13.33 27.53 23.51
C GLN A 1237 13.35 28.97 23.04
N GLU A 1238 12.23 29.68 23.27
CA GLU A 1238 12.17 31.09 22.87
C GLU A 1238 13.15 31.94 23.67
N GLU A 1239 13.47 31.53 24.90
CA GLU A 1239 14.40 32.30 25.71
C GLU A 1239 15.81 32.25 25.14
N SER A 1240 16.24 31.08 24.67
CA SER A 1240 17.62 30.89 24.22
C SER A 1240 17.80 31.06 22.72
N LYS A 1241 16.71 30.99 21.93
CA LYS A 1241 16.79 31.00 20.48
C LYS A 1241 17.66 29.85 19.96
N THR A 1242 17.55 28.69 20.62
CA THR A 1242 18.36 27.53 20.29
C THR A 1242 17.47 26.31 20.08
N LEU A 1243 17.96 25.39 19.26
CA LEU A 1243 17.36 24.08 19.07
C LEU A 1243 18.20 23.04 19.79
N SER A 1244 17.57 22.22 20.60
CA SER A 1244 18.24 21.18 21.38
C SER A 1244 17.67 19.82 21.02
N LEU A 1245 18.54 18.89 20.68
CA LEU A 1245 18.15 17.52 20.38
C LEU A 1245 17.69 16.85 21.67
N VAL A 1246 16.38 16.78 21.88
CA VAL A 1246 15.85 16.15 23.09
C VAL A 1246 16.22 14.68 23.12
N SER A 1247 15.90 13.95 22.06
CA SER A 1247 16.23 12.53 21.99
C SER A 1247 16.11 12.07 20.53
N ARG A 1248 16.35 10.78 20.33
CA ARG A 1248 16.25 10.20 18.99
C ARG A 1248 16.20 8.69 19.13
N ASP A 1249 16.17 8.01 17.98
CA ASP A 1249 16.21 6.55 17.91
C ASP A 1249 17.42 6.17 17.06
N ALA A 1250 18.47 5.68 17.73
CA ALA A 1250 19.73 5.39 17.04
C ALA A 1250 19.61 4.22 16.07
N LYS A 1251 18.57 3.40 16.19
CA LYS A 1251 18.43 2.26 15.29
C LYS A 1251 18.05 2.75 13.89
N PRO A 1252 18.61 2.15 12.84
CA PRO A 1252 18.26 2.56 11.48
C PRO A 1252 16.84 2.17 11.14
N LEU A 1253 16.16 3.03 10.38
CA LEU A 1253 14.76 2.81 10.02
C LEU A 1253 14.43 3.70 8.83
N GLU A 1254 13.97 3.09 7.74
CA GLU A 1254 13.61 3.85 6.54
C GLU A 1254 12.20 4.42 6.74
N VAL A 1255 12.14 5.58 7.39
CA VAL A 1255 10.86 6.20 7.69
C VAL A 1255 10.22 6.72 6.41
N TYR A 1256 8.95 6.39 6.22
CA TYR A 1256 8.13 6.93 5.13
C TYR A 1256 7.47 8.25 5.53
N SER A 1257 6.72 8.24 6.63
CA SER A 1257 6.09 9.44 7.15
C SER A 1257 5.94 9.29 8.66
N VAL A 1258 5.64 10.41 9.31
CA VAL A 1258 5.56 10.45 10.77
C VAL A 1258 4.42 11.39 11.18
N ASP A 1259 3.87 11.13 12.36
CA ASP A 1259 2.82 11.98 12.92
C ASP A 1259 2.79 11.73 14.43
N PHE A 1260 1.68 12.08 15.08
CA PHE A 1260 1.57 11.98 16.52
C PHE A 1260 0.39 11.08 16.91
N MET A 1261 0.54 10.42 18.06
CA MET A 1261 -0.53 9.70 18.71
C MET A 1261 -0.90 10.49 19.96
N VAL A 1262 -2.12 11.04 19.97
CA VAL A 1262 -2.52 11.93 21.06
C VAL A 1262 -3.57 11.25 21.92
N ASP A 1263 -3.12 10.44 22.88
CA ASP A 1263 -4.00 9.93 23.92
C ASP A 1263 -4.10 10.96 25.04
N ASN A 1264 -5.12 10.77 25.89
CA ASN A 1264 -5.32 11.69 27.01
C ASN A 1264 -4.10 11.64 27.93
N ALA A 1265 -3.48 12.81 28.13
CA ALA A 1265 -2.31 12.99 28.98
C ALA A 1265 -1.11 12.16 28.50
N GLN A 1266 -1.07 11.80 27.23
CA GLN A 1266 0.05 11.07 26.66
C GLN A 1266 0.34 11.57 25.26
N LEU A 1267 1.60 11.47 24.86
CA LEU A 1267 2.06 11.92 23.54
C LEU A 1267 2.93 10.84 22.94
N GLY A 1268 2.56 10.36 21.76
CA GLY A 1268 3.34 9.37 21.05
C GLY A 1268 3.67 9.84 19.65
N PHE A 1269 4.74 9.25 19.12
CA PHE A 1269 5.25 9.58 17.79
C PHE A 1269 4.99 8.39 16.88
N LEU A 1270 4.04 8.54 15.95
CA LEU A 1270 3.66 7.46 15.06
C LEU A 1270 4.50 7.49 13.78
N VAL A 1271 5.12 6.36 13.46
CA VAL A 1271 6.07 6.26 12.36
C VAL A 1271 5.63 5.12 11.44
N SER A 1272 5.66 5.37 10.14
CA SER A 1272 5.54 4.33 9.13
C SER A 1272 6.90 4.08 8.50
N ASP A 1273 7.14 2.85 8.05
CA ASP A 1273 8.43 2.49 7.48
C ASP A 1273 8.24 1.79 6.14
N ARG A 1274 9.37 1.41 5.54
CA ARG A 1274 9.34 0.74 4.24
C ARG A 1274 8.73 -0.64 4.30
N ASP A 1275 8.69 -1.27 5.48
CA ASP A 1275 8.17 -2.61 5.64
C ASP A 1275 6.68 -2.62 5.98
N ARG A 1276 5.95 -1.56 5.64
CA ARG A 1276 4.50 -1.49 5.81
C ARG A 1276 4.09 -1.69 7.27
N ASN A 1277 4.81 -1.04 8.18
CA ASN A 1277 4.54 -1.14 9.61
C ASN A 1277 4.21 0.24 10.18
N LEU A 1278 3.60 0.22 11.36
CA LEU A 1278 3.38 1.41 12.16
C LEU A 1278 3.96 1.19 13.54
N MET A 1279 4.66 2.20 14.05
CA MET A 1279 5.33 2.12 15.34
C MET A 1279 5.07 3.40 16.13
N VAL A 1280 4.65 3.26 17.38
CA VAL A 1280 4.45 4.39 18.26
C VAL A 1280 5.65 4.46 19.19
N TYR A 1281 6.49 5.48 19.02
CA TYR A 1281 7.57 5.75 19.94
C TYR A 1281 7.11 6.74 21.01
N MET A 1282 7.89 6.80 22.10
CA MET A 1282 7.61 7.69 23.20
C MET A 1282 8.93 8.19 23.78
N TYR A 1283 8.87 9.40 24.32
CA TYR A 1283 10.00 10.04 24.99
C TYR A 1283 9.75 9.95 26.50
N LEU A 1284 10.41 8.99 27.15
CA LEU A 1284 10.16 8.67 28.56
C LEU A 1284 11.46 8.85 29.34
N PRO A 1285 11.79 10.07 29.77
CA PRO A 1285 13.09 10.31 30.42
C PRO A 1285 13.35 9.44 31.64
N GLU A 1286 12.31 9.08 32.38
CA GLU A 1286 12.45 8.31 33.60
C GLU A 1286 12.39 6.80 33.36
N ALA A 1287 12.21 6.36 32.11
CA ALA A 1287 12.01 4.93 31.88
C ALA A 1287 13.28 4.11 32.08
N LYS A 1288 14.46 4.75 32.08
CA LYS A 1288 15.76 4.10 32.25
C LYS A 1288 16.11 3.16 31.10
N GLU A 1289 15.13 2.76 30.29
CA GLU A 1289 15.44 2.02 29.08
C GLU A 1289 16.30 2.86 28.15
N SER A 1290 16.01 4.16 28.06
CA SER A 1290 16.93 5.10 27.44
C SER A 1290 18.17 5.25 28.30
N PHE A 1291 19.33 5.40 27.65
CA PHE A 1291 20.59 5.49 28.38
C PHE A 1291 20.57 6.65 29.36
N GLY A 1292 19.96 7.77 28.98
CA GLY A 1292 19.82 8.91 29.85
C GLY A 1292 18.71 9.83 29.39
N GLY A 1293 17.60 9.26 28.96
CA GLY A 1293 16.52 10.02 28.34
C GLY A 1293 16.78 10.39 26.90
N MET A 1294 17.92 10.01 26.34
CA MET A 1294 18.29 10.38 24.98
C MET A 1294 17.78 9.39 23.93
N ARG A 1295 17.34 8.20 24.35
CA ARG A 1295 16.90 7.16 23.43
C ARG A 1295 15.38 7.11 23.41
N LEU A 1296 14.78 7.30 22.23
CA LEU A 1296 13.34 7.13 22.09
C LEU A 1296 12.97 5.66 22.21
N LEU A 1297 11.82 5.38 22.82
CA LEU A 1297 11.43 4.02 23.16
C LEU A 1297 10.19 3.60 22.38
N ARG A 1298 10.26 2.47 21.70
CA ARG A 1298 9.11 1.95 20.96
C ARG A 1298 8.14 1.29 21.93
N ARG A 1299 6.92 1.83 22.01
CA ARG A 1299 5.89 1.34 22.92
C ARG A 1299 4.71 0.70 22.20
N ALA A 1300 4.71 0.69 20.87
CA ALA A 1300 3.63 0.07 20.11
C ALA A 1300 4.10 -0.19 18.69
N ASP A 1301 3.57 -1.27 18.10
CA ASP A 1301 3.90 -1.63 16.73
C ASP A 1301 2.77 -2.44 16.14
N PHE A 1302 2.70 -2.44 14.81
CA PHE A 1302 1.59 -3.05 14.08
C PHE A 1302 1.92 -3.15 12.59
N HIS A 1303 1.70 -4.32 11.98
CA HIS A 1303 1.94 -4.49 10.56
C HIS A 1303 0.65 -4.20 9.82
N VAL A 1304 0.50 -2.96 9.38
CA VAL A 1304 -0.71 -2.56 8.66
C VAL A 1304 -0.80 -3.27 7.30
N GLY A 1305 0.35 -3.54 6.68
CA GLY A 1305 0.37 -4.18 5.39
C GLY A 1305 0.37 -3.24 4.20
N ALA A 1306 0.59 -1.94 4.43
CA ALA A 1306 0.62 -0.97 3.34
C ALA A 1306 1.56 0.17 3.72
N HIS A 1307 2.05 0.86 2.69
CA HIS A 1307 2.90 2.02 2.91
C HIS A 1307 2.04 3.24 3.18
N VAL A 1308 2.35 3.94 4.26
CA VAL A 1308 1.59 5.11 4.69
C VAL A 1308 2.47 6.34 4.51
N ASN A 1309 1.98 7.32 3.74
CA ASN A 1309 2.72 8.54 3.49
C ASN A 1309 2.03 9.79 4.01
N THR A 1310 0.76 9.72 4.39
CA THR A 1310 0.04 10.89 4.88
C THR A 1310 -0.87 10.51 6.04
N PHE A 1311 -0.64 11.13 7.19
CA PHE A 1311 -1.50 11.04 8.35
C PHE A 1311 -2.30 12.32 8.52
N TRP A 1312 -3.28 12.27 9.42
CA TRP A 1312 -4.02 13.44 9.86
C TRP A 1312 -4.86 13.04 11.06
N ARG A 1313 -5.02 13.96 12.01
CA ARG A 1313 -5.68 13.66 13.26
C ARG A 1313 -7.03 14.38 13.38
N THR A 1314 -7.96 13.74 14.07
CA THR A 1314 -9.27 14.31 14.32
C THR A 1314 -9.64 14.12 15.80
N PRO A 1315 -10.40 15.06 16.37
CA PRO A 1315 -10.86 14.88 17.75
C PRO A 1315 -11.84 13.72 17.86
N CYS A 1316 -12.01 13.25 19.09
CA CYS A 1316 -12.88 12.11 19.36
C CYS A 1316 -14.30 12.58 19.66
N ARG A 1317 -15.28 11.87 19.09
CA ARG A 1317 -16.70 12.16 19.26
C ARG A 1317 -17.09 12.31 20.74
N GLU A 1331 -12.10 13.23 27.60
CA GLU A 1331 -11.73 12.74 26.28
C GLU A 1331 -10.28 13.06 25.96
N ASN A 1332 -10.07 14.17 25.25
CA ASN A 1332 -8.74 14.64 24.84
C ASN A 1332 -8.00 13.62 24.00
N LYS A 1333 -8.70 12.68 23.38
CA LYS A 1333 -8.10 11.70 22.50
C LYS A 1333 -8.23 12.17 21.05
N HIS A 1334 -7.22 11.86 20.24
CA HIS A 1334 -7.23 12.19 18.82
C HIS A 1334 -7.07 10.91 18.02
N ILE A 1335 -8.04 10.63 17.16
CA ILE A 1335 -7.92 9.53 16.22
C ILE A 1335 -6.92 9.93 15.14
N THR A 1336 -5.90 9.10 14.95
CA THR A 1336 -4.86 9.38 13.95
C THR A 1336 -5.19 8.57 12.71
N TRP A 1337 -5.89 9.19 11.77
CA TRP A 1337 -6.18 8.59 10.48
C TRP A 1337 -4.96 8.67 9.57
N PHE A 1338 -4.96 7.82 8.55
CA PHE A 1338 -3.90 7.84 7.55
C PHE A 1338 -4.45 7.26 6.25
N ALA A 1339 -3.82 7.68 5.15
CA ALA A 1339 -4.12 7.12 3.84
C ALA A 1339 -2.91 6.33 3.34
N THR A 1340 -3.18 5.17 2.75
CA THR A 1340 -2.14 4.26 2.29
C THR A 1340 -1.87 4.45 0.81
N LEU A 1341 -0.76 3.88 0.35
CA LEU A 1341 -0.40 3.94 -1.06
C LEU A 1341 -1.12 2.89 -1.90
N ASP A 1342 -1.98 2.08 -1.30
CA ASP A 1342 -2.78 1.11 -2.04
C ASP A 1342 -4.21 1.57 -2.24
N GLY A 1343 -4.52 2.83 -1.93
CA GLY A 1343 -5.86 3.35 -2.08
C GLY A 1343 -6.77 3.12 -0.89
N GLY A 1344 -6.22 2.89 0.29
CA GLY A 1344 -7.03 2.64 1.46
C GLY A 1344 -6.84 3.67 2.56
N ILE A 1345 -7.83 3.76 3.46
CA ILE A 1345 -7.78 4.69 4.58
C ILE A 1345 -7.93 3.88 5.87
N GLY A 1346 -7.01 4.11 6.81
CA GLY A 1346 -7.07 3.47 8.11
C GLY A 1346 -7.00 4.49 9.22
N LEU A 1347 -7.08 4.00 10.45
CA LEU A 1347 -6.99 4.87 11.61
C LEU A 1347 -6.43 4.10 12.79
N LEU A 1348 -5.72 4.83 13.66
CA LEU A 1348 -5.31 4.35 14.97
C LEU A 1348 -6.07 5.13 16.03
N LEU A 1349 -6.74 4.41 16.92
CA LEU A 1349 -7.53 5.01 18.00
C LEU A 1349 -6.91 4.63 19.33
N PRO A 1350 -6.34 5.57 20.09
CA PRO A 1350 -5.80 5.24 21.40
C PRO A 1350 -6.91 4.74 22.33
N MET A 1351 -6.58 3.78 23.18
CA MET A 1351 -7.58 3.12 24.00
C MET A 1351 -7.02 2.84 25.39
N GLN A 1352 -7.94 2.64 26.33
CA GLN A 1352 -7.59 2.35 27.71
C GLN A 1352 -6.96 0.95 27.82
N GLU A 1353 -6.10 0.79 28.82
CA GLU A 1353 -5.34 -0.45 28.97
C GLU A 1353 -6.26 -1.63 29.31
N LYS A 1354 -7.25 -1.42 30.17
CA LYS A 1354 -8.12 -2.52 30.57
C LYS A 1354 -9.00 -2.99 29.41
N THR A 1355 -9.57 -2.03 28.66
CA THR A 1355 -10.30 -2.39 27.46
C THR A 1355 -9.39 -3.07 26.45
N TYR A 1356 -8.13 -2.65 26.38
CA TYR A 1356 -7.18 -3.32 25.51
C TYR A 1356 -6.96 -4.76 25.93
N ARG A 1357 -6.88 -5.02 27.24
CA ARG A 1357 -6.69 -6.39 27.72
C ARG A 1357 -7.91 -7.25 27.36
N ARG A 1358 -9.11 -6.73 27.60
CA ARG A 1358 -10.32 -7.46 27.27
C ARG A 1358 -10.36 -7.81 25.79
N LEU A 1359 -10.19 -6.80 24.93
CA LEU A 1359 -10.25 -7.07 23.50
C LEU A 1359 -9.05 -7.86 23.00
N LEU A 1360 -7.95 -7.89 23.76
CA LEU A 1360 -6.82 -8.75 23.39
C LEU A 1360 -7.13 -10.21 23.65
N MET A 1361 -7.78 -10.50 24.77
CA MET A 1361 -8.28 -11.84 25.00
C MET A 1361 -9.25 -12.24 23.90
N LEU A 1362 -10.18 -11.34 23.56
CA LEU A 1362 -11.10 -11.61 22.44
C LEU A 1362 -10.35 -11.84 21.14
N GLN A 1363 -9.27 -11.09 20.91
CA GLN A 1363 -8.51 -11.19 19.67
C GLN A 1363 -7.79 -12.53 19.57
N ASN A 1364 -7.20 -12.99 20.67
CA ASN A 1364 -6.59 -14.31 20.68
C ASN A 1364 -7.64 -15.40 20.43
N ALA A 1365 -8.80 -15.27 21.08
CA ALA A 1365 -9.88 -16.22 20.83
C ALA A 1365 -10.26 -16.23 19.35
N LEU A 1366 -10.36 -15.05 18.74
CA LEU A 1366 -10.78 -14.96 17.33
C LEU A 1366 -9.71 -15.52 16.40
N THR A 1367 -8.44 -15.32 16.71
CA THR A 1367 -7.40 -15.85 15.84
C THR A 1367 -7.24 -17.36 15.98
N THR A 1368 -7.60 -17.93 17.13
CA THR A 1368 -7.43 -19.36 17.31
C THR A 1368 -8.68 -20.18 17.02
N MET A 1369 -9.87 -19.59 17.08
CA MET A 1369 -11.11 -20.37 16.98
C MET A 1369 -11.89 -20.13 15.70
N LEU A 1370 -11.38 -19.32 14.77
CA LEU A 1370 -12.13 -19.04 13.57
C LEU A 1370 -11.33 -19.42 12.33
N PRO A 1371 -11.98 -19.91 11.28
CA PRO A 1371 -11.29 -20.15 10.02
C PRO A 1371 -11.03 -18.85 9.28
N HIS A 1372 -9.87 -18.78 8.63
CA HIS A 1372 -9.46 -17.57 7.92
C HIS A 1372 -9.06 -17.94 6.50
N HIS A 1373 -9.35 -17.03 5.57
CA HIS A 1373 -9.12 -17.28 4.16
C HIS A 1373 -7.67 -17.65 3.91
N ALA A 1374 -7.45 -18.41 2.83
CA ALA A 1374 -6.15 -18.97 2.46
C ALA A 1374 -5.46 -19.68 3.63
N GLY A 1375 -6.18 -19.95 4.71
CA GLY A 1375 -5.55 -20.52 5.88
C GLY A 1375 -4.56 -19.64 6.59
N LEU A 1376 -4.51 -18.35 6.30
CA LEU A 1376 -3.53 -17.49 6.96
C LEU A 1376 -3.93 -17.25 8.42
N ASN A 1377 -3.00 -16.69 9.20
CA ASN A 1377 -3.33 -16.39 10.58
C ASN A 1377 -3.06 -14.92 10.90
N PRO A 1378 -4.04 -14.22 11.47
CA PRO A 1378 -3.91 -12.76 11.63
C PRO A 1378 -2.87 -12.35 12.65
N ARG A 1379 -2.65 -13.15 13.70
CA ARG A 1379 -1.61 -12.81 14.67
C ARG A 1379 -0.26 -12.67 14.00
N ALA A 1380 0.14 -13.67 13.21
CA ALA A 1380 1.40 -13.57 12.49
C ALA A 1380 1.35 -12.51 11.41
N PHE A 1381 0.16 -12.26 10.83
CA PHE A 1381 0.09 -11.19 9.83
C PHE A 1381 0.39 -9.83 10.44
N ARG A 1382 -0.03 -9.60 11.69
CA ARG A 1382 0.12 -8.29 12.32
C ARG A 1382 1.45 -8.12 13.05
N MET A 1383 2.42 -9.01 12.84
CA MET A 1383 3.69 -8.93 13.54
C MET A 1383 4.68 -8.05 12.77
N LEU A 1384 5.70 -7.58 13.49
CA LEU A 1384 6.60 -6.56 12.99
C LEU A 1384 7.46 -7.10 11.83
N HIS A 1385 8.19 -6.16 11.21
CA HIS A 1385 9.14 -6.42 10.12
C HIS A 1385 8.44 -6.84 8.84
N VAL A 1386 9.07 -6.53 7.71
CA VAL A 1386 8.64 -7.02 6.40
C VAL A 1386 7.20 -6.61 6.07
N ASN A 1393 11.46 -8.21 20.03
CA ASN A 1393 11.49 -6.93 19.34
C ASN A 1393 10.14 -6.23 19.39
N ALA A 1394 9.10 -6.92 18.89
CA ALA A 1394 7.79 -6.32 18.77
C ALA A 1394 7.15 -6.14 20.15
N VAL A 1395 6.44 -5.02 20.32
CA VAL A 1395 5.74 -4.72 21.57
C VAL A 1395 4.23 -4.84 21.42
N ARG A 1396 3.70 -4.94 20.20
CA ARG A 1396 2.27 -5.13 19.93
C ARG A 1396 1.53 -3.90 20.44
N ASN A 1397 0.58 -4.05 21.36
CA ASN A 1397 -0.20 -2.95 21.94
C ASN A 1397 -1.08 -2.25 20.91
N VAL A 1398 -1.33 -2.87 19.77
CA VAL A 1398 -2.24 -2.33 18.76
C VAL A 1398 -3.13 -3.47 18.27
N LEU A 1399 -4.44 -3.34 18.50
CA LEU A 1399 -5.37 -4.38 18.11
C LEU A 1399 -5.70 -4.30 16.62
N ASP A 1400 -6.13 -5.43 16.06
CA ASP A 1400 -6.36 -5.51 14.62
C ASP A 1400 -7.59 -4.72 14.20
N GLY A 1401 -8.72 -4.94 14.88
CA GLY A 1401 -9.97 -4.30 14.46
C GLY A 1401 -10.63 -4.96 13.27
N GLU A 1402 -9.87 -5.19 12.19
CA GLU A 1402 -10.39 -5.99 11.08
C GLU A 1402 -10.71 -7.41 11.53
N LEU A 1403 -9.90 -7.95 12.44
CA LEU A 1403 -10.18 -9.25 13.02
C LEU A 1403 -11.30 -9.19 14.06
N LEU A 1404 -11.37 -8.08 14.81
CA LEU A 1404 -12.42 -7.94 15.82
C LEU A 1404 -13.81 -7.88 15.19
N ASN A 1405 -13.90 -7.43 13.93
CA ASN A 1405 -15.19 -7.30 13.26
C ASN A 1405 -15.87 -8.65 13.02
N ARG A 1406 -15.08 -9.74 12.96
CA ARG A 1406 -15.67 -11.05 12.70
C ARG A 1406 -16.54 -11.53 13.84
N TYR A 1407 -16.28 -11.05 15.06
CA TYR A 1407 -17.16 -11.37 16.18
C TYR A 1407 -18.58 -10.88 15.94
N LEU A 1408 -18.72 -9.67 15.36
CA LEU A 1408 -20.03 -9.20 14.94
C LEU A 1408 -20.63 -10.10 13.87
N TYR A 1409 -19.80 -10.81 13.11
CA TYR A 1409 -20.29 -11.69 12.04
C TYR A 1409 -20.75 -13.03 12.59
N LEU A 1410 -20.25 -13.47 13.73
CA LEU A 1410 -20.71 -14.71 14.33
C LEU A 1410 -22.19 -14.61 14.71
N SER A 1411 -22.84 -15.77 14.82
CA SER A 1411 -24.22 -15.83 15.27
C SER A 1411 -24.30 -15.54 16.77
N THR A 1412 -25.53 -15.45 17.29
CA THR A 1412 -25.68 -15.18 18.72
C THR A 1412 -25.15 -16.34 19.55
N MET A 1413 -25.41 -17.59 19.13
CA MET A 1413 -24.88 -18.75 19.84
C MET A 1413 -23.35 -18.77 19.81
N GLU A 1414 -22.77 -18.49 18.64
CA GLU A 1414 -21.32 -18.50 18.53
C GLU A 1414 -20.69 -17.38 19.38
N ARG A 1415 -21.30 -16.19 19.35
CA ARG A 1415 -20.82 -15.10 20.18
C ARG A 1415 -20.92 -15.45 21.66
N SER A 1416 -22.01 -16.09 22.07
CA SER A 1416 -22.19 -16.45 23.48
C SER A 1416 -21.16 -17.49 23.91
N GLU A 1417 -20.95 -18.52 23.10
CA GLU A 1417 -19.95 -19.54 23.46
C GLU A 1417 -18.55 -18.95 23.46
N LEU A 1418 -18.26 -18.05 22.53
CA LEU A 1418 -16.96 -17.41 22.49
C LEU A 1418 -16.74 -16.55 23.73
N ALA A 1419 -17.75 -15.77 24.13
CA ALA A 1419 -17.64 -14.98 25.35
C ALA A 1419 -17.53 -15.85 26.58
N LYS A 1420 -18.17 -17.03 26.58
CA LYS A 1420 -17.99 -17.98 27.67
C LYS A 1420 -16.55 -18.44 27.77
N LYS A 1421 -15.95 -18.78 26.63
CA LYS A 1421 -14.55 -19.21 26.63
C LYS A 1421 -13.62 -18.07 27.03
N ILE A 1422 -13.94 -16.83 26.65
CA ILE A 1422 -13.11 -15.69 27.04
C ILE A 1422 -13.23 -15.42 28.53
N GLY A 1423 -14.44 -15.56 29.08
CA GLY A 1423 -14.71 -15.19 30.45
C GLY A 1423 -15.45 -13.88 30.63
N THR A 1424 -16.01 -13.32 29.57
CA THR A 1424 -16.70 -12.03 29.61
C THR A 1424 -18.12 -12.20 29.09
N THR A 1425 -18.86 -11.09 29.11
CA THR A 1425 -20.24 -11.04 28.64
C THR A 1425 -20.29 -10.62 27.19
N PRO A 1426 -21.10 -11.28 26.35
CA PRO A 1426 -21.28 -10.81 24.98
C PRO A 1426 -21.68 -9.36 24.92
N ASP A 1427 -22.46 -8.88 25.89
CA ASP A 1427 -22.84 -7.47 25.92
C ASP A 1427 -21.65 -6.58 26.20
N ILE A 1428 -20.72 -7.02 27.06
CA ILE A 1428 -19.51 -6.23 27.31
C ILE A 1428 -18.68 -6.13 26.03
N ILE A 1429 -18.48 -7.27 25.36
CA ILE A 1429 -17.69 -7.26 24.12
C ILE A 1429 -18.35 -6.36 23.08
N LEU A 1430 -19.68 -6.46 22.95
CA LEU A 1430 -20.40 -5.64 21.99
C LEU A 1430 -20.34 -4.17 22.34
N ASP A 1431 -20.44 -3.84 23.63
CA ASP A 1431 -20.32 -2.45 24.06
C ASP A 1431 -18.97 -1.88 23.64
N ASP A 1432 -17.88 -2.61 23.92
CA ASP A 1432 -16.56 -2.12 23.56
C ASP A 1432 -16.44 -1.93 22.04
N LEU A 1433 -16.86 -2.94 21.27
CA LEU A 1433 -16.71 -2.86 19.82
C LEU A 1433 -17.56 -1.73 19.23
N LEU A 1434 -18.82 -1.62 19.63
CA LEU A 1434 -19.69 -0.58 19.11
C LEU A 1434 -19.23 0.80 19.57
N GLU A 1435 -18.61 0.92 20.74
CA GLU A 1435 -18.08 2.21 21.16
C GLU A 1435 -16.88 2.61 20.31
N THR A 1436 -16.00 1.65 20.01
CA THR A 1436 -14.89 1.96 19.10
C THR A 1436 -15.41 2.36 17.72
N ASP A 1437 -16.51 1.74 17.28
CA ASP A 1437 -17.11 2.14 16.01
C ASP A 1437 -17.75 3.53 16.10
N ARG A 1438 -18.32 3.87 17.26
CA ARG A 1438 -19.01 5.15 17.41
C ARG A 1438 -18.03 6.31 17.47
N VAL A 1439 -16.88 6.12 18.13
CA VAL A 1439 -15.93 7.21 18.29
C VAL A 1439 -15.34 7.62 16.94
N THR A 1440 -15.16 6.66 16.03
CA THR A 1440 -14.47 6.92 14.76
C THR A 1440 -15.37 7.51 13.68
N ALA A 1441 -16.65 7.76 13.98
CA ALA A 1441 -17.58 8.28 12.97
C ALA A 1441 -17.21 9.72 12.63
N HIS A 1442 -16.61 9.92 11.45
CA HIS A 1442 -16.24 11.24 10.97
C HIS A 1442 -16.44 11.30 9.47
N PHE A 1443 -16.30 12.52 8.93
CA PHE A 1443 -16.38 12.77 7.50
C PHE A 1443 -17.73 12.37 6.91
N ARG B 23 38.58 19.11 -8.54
CA ARG B 23 37.57 20.17 -8.46
C ARG B 23 36.17 19.59 -8.66
N LYS B 24 36.08 18.27 -8.78
CA LYS B 24 34.81 17.60 -8.97
C LYS B 24 34.05 17.51 -7.65
N THR B 25 32.78 17.13 -7.75
CA THR B 25 31.92 16.96 -6.58
C THR B 25 30.75 16.08 -6.96
N ILE B 26 30.21 15.38 -5.96
CA ILE B 26 29.04 14.52 -6.14
C ILE B 26 28.04 14.83 -5.03
N ASP B 27 26.79 15.05 -5.41
CA ASP B 27 25.73 15.43 -4.50
C ASP B 27 24.63 14.38 -4.55
N TYR B 28 24.29 13.81 -3.39
CA TYR B 28 23.33 12.72 -3.31
C TYR B 28 21.88 13.20 -3.19
N ASN B 29 21.66 14.49 -2.92
CA ASN B 29 20.32 15.00 -2.74
C ASN B 29 19.41 14.78 -3.95
N PRO B 30 19.85 14.99 -5.20
CA PRO B 30 18.95 14.69 -6.33
C PRO B 30 18.51 13.24 -6.39
N SER B 31 19.43 12.30 -6.14
CA SER B 31 19.06 10.89 -6.17
C SER B 31 18.09 10.56 -5.04
N VAL B 32 18.33 11.10 -3.84
CA VAL B 32 17.41 10.86 -2.73
C VAL B 32 16.02 11.43 -3.05
N ILE B 33 15.98 12.60 -3.67
CA ILE B 33 14.70 13.23 -4.01
C ILE B 33 13.96 12.40 -5.06
N LYS B 34 14.68 11.95 -6.09
CA LYS B 34 14.05 11.12 -7.11
C LYS B 34 13.53 9.82 -6.52
N TYR B 35 14.26 9.23 -5.57
CA TYR B 35 13.79 8.02 -4.93
C TYR B 35 12.56 8.28 -4.07
N LEU B 36 12.52 9.43 -3.38
CA LEU B 36 11.33 9.78 -2.60
C LEU B 36 10.12 9.98 -3.51
N GLU B 37 10.35 10.55 -4.70
CA GLU B 37 9.26 10.69 -5.66
C GLU B 37 8.86 9.34 -6.25
N ASN B 38 9.78 8.38 -6.29
CA ASN B 38 9.46 7.05 -6.80
C ASN B 38 8.64 6.24 -5.81
N ARG B 39 8.95 6.36 -4.51
CA ARG B 39 8.34 5.51 -3.50
C ARG B 39 6.82 5.59 -3.51
N ILE B 40 6.26 6.75 -3.87
CA ILE B 40 4.81 6.93 -3.74
C ILE B 40 4.06 6.08 -4.76
N TRP B 41 4.62 5.92 -5.96
CA TRP B 41 3.91 5.21 -7.03
C TRP B 41 4.65 3.95 -7.49
N GLN B 42 5.69 3.52 -6.78
CA GLN B 42 6.42 2.30 -7.11
C GLN B 42 6.41 1.38 -5.89
N ARG B 43 5.85 0.18 -6.07
CA ARG B 43 5.84 -0.79 -4.98
C ARG B 43 7.24 -1.22 -4.60
N ASP B 44 8.08 -1.52 -5.60
CA ASP B 44 9.45 -1.96 -5.37
C ASP B 44 10.22 -1.75 -6.66
N GLN B 45 11.34 -2.47 -6.82
CA GLN B 45 12.19 -2.26 -7.98
C GLN B 45 11.58 -2.76 -9.27
N ARG B 46 10.62 -3.70 -9.20
CA ARG B 46 9.96 -4.16 -10.42
C ARG B 46 9.04 -3.10 -11.02
N ASP B 47 8.77 -2.02 -10.28
CA ASP B 47 8.03 -0.89 -10.82
C ASP B 47 8.93 0.26 -11.26
N MET B 48 10.19 0.27 -10.85
CA MET B 48 11.10 1.35 -11.24
C MET B 48 11.42 1.24 -12.73
N ARG B 49 11.35 2.37 -13.43
CA ARG B 49 11.66 2.39 -14.85
C ARG B 49 13.15 2.14 -15.06
N ALA B 50 13.51 1.91 -16.32
CA ALA B 50 14.89 1.58 -16.66
C ALA B 50 15.73 2.85 -16.75
N ILE B 51 16.83 2.87 -16.00
CA ILE B 51 17.83 3.93 -16.15
C ILE B 51 18.65 3.59 -17.38
N GLN B 52 18.44 4.34 -18.46
CA GLN B 52 19.14 4.04 -19.71
C GLN B 52 20.62 4.32 -19.57
N PRO B 53 21.48 3.49 -20.18
CA PRO B 53 22.91 3.80 -20.18
C PRO B 53 23.24 4.99 -21.07
N ASP B 54 22.74 6.16 -20.70
CA ASP B 54 22.91 7.38 -21.46
C ASP B 54 23.17 8.53 -20.49
N ALA B 55 24.02 9.46 -20.90
CA ALA B 55 24.39 10.57 -20.03
C ALA B 55 23.22 11.49 -19.72
N GLY B 56 22.19 11.52 -20.56
CA GLY B 56 21.04 12.37 -20.32
C GLY B 56 20.16 11.92 -19.16
N TYR B 57 20.30 10.66 -18.73
CA TYR B 57 19.48 10.11 -17.65
C TYR B 57 20.12 10.35 -16.28
N TYR B 58 20.60 11.57 -16.05
CA TYR B 58 21.30 11.87 -14.81
C TYR B 58 20.37 12.03 -13.62
N ASN B 59 19.15 12.54 -13.84
CA ASN B 59 18.20 12.75 -12.75
C ASN B 59 17.43 11.50 -12.38
N ASP B 60 17.61 10.39 -13.10
CA ASP B 60 16.94 9.14 -12.79
C ASP B 60 17.69 8.31 -11.75
N LEU B 61 18.87 8.76 -11.34
CA LEU B 61 19.66 8.02 -10.36
C LEU B 61 18.97 8.01 -9.00
N VAL B 62 19.17 6.92 -8.27
CA VAL B 62 18.65 6.77 -6.91
C VAL B 62 19.75 6.18 -6.03
N PRO B 63 19.68 6.41 -4.72
CA PRO B 63 20.67 5.83 -3.81
C PRO B 63 20.60 4.31 -3.82
N PRO B 64 21.54 3.62 -3.16
CA PRO B 64 21.47 2.15 -3.11
C PRO B 64 20.13 1.59 -2.66
N ILE B 65 19.49 2.19 -1.64
CA ILE B 65 18.21 1.70 -1.16
C ILE B 65 17.13 1.74 -2.24
N GLY B 66 17.36 2.49 -3.31
CA GLY B 66 16.42 2.54 -4.42
C GLY B 66 16.52 1.38 -5.38
N MET B 67 17.56 0.54 -5.26
CA MET B 67 17.65 -0.66 -6.10
C MET B 67 18.38 -1.76 -5.30
N LEU B 68 17.61 -2.42 -4.43
CA LEU B 68 18.16 -3.51 -3.64
C LEU B 68 18.38 -4.77 -4.46
N ASN B 69 17.68 -4.93 -5.58
CA ASN B 69 17.84 -6.09 -6.44
C ASN B 69 19.06 -5.99 -7.34
N ASN B 70 19.86 -4.94 -7.26
CA ASN B 70 21.00 -4.73 -8.16
C ASN B 70 22.16 -4.08 -7.43
N PRO B 71 22.76 -4.79 -6.46
CA PRO B 71 23.91 -4.22 -5.72
C PRO B 71 25.05 -3.79 -6.62
N MET B 72 25.08 -4.24 -7.87
CA MET B 72 26.11 -3.80 -8.81
C MET B 72 26.19 -2.29 -8.89
N ASN B 73 25.05 -1.58 -8.71
CA ASN B 73 25.09 -0.13 -8.80
C ASN B 73 26.12 0.46 -7.84
N ALA B 74 26.37 -0.20 -6.70
CA ALA B 74 27.28 0.30 -5.70
C ALA B 74 28.72 -0.18 -5.89
N VAL B 75 29.09 -0.60 -7.10
CA VAL B 75 30.48 -0.92 -7.41
C VAL B 75 31.13 0.39 -7.84
N THR B 76 31.81 1.05 -6.90
CA THR B 76 32.35 2.39 -7.11
C THR B 76 33.79 2.28 -7.62
N THR B 77 33.94 2.25 -8.94
CA THR B 77 35.26 2.23 -9.58
C THR B 77 35.53 3.50 -10.38
N LYS B 78 34.72 4.55 -10.20
CA LYS B 78 34.92 5.82 -10.88
C LYS B 78 35.62 6.77 -9.92
N PHE B 79 36.90 7.05 -10.18
CA PHE B 79 37.66 7.97 -9.34
C PHE B 79 37.07 9.38 -9.44
N VAL B 80 36.91 10.01 -8.28
CA VAL B 80 36.34 11.36 -8.19
C VAL B 80 37.42 12.37 -7.80
N ARG B 81 37.98 12.24 -6.61
CA ARG B 81 38.89 13.24 -6.06
C ARG B 81 39.88 12.56 -5.14
N THR B 82 41.15 12.94 -5.29
CA THR B 82 42.21 12.54 -4.36
C THR B 82 42.43 13.68 -3.37
N SER B 83 42.47 13.34 -2.08
CA SER B 83 42.67 14.29 -1.01
C SER B 83 43.99 13.96 -0.32
N THR B 84 44.85 14.97 -0.20
CA THR B 84 46.18 14.80 0.36
C THR B 84 46.46 15.97 1.30
N ASN B 85 46.95 15.66 2.50
CA ASN B 85 47.24 16.69 3.48
C ASN B 85 48.36 17.59 2.99
N LYS B 86 48.43 18.79 3.58
CA LYS B 86 49.52 19.70 3.28
C LYS B 86 50.87 19.06 3.61
N VAL B 87 50.96 18.41 4.77
CA VAL B 87 52.12 17.60 5.14
C VAL B 87 51.73 16.15 4.93
N LYS B 88 52.31 15.53 3.89
CA LYS B 88 51.89 14.19 3.50
C LYS B 88 52.40 13.15 4.49
N CYS B 89 51.50 12.30 4.97
CA CYS B 89 51.81 11.21 5.87
C CYS B 89 50.95 10.01 5.48
N PRO B 90 51.46 8.80 5.66
CA PRO B 90 50.68 7.60 5.31
C PRO B 90 49.38 7.54 6.11
N VAL B 91 48.27 7.43 5.40
CA VAL B 91 46.94 7.40 6.02
C VAL B 91 46.68 5.99 6.54
N PHE B 92 46.38 5.89 7.84
CA PHE B 92 46.15 4.59 8.45
C PHE B 92 44.68 4.28 8.67
N VAL B 93 43.81 5.28 8.80
CA VAL B 93 42.39 4.97 8.96
C VAL B 93 41.56 6.10 8.36
N VAL B 94 40.41 5.74 7.78
CA VAL B 94 39.44 6.70 7.28
C VAL B 94 38.06 6.31 7.76
N ARG B 95 37.30 7.29 8.23
CA ARG B 95 35.97 7.04 8.78
C ARG B 95 35.06 8.23 8.49
N TRP B 96 33.89 7.97 7.94
CA TRP B 96 32.89 9.01 7.81
C TRP B 96 32.28 9.32 9.16
N THR B 97 31.88 10.57 9.36
CA THR B 97 31.04 10.89 10.49
C THR B 97 29.67 10.22 10.31
N PRO B 98 28.95 9.94 11.39
CA PRO B 98 27.70 9.17 11.27
C PRO B 98 26.72 9.73 10.26
N GLU B 99 26.56 11.05 10.20
CA GLU B 99 25.64 11.66 9.25
C GLU B 99 26.23 11.73 7.84
N GLY B 100 27.54 11.56 7.69
CA GLY B 100 28.19 11.69 6.41
C GLY B 100 28.64 13.09 6.06
N ARG B 101 28.62 14.02 7.02
CA ARG B 101 29.05 15.39 6.76
C ARG B 101 30.52 15.43 6.34
N ARG B 102 31.40 15.04 7.24
CA ARG B 102 32.84 15.11 7.01
C ARG B 102 33.46 13.73 7.13
N LEU B 103 34.52 13.52 6.35
CA LEU B 103 35.32 12.31 6.45
C LEU B 103 36.58 12.62 7.23
N VAL B 104 36.90 11.77 8.21
CA VAL B 104 38.09 11.90 9.03
C VAL B 104 39.14 10.93 8.51
N THR B 105 40.37 11.41 8.37
CA THR B 105 41.51 10.57 8.08
C THR B 105 42.48 10.66 9.25
N GLY B 106 42.75 9.52 9.89
CA GLY B 106 43.77 9.42 10.89
C GLY B 106 45.07 8.96 10.25
N ALA B 107 46.09 9.81 10.36
CA ALA B 107 47.38 9.63 9.70
C ALA B 107 48.45 9.22 10.70
N SER B 108 49.63 8.88 10.16
CA SER B 108 50.77 8.50 11.00
C SER B 108 51.30 9.68 11.82
N SER B 109 51.01 10.90 11.40
CA SER B 109 51.38 12.08 12.18
C SER B 109 50.54 12.25 13.42
N GLY B 110 49.66 11.29 13.73
CA GLY B 110 48.72 11.47 14.81
C GLY B 110 47.67 12.52 14.52
N GLU B 111 47.47 12.85 13.25
CA GLU B 111 46.59 13.94 12.86
C GLU B 111 45.25 13.39 12.36
N PHE B 112 44.18 14.09 12.75
CA PHE B 112 42.86 13.93 12.15
C PHE B 112 42.69 15.01 11.09
N THR B 113 42.45 14.60 9.85
CA THR B 113 42.15 15.53 8.77
C THR B 113 40.67 15.39 8.41
N LEU B 114 39.92 16.47 8.58
CA LEU B 114 38.49 16.51 8.31
C LEU B 114 38.26 17.13 6.95
N TRP B 115 37.76 16.33 6.01
CA TRP B 115 37.41 16.75 4.66
C TRP B 115 35.89 16.83 4.53
N ASN B 116 35.44 17.71 3.65
CA ASN B 116 34.01 17.83 3.39
C ASN B 116 33.50 16.62 2.62
N GLY B 117 32.35 16.10 3.04
CA GLY B 117 31.80 14.90 2.43
C GLY B 117 31.10 15.11 1.10
N LEU B 118 30.84 16.35 0.72
CA LEU B 118 30.17 16.66 -0.54
C LEU B 118 31.11 17.23 -1.60
N THR B 119 32.10 18.02 -1.20
CA THR B 119 33.04 18.62 -2.14
C THR B 119 34.45 18.06 -2.03
N PHE B 120 34.73 17.26 -1.01
CA PHE B 120 36.03 16.60 -0.81
C PHE B 120 37.17 17.59 -0.65
N ASN B 121 36.86 18.84 -0.31
CA ASN B 121 37.88 19.84 -0.06
C ASN B 121 38.32 19.81 1.39
N PHE B 122 39.49 20.37 1.65
CA PHE B 122 40.03 20.42 3.01
C PHE B 122 39.15 21.30 3.89
N GLU B 123 38.74 20.78 5.03
CA GLU B 123 38.03 21.58 6.01
C GLU B 123 38.94 21.93 7.18
N THR B 124 39.32 20.93 7.99
CA THR B 124 40.11 21.21 9.18
C THR B 124 41.15 20.12 9.39
N ILE B 125 42.05 20.37 10.35
CA ILE B 125 43.09 19.42 10.74
C ILE B 125 43.39 19.64 12.21
N LEU B 126 43.58 18.53 12.94
CA LEU B 126 43.84 18.58 14.38
C LEU B 126 44.94 17.59 14.74
N GLN B 127 45.85 18.03 15.61
CA GLN B 127 46.90 17.17 16.15
C GLN B 127 46.30 16.41 17.34
N ALA B 128 45.57 15.35 17.01
CA ALA B 128 44.82 14.63 18.03
C ALA B 128 45.67 13.63 18.79
N HIS B 129 46.70 13.07 18.15
CA HIS B 129 47.55 12.07 18.79
C HIS B 129 49.01 12.44 18.59
N ASP B 130 49.83 12.11 19.59
CA ASP B 130 51.27 12.21 19.45
C ASP B 130 51.87 11.03 18.70
N SER B 131 51.10 9.95 18.52
CA SER B 131 51.51 8.72 17.89
C SER B 131 50.60 8.39 16.70
N PRO B 132 51.09 7.65 15.71
CA PRO B 132 50.22 7.25 14.58
C PRO B 132 48.90 6.64 15.01
N VAL B 133 47.80 7.35 14.77
CA VAL B 133 46.48 6.85 15.16
C VAL B 133 46.09 5.70 14.23
N ARG B 134 45.93 4.51 14.80
CA ARG B 134 45.63 3.32 14.02
C ARG B 134 44.16 2.96 13.99
N ALA B 135 43.40 3.24 15.06
CA ALA B 135 42.01 2.83 15.17
C ALA B 135 41.11 4.05 15.31
N MET B 136 39.98 4.02 14.61
CA MET B 136 38.98 5.07 14.67
C MET B 136 37.62 4.46 14.38
N THR B 137 36.71 4.54 15.34
CA THR B 137 35.39 3.94 15.19
C THR B 137 34.33 4.84 15.81
N TRP B 138 33.14 4.84 15.21
CA TRP B 138 32.01 5.58 15.74
C TRP B 138 31.04 4.62 16.42
N SER B 139 30.52 5.03 17.58
CA SER B 139 29.57 4.21 18.31
C SER B 139 28.28 4.06 17.50
N HIS B 140 27.49 3.04 17.87
CA HIS B 140 26.23 2.80 17.16
C HIS B 140 25.28 3.97 17.33
N ASN B 141 25.16 4.51 18.53
CA ASN B 141 24.61 5.85 18.68
C ASN B 141 25.65 6.86 18.25
N ASP B 142 25.20 7.91 17.56
CA ASP B 142 26.09 8.85 16.90
C ASP B 142 26.76 9.83 17.86
N MET B 143 26.88 9.50 19.15
CA MET B 143 27.38 10.47 20.11
C MET B 143 28.90 10.48 20.18
N TRP B 144 29.54 9.33 20.06
CA TRP B 144 30.94 9.17 20.43
C TRP B 144 31.78 8.69 19.25
N MET B 145 33.02 9.18 19.18
CA MET B 145 34.04 8.65 18.29
C MET B 145 35.24 8.23 19.13
N LEU B 146 35.59 6.95 19.06
CA LEU B 146 36.71 6.39 19.81
C LEU B 146 37.91 6.23 18.89
N THR B 147 39.09 6.57 19.39
CA THR B 147 40.31 6.46 18.59
C THR B 147 41.43 5.88 19.42
N ALA B 148 42.45 5.36 18.73
CA ALA B 148 43.61 4.76 19.38
C ALA B 148 44.80 4.84 18.45
N ASP B 149 45.98 5.04 19.04
CA ASP B 149 47.21 5.29 18.29
C ASP B 149 48.22 4.19 18.50
N HIS B 150 49.31 4.26 17.73
CA HIS B 150 50.36 3.25 17.78
C HIS B 150 51.11 3.35 19.10
N GLY B 151 51.11 2.26 19.87
CA GLY B 151 51.72 2.25 21.19
C GLY B 151 51.15 3.30 22.09
N GLY B 152 49.88 3.65 21.90
CA GLY B 152 49.30 4.81 22.53
C GLY B 152 48.01 4.51 23.28
N TYR B 153 47.16 5.53 23.32
CA TYR B 153 46.04 5.59 24.24
C TYR B 153 44.70 5.59 23.51
N VAL B 154 43.63 5.35 24.24
CA VAL B 154 42.28 5.46 23.73
C VAL B 154 41.74 6.85 24.04
N LYS B 155 41.24 7.54 23.02
CA LYS B 155 40.73 8.89 23.16
C LYS B 155 39.26 8.91 22.76
N TYR B 156 38.43 9.51 23.61
CA TYR B 156 37.03 9.74 23.31
C TYR B 156 36.86 11.10 22.65
N TRP B 157 35.89 11.20 21.75
CA TRP B 157 35.64 12.43 21.02
C TRP B 157 34.14 12.66 20.91
N GLN B 158 33.70 13.86 21.27
CA GLN B 158 32.32 14.26 21.06
C GLN B 158 32.04 14.39 19.57
N SER B 159 30.81 14.79 19.24
CA SER B 159 30.45 15.02 17.85
C SER B 159 31.18 16.25 17.29
N ASN B 160 31.54 17.20 18.16
CA ASN B 160 32.22 18.42 17.73
C ASN B 160 33.73 18.28 17.73
N MET B 161 34.25 17.05 17.74
CA MET B 161 35.69 16.78 17.66
C MET B 161 36.46 17.36 18.85
N ASN B 162 35.83 17.45 20.01
CA ASN B 162 36.47 17.92 21.22
C ASN B 162 36.72 16.72 22.13
N ASN B 163 37.98 16.50 22.50
CA ASN B 163 38.32 15.36 23.33
C ASN B 163 37.81 15.56 24.75
N VAL B 164 37.22 14.51 25.31
CA VAL B 164 36.71 14.54 26.68
C VAL B 164 37.47 13.59 27.60
N LYS B 165 38.13 12.56 27.08
CA LYS B 165 38.84 11.60 27.92
C LYS B 165 39.97 10.96 27.13
N MET B 166 41.16 11.00 27.71
CA MET B 166 42.32 10.26 27.23
C MET B 166 42.66 9.20 28.26
N PHE B 167 42.93 7.97 27.81
CA PHE B 167 43.05 6.85 28.73
C PHE B 167 44.11 5.88 28.24
N GLN B 168 45.03 5.52 29.13
CA GLN B 168 46.06 4.54 28.83
C GLN B 168 45.44 3.16 28.72
N ALA B 169 45.44 2.59 27.52
CA ALA B 169 44.81 1.29 27.28
C ALA B 169 45.84 0.17 27.24
N HIS B 170 46.81 0.25 26.33
CA HIS B 170 47.83 -0.78 26.18
C HIS B 170 49.21 -0.14 26.18
N LYS B 171 50.19 -0.86 26.71
CA LYS B 171 51.58 -0.44 26.64
C LYS B 171 52.20 -0.69 25.27
N GLU B 172 51.47 -1.31 24.35
CA GLU B 172 51.96 -1.55 23.00
C GLU B 172 50.96 -1.03 21.98
N ALA B 173 51.15 -1.37 20.71
CA ALA B 173 50.37 -0.77 19.64
C ALA B 173 48.96 -1.34 19.58
N ILE B 174 47.96 -0.45 19.65
CA ILE B 174 46.56 -0.84 19.46
C ILE B 174 46.25 -0.79 17.97
N ARG B 175 45.73 -1.90 17.44
CA ARG B 175 45.48 -2.01 16.01
C ARG B 175 44.05 -1.68 15.62
N GLU B 176 43.07 -1.98 16.46
CA GLU B 176 41.67 -1.73 16.10
C GLU B 176 40.81 -1.75 17.36
N ALA B 177 39.63 -1.13 17.26
CA ALA B 177 38.66 -1.13 18.33
C ALA B 177 37.26 -1.16 17.72
N SER B 178 36.31 -1.74 18.45
CA SER B 178 34.94 -1.83 17.98
C SER B 178 33.99 -1.73 19.18
N PHE B 179 32.79 -1.24 18.92
CA PHE B 179 31.80 -1.00 19.97
C PHE B 179 30.83 -2.16 20.10
N SER B 180 30.37 -2.38 21.33
CA SER B 180 29.27 -3.30 21.59
C SER B 180 27.99 -2.73 20.98
N PRO B 181 27.00 -3.60 20.69
CA PRO B 181 25.73 -3.09 20.16
C PRO B 181 25.09 -1.99 21.01
N THR B 182 25.14 -2.11 22.33
CA THR B 182 24.58 -1.09 23.20
C THR B 182 25.54 0.07 23.45
N ASP B 183 26.77 -0.01 22.93
CA ASP B 183 27.81 1.00 23.06
C ASP B 183 28.26 1.22 24.50
N ASN B 184 27.82 0.39 25.44
CA ASN B 184 28.27 0.55 26.82
C ASN B 184 29.69 0.03 27.03
N LYS B 185 30.17 -0.83 26.15
CA LYS B 185 31.48 -1.44 26.28
C LYS B 185 32.12 -1.56 24.90
N PHE B 186 33.45 -1.73 24.89
CA PHE B 186 34.17 -1.85 23.63
C PHE B 186 35.41 -2.71 23.83
N ALA B 187 35.86 -3.32 22.73
CA ALA B 187 37.01 -4.21 22.73
C ALA B 187 38.13 -3.63 21.87
N THR B 188 39.36 -3.79 22.34
CA THR B 188 40.54 -3.31 21.64
C THR B 188 41.56 -4.44 21.52
N CYS B 189 42.07 -4.65 20.31
CA CYS B 189 43.16 -5.58 20.08
C CYS B 189 44.46 -4.82 19.93
N SER B 190 45.53 -5.35 20.52
CA SER B 190 46.80 -4.65 20.57
C SER B 190 47.93 -5.58 20.15
N ASP B 191 49.10 -4.98 19.93
CA ASP B 191 50.29 -5.70 19.50
C ASP B 191 50.91 -6.55 20.61
N ASP B 192 50.37 -6.52 21.82
CA ASP B 192 50.83 -7.40 22.89
C ASP B 192 50.20 -8.79 22.80
N GLY B 193 49.56 -9.12 21.68
CA GLY B 193 48.92 -10.41 21.53
C GLY B 193 47.69 -10.60 22.39
N THR B 194 47.04 -9.51 22.81
CA THR B 194 45.89 -9.60 23.69
C THR B 194 44.73 -8.79 23.13
N VAL B 195 43.54 -9.09 23.63
CA VAL B 195 42.33 -8.32 23.34
C VAL B 195 41.70 -7.94 24.68
N ARG B 196 41.61 -6.65 24.95
CA ARG B 196 41.05 -6.19 26.22
C ARG B 196 39.67 -5.59 26.00
N ILE B 197 38.78 -5.80 26.96
CA ILE B 197 37.40 -5.37 26.88
C ILE B 197 37.12 -4.43 28.05
N TRP B 198 36.58 -3.25 27.73
CA TRP B 198 36.46 -2.12 28.64
C TRP B 198 35.03 -1.63 28.66
N ASP B 199 34.63 -1.08 29.81
CA ASP B 199 33.36 -0.37 29.93
C ASP B 199 33.53 1.06 29.43
N PHE B 200 32.55 1.55 28.67
CA PHE B 200 32.71 2.85 28.02
C PHE B 200 32.39 4.00 28.96
N LEU B 201 31.33 3.88 29.77
CA LEU B 201 30.96 4.98 30.66
C LEU B 201 32.10 5.33 31.60
N ARG B 202 32.72 4.31 32.21
CA ARG B 202 33.95 4.50 32.95
C ARG B 202 35.14 4.41 31.99
N CYS B 203 36.33 4.54 32.54
CA CYS B 203 37.58 4.22 31.83
C CYS B 203 38.24 3.08 32.60
N HIS B 204 37.59 1.92 32.60
CA HIS B 204 38.04 0.77 33.36
C HIS B 204 38.26 -0.42 32.44
N GLU B 205 39.31 -1.18 32.74
CA GLU B 205 39.62 -2.41 32.01
C GLU B 205 38.80 -3.53 32.63
N GLU B 206 37.72 -3.94 31.95
CA GLU B 206 36.92 -5.04 32.46
C GLU B 206 37.72 -6.34 32.41
N ARG B 207 37.89 -6.91 31.22
CA ARG B 207 38.44 -8.26 31.11
C ARG B 207 39.55 -8.32 30.08
N ILE B 208 40.40 -9.33 30.22
CA ILE B 208 41.54 -9.57 29.34
C ILE B 208 41.32 -10.89 28.60
N LEU B 209 41.76 -10.94 27.35
CA LEU B 209 41.77 -12.16 26.54
C LEU B 209 43.18 -12.34 26.01
N ARG B 210 43.88 -13.39 26.47
CA ARG B 210 45.29 -13.57 26.17
C ARG B 210 45.57 -14.86 25.40
N GLY B 211 44.60 -15.39 24.67
CA GLY B 211 44.79 -16.66 24.01
C GLY B 211 45.51 -16.62 22.68
N HIS B 212 46.24 -15.54 22.41
CA HIS B 212 46.92 -15.36 21.14
C HIS B 212 48.43 -15.43 21.30
N GLY B 213 49.12 -15.46 20.17
CA GLY B 213 50.57 -15.43 20.15
C GLY B 213 51.12 -14.04 20.35
N ALA B 214 51.11 -13.24 19.28
CA ALA B 214 51.59 -11.87 19.35
C ALA B 214 50.95 -11.05 18.23
N ASP B 215 50.81 -9.75 18.48
CA ASP B 215 50.31 -8.80 17.49
C ASP B 215 48.92 -9.17 16.98
N VAL B 216 47.88 -8.83 17.73
CA VAL B 216 46.52 -8.95 17.24
C VAL B 216 46.21 -7.72 16.40
N LYS B 217 45.89 -7.93 15.12
CA LYS B 217 45.78 -6.83 14.18
C LYS B 217 44.35 -6.46 13.82
N CYS B 218 43.36 -7.24 14.24
CA CYS B 218 41.98 -6.87 13.95
C CYS B 218 41.05 -7.43 15.02
N VAL B 219 39.96 -6.70 15.27
CA VAL B 219 38.98 -7.08 16.28
C VAL B 219 37.63 -6.54 15.85
N ASP B 220 36.58 -7.30 16.16
CA ASP B 220 35.23 -6.90 15.78
C ASP B 220 34.23 -7.45 16.78
N TRP B 221 33.25 -6.60 17.14
CA TRP B 221 32.18 -6.99 18.05
C TRP B 221 30.93 -7.33 17.25
N HIS B 222 30.23 -8.38 17.68
CA HIS B 222 29.04 -8.83 16.98
C HIS B 222 27.93 -7.78 17.11
N PRO B 223 27.13 -7.61 16.05
CA PRO B 223 26.07 -6.58 16.10
C PRO B 223 24.93 -6.91 17.06
N THR B 224 24.69 -8.17 17.37
CA THR B 224 23.59 -8.53 18.28
C THR B 224 24.08 -9.44 19.39
N LYS B 225 24.61 -10.61 19.02
CA LYS B 225 25.11 -11.56 20.00
C LYS B 225 26.28 -10.96 20.78
N GLY B 226 26.53 -11.52 21.95
CA GLY B 226 27.65 -11.11 22.77
C GLY B 226 28.88 -11.98 22.55
N LEU B 227 29.64 -11.69 21.50
CA LEU B 227 30.89 -12.38 21.25
C LEU B 227 31.76 -11.49 20.37
N VAL B 228 33.08 -11.62 20.54
CA VAL B 228 34.06 -10.77 19.87
C VAL B 228 35.03 -11.65 19.09
N VAL B 229 35.36 -11.22 17.87
CA VAL B 229 36.27 -11.94 16.99
C VAL B 229 37.57 -11.17 16.91
N SER B 230 38.68 -11.89 16.86
CA SER B 230 40.01 -11.28 16.77
C SER B 230 40.87 -12.04 15.78
N GLY B 231 41.77 -11.30 15.14
CA GLY B 231 42.71 -11.87 14.19
C GLY B 231 44.09 -11.27 14.36
N SER B 232 45.11 -12.13 14.33
CA SER B 232 46.46 -11.77 14.78
C SER B 232 47.49 -12.27 13.78
N LYS B 233 48.76 -12.08 14.13
CA LYS B 233 49.88 -12.58 13.35
C LYS B 233 50.09 -14.08 13.49
N ASP B 234 49.51 -14.69 14.53
CA ASP B 234 49.80 -16.08 14.85
C ASP B 234 49.39 -16.99 13.70
N SER B 235 50.24 -17.97 13.40
CA SER B 235 49.94 -18.98 12.38
C SER B 235 49.22 -20.19 12.94
N GLN B 236 49.27 -20.39 14.26
CA GLN B 236 48.58 -21.52 14.89
C GLN B 236 47.16 -21.17 15.33
N GLN B 237 46.93 -19.93 15.76
CA GLN B 237 45.61 -19.46 16.14
C GLN B 237 45.37 -18.10 15.48
N PRO B 238 45.06 -18.09 14.18
CA PRO B 238 44.86 -16.82 13.48
C PRO B 238 43.60 -16.09 13.93
N ILE B 239 42.44 -16.74 13.86
CA ILE B 239 41.18 -16.14 14.28
C ILE B 239 40.75 -16.78 15.59
N LYS B 240 40.22 -15.97 16.50
CA LYS B 240 39.75 -16.47 17.78
C LYS B 240 38.46 -15.76 18.18
N PHE B 241 37.49 -16.54 18.64
CA PHE B 241 36.24 -16.02 19.17
C PHE B 241 36.32 -15.93 20.69
N TRP B 242 35.56 -15.00 21.25
CA TRP B 242 35.65 -14.70 22.68
C TRP B 242 34.28 -14.34 23.23
N ASP B 243 34.07 -14.71 24.49
CA ASP B 243 32.91 -14.24 25.23
C ASP B 243 33.31 -12.96 25.97
N PRO B 244 32.63 -11.82 25.71
CA PRO B 244 33.08 -10.57 26.34
C PRO B 244 32.93 -10.56 27.86
N LYS B 245 31.73 -10.87 28.36
CA LYS B 245 31.52 -10.81 29.81
C LYS B 245 32.31 -11.89 30.54
N THR B 246 32.38 -13.09 29.98
CA THR B 246 33.05 -14.18 30.66
C THR B 246 34.56 -14.14 30.45
N GLY B 247 35.01 -13.81 29.24
CA GLY B 247 36.41 -13.82 28.92
C GLY B 247 36.92 -15.13 28.34
N GLN B 248 36.07 -16.13 28.22
CA GLN B 248 36.49 -17.44 27.73
C GLN B 248 36.60 -17.44 26.21
N SER B 249 37.52 -18.27 25.71
CA SER B 249 37.74 -18.41 24.27
C SER B 249 36.73 -19.41 23.73
N LEU B 250 35.78 -18.94 22.92
CA LEU B 250 34.73 -19.81 22.42
C LEU B 250 35.27 -20.82 21.40
N ALA B 251 36.06 -20.35 20.44
CA ALA B 251 36.57 -21.22 19.40
C ALA B 251 37.78 -20.58 18.74
N THR B 252 38.49 -21.38 17.95
CA THR B 252 39.65 -20.93 17.18
C THR B 252 39.44 -21.31 15.73
N LEU B 253 39.62 -20.34 14.83
CA LEU B 253 39.41 -20.51 13.40
C LEU B 253 40.76 -20.40 12.70
N HIS B 254 41.16 -21.49 12.03
CA HIS B 254 42.38 -21.54 11.23
C HIS B 254 42.03 -21.24 9.77
N ALA B 255 41.72 -19.96 9.52
CA ALA B 255 41.25 -19.58 8.20
C ALA B 255 42.40 -19.35 7.23
N HIS B 256 43.52 -18.80 7.71
CA HIS B 256 44.64 -18.46 6.84
C HIS B 256 45.94 -18.92 7.49
N LYS B 257 46.98 -18.95 6.65
CA LYS B 257 48.34 -19.27 7.11
C LYS B 257 49.15 -18.02 7.41
N ASN B 258 48.94 -16.94 6.66
CA ASN B 258 49.57 -15.66 6.96
C ASN B 258 48.74 -14.91 7.99
N THR B 259 49.16 -13.67 8.29
CA THR B 259 48.48 -12.89 9.31
C THR B 259 47.13 -12.38 8.79
N VAL B 260 46.13 -12.44 9.66
CA VAL B 260 44.79 -11.97 9.31
C VAL B 260 44.76 -10.45 9.49
N MET B 261 44.51 -9.73 8.39
CA MET B 261 44.61 -8.28 8.44
C MET B 261 43.32 -7.64 8.94
N GLU B 262 42.17 -8.15 8.52
CA GLU B 262 40.90 -7.57 8.95
C GLU B 262 39.87 -8.67 9.16
N VAL B 263 38.97 -8.42 10.11
CA VAL B 263 37.87 -9.32 10.45
C VAL B 263 36.63 -8.47 10.70
N LYS B 264 35.54 -8.77 9.99
CA LYS B 264 34.31 -7.98 10.08
C LYS B 264 33.09 -8.90 10.03
N LEU B 265 32.17 -8.69 10.96
CA LEU B 265 30.93 -9.45 10.99
C LEU B 265 29.84 -8.69 10.26
N ASN B 266 29.18 -9.35 9.32
CA ASN B 266 28.06 -8.73 8.61
C ASN B 266 26.96 -8.36 9.60
N LEU B 267 26.21 -7.31 9.27
CA LEU B 267 25.17 -6.83 10.16
C LEU B 267 24.05 -7.84 10.35
N ASN B 268 23.93 -8.82 9.44
CA ASN B 268 22.92 -9.86 9.60
C ASN B 268 23.24 -10.81 10.74
N GLY B 269 24.46 -10.75 11.29
CA GLY B 269 24.85 -11.58 12.40
C GLY B 269 25.19 -13.01 12.06
N ASN B 270 25.09 -13.41 10.79
CA ASN B 270 25.34 -14.78 10.38
C ASN B 270 26.72 -14.97 9.76
N TRP B 271 27.29 -13.94 9.17
CA TRP B 271 28.49 -14.06 8.36
C TRP B 271 29.71 -13.47 9.06
N LEU B 272 30.87 -14.03 8.72
CA LEU B 272 32.17 -13.54 9.17
C LEU B 272 33.06 -13.38 7.94
N LEU B 273 33.62 -12.20 7.75
CA LEU B 273 34.52 -11.94 6.64
C LEU B 273 35.91 -11.66 7.18
N THR B 274 36.92 -12.21 6.50
CA THR B 274 38.31 -12.03 6.88
C THR B 274 39.13 -11.71 5.65
N ALA B 275 40.18 -10.90 5.86
CA ALA B 275 41.15 -10.56 4.84
C ALA B 275 42.54 -10.73 5.43
N SER B 276 43.39 -11.49 4.73
CA SER B 276 44.69 -11.88 5.24
C SER B 276 45.76 -11.68 4.17
N ARG B 277 47.01 -11.83 4.59
CA ARG B 277 48.15 -11.63 3.71
C ARG B 277 48.36 -12.77 2.73
N ASP B 278 47.60 -13.86 2.84
CA ASP B 278 47.76 -14.99 1.93
C ASP B 278 47.02 -14.72 0.63
N HIS B 279 46.77 -13.44 0.34
CA HIS B 279 46.15 -12.98 -0.89
C HIS B 279 44.67 -13.35 -0.98
N LEU B 280 44.01 -13.63 0.13
CA LEU B 280 42.68 -14.20 0.10
C LEU B 280 41.73 -13.44 1.02
N CYS B 281 40.47 -13.42 0.62
CA CYS B 281 39.38 -13.08 1.53
C CYS B 281 38.56 -14.34 1.78
N LYS B 282 37.92 -14.39 2.95
CA LYS B 282 37.18 -15.58 3.35
C LYS B 282 35.87 -15.19 4.02
N LEU B 283 34.85 -16.03 3.81
CA LEU B 283 33.54 -15.87 4.42
C LEU B 283 33.14 -17.15 5.11
N PHE B 284 32.71 -17.05 6.36
CA PHE B 284 32.31 -18.19 7.16
C PHE B 284 30.92 -17.95 7.73
N ASP B 285 30.17 -19.05 7.91
CA ASP B 285 28.92 -18.98 8.63
C ASP B 285 29.19 -19.05 10.12
N ILE B 286 28.67 -18.08 10.87
CA ILE B 286 29.01 -17.97 12.29
C ILE B 286 28.48 -19.17 13.07
N ARG B 287 27.44 -19.83 12.58
CA ARG B 287 26.85 -20.95 13.31
C ARG B 287 27.63 -22.24 13.10
N ASN B 288 28.13 -22.47 11.89
CA ASN B 288 28.88 -23.68 11.55
C ASN B 288 30.23 -23.26 11.00
N LEU B 289 31.29 -23.52 11.77
CA LEU B 289 32.64 -23.11 11.40
C LEU B 289 33.50 -24.26 10.90
N LYS B 290 32.90 -25.43 10.66
CA LYS B 290 33.69 -26.58 10.23
C LYS B 290 34.29 -26.38 8.85
N GLU B 291 33.52 -25.82 7.91
CA GLU B 291 33.98 -25.58 6.56
C GLU B 291 33.83 -24.11 6.20
N GLU B 292 34.70 -23.65 5.31
CA GLU B 292 34.65 -22.28 4.83
C GLU B 292 33.45 -22.10 3.90
N LEU B 293 32.61 -21.10 4.21
CA LEU B 293 31.43 -20.87 3.39
C LEU B 293 31.80 -20.36 2.01
N GLN B 294 32.84 -19.54 1.92
CA GLN B 294 33.24 -18.99 0.62
C GLN B 294 34.67 -18.49 0.69
N VAL B 295 35.37 -18.59 -0.43
CA VAL B 295 36.75 -18.12 -0.56
C VAL B 295 36.79 -17.13 -1.72
N PHE B 296 37.04 -15.86 -1.40
CA PHE B 296 37.19 -14.81 -2.40
C PHE B 296 38.65 -14.77 -2.81
N ARG B 297 38.91 -15.25 -4.03
CA ARG B 297 40.24 -15.28 -4.61
C ARG B 297 40.29 -14.35 -5.81
N GLY B 298 41.29 -13.50 -5.82
CA GLY B 298 41.38 -12.43 -6.79
C GLY B 298 42.09 -11.28 -6.12
N HIS B 299 43.36 -11.12 -6.46
CA HIS B 299 44.27 -10.07 -6.00
C HIS B 299 45.59 -10.30 -6.70
N LYS B 300 46.56 -9.41 -6.48
CA LYS B 300 47.91 -9.67 -6.92
C LYS B 300 48.85 -9.88 -5.75
N LYS B 301 48.61 -9.21 -4.63
CA LYS B 301 49.38 -9.39 -3.41
C LYS B 301 48.43 -9.68 -2.25
N GLU B 302 48.77 -9.19 -1.06
CA GLU B 302 47.98 -9.44 0.13
C GLU B 302 46.64 -8.69 0.04
N ALA B 303 45.79 -8.92 1.04
CA ALA B 303 44.52 -8.22 1.20
C ALA B 303 44.53 -7.55 2.56
N THR B 304 44.51 -6.21 2.57
CA THR B 304 44.78 -5.46 3.79
C THR B 304 43.58 -4.76 4.39
N ALA B 305 42.51 -4.53 3.63
CA ALA B 305 41.36 -3.78 4.13
C ALA B 305 40.09 -4.36 3.55
N VAL B 306 39.00 -4.23 4.30
CA VAL B 306 37.68 -4.72 3.89
C VAL B 306 36.62 -3.80 4.48
N ALA B 307 35.56 -3.55 3.71
CA ALA B 307 34.42 -2.77 4.16
C ALA B 307 33.14 -3.38 3.62
N TRP B 308 32.27 -3.81 4.54
CA TRP B 308 30.92 -4.23 4.14
C TRP B 308 30.10 -3.02 3.70
N HIS B 309 29.31 -3.21 2.66
CA HIS B 309 28.44 -2.14 2.21
C HIS B 309 27.34 -1.89 3.24
N PRO B 310 26.97 -0.62 3.47
CA PRO B 310 25.96 -0.33 4.49
C PRO B 310 24.53 -0.65 4.08
N VAL B 311 24.28 -0.92 2.79
CA VAL B 311 22.92 -1.14 2.31
C VAL B 311 22.79 -2.55 1.73
N HIS B 312 23.63 -2.88 0.75
CA HIS B 312 23.57 -4.18 0.10
C HIS B 312 24.20 -5.24 1.00
N GLU B 313 23.42 -6.27 1.33
CA GLU B 313 23.83 -7.24 2.34
C GLU B 313 24.98 -8.11 1.86
N GLY B 314 25.08 -8.37 0.56
CA GLY B 314 26.09 -9.29 0.07
C GLY B 314 27.32 -8.63 -0.52
N LEU B 315 27.26 -7.31 -0.74
CA LEU B 315 28.33 -6.60 -1.40
C LEU B 315 29.34 -6.09 -0.38
N PHE B 316 30.63 -6.18 -0.75
CA PHE B 316 31.68 -5.59 0.08
C PHE B 316 32.87 -5.23 -0.80
N ALA B 317 33.75 -4.39 -0.25
CA ALA B 317 34.94 -3.94 -0.93
C ALA B 317 36.19 -4.35 -0.15
N SER B 318 37.30 -4.45 -0.87
CA SER B 318 38.57 -4.88 -0.27
C SER B 318 39.72 -4.13 -0.92
N GLY B 319 40.81 -4.02 -0.19
CA GLY B 319 42.03 -3.42 -0.70
C GLY B 319 43.23 -4.20 -0.22
N GLY B 320 44.29 -4.16 -1.02
CA GLY B 320 45.44 -5.02 -0.75
C GLY B 320 46.77 -4.30 -0.59
N SER B 321 47.85 -5.09 -0.54
CA SER B 321 49.18 -4.52 -0.46
C SER B 321 49.53 -3.74 -1.72
N ASP B 322 49.18 -4.27 -2.88
CA ASP B 322 49.19 -3.45 -4.08
C ASP B 322 48.07 -2.42 -4.00
N GLY B 323 48.23 -1.34 -4.76
CA GLY B 323 47.26 -0.25 -4.70
C GLY B 323 45.91 -0.57 -5.30
N SER B 324 45.54 -1.85 -5.33
CA SER B 324 44.31 -2.29 -5.97
C SER B 324 43.19 -2.40 -4.95
N LEU B 325 41.97 -2.13 -5.40
CA LEU B 325 40.77 -2.40 -4.63
C LEU B 325 39.80 -3.20 -5.48
N LEU B 326 39.05 -4.08 -4.82
CA LEU B 326 38.14 -4.99 -5.50
C LEU B 326 36.79 -4.97 -4.81
N PHE B 327 35.78 -5.41 -5.54
CA PHE B 327 34.41 -5.46 -5.07
C PHE B 327 33.87 -6.86 -5.31
N TRP B 328 33.22 -7.41 -4.28
CA TRP B 328 32.70 -8.78 -4.32
C TRP B 328 31.27 -8.81 -3.82
N HIS B 329 30.55 -9.86 -4.21
CA HIS B 329 29.24 -10.16 -3.66
C HIS B 329 29.25 -11.58 -3.09
N VAL B 330 28.47 -11.78 -2.04
CA VAL B 330 28.51 -13.04 -1.30
C VAL B 330 28.10 -14.21 -2.18
N GLY B 331 27.09 -14.03 -3.03
CA GLY B 331 26.64 -15.12 -3.87
C GLY B 331 27.54 -15.48 -5.02
N VAL B 332 28.51 -14.62 -5.35
CA VAL B 332 29.31 -14.77 -6.56
C VAL B 332 30.69 -15.30 -6.20
N GLU B 333 31.16 -16.28 -6.96
CA GLU B 333 32.50 -16.82 -6.72
C GLU B 333 33.58 -15.84 -7.16
N LYS B 334 33.50 -15.37 -8.40
CA LYS B 334 34.51 -14.48 -8.95
C LYS B 334 34.34 -13.06 -8.40
N GLU B 335 35.39 -12.26 -8.57
CA GLU B 335 35.32 -10.86 -8.18
C GLU B 335 34.25 -10.13 -8.99
N VAL B 336 33.62 -9.15 -8.35
CA VAL B 336 32.55 -8.38 -8.99
C VAL B 336 33.10 -7.18 -9.76
N GLY B 337 34.13 -6.53 -9.24
CA GLY B 337 34.76 -5.45 -9.98
C GLY B 337 35.96 -4.92 -9.25
N GLY B 338 36.45 -3.78 -9.70
CA GLY B 338 37.48 -3.07 -8.95
C GLY B 338 38.42 -2.30 -9.86
N MET B 339 39.41 -1.69 -9.20
CA MET B 339 40.42 -0.87 -9.83
C MET B 339 41.80 -1.42 -9.48
N GLU B 340 42.66 -1.57 -10.49
CA GLU B 340 43.96 -2.22 -10.29
C GLU B 340 44.99 -1.26 -9.72
N MET B 341 45.09 -0.06 -10.28
CA MET B 341 46.01 0.94 -9.77
C MET B 341 45.25 2.06 -9.06
N ALA B 342 44.40 1.69 -8.09
CA ALA B 342 43.65 2.70 -7.35
C ALA B 342 44.56 3.58 -6.51
N HIS B 343 45.56 2.98 -5.86
CA HIS B 343 46.55 3.72 -5.08
C HIS B 343 47.95 3.26 -5.51
N GLU B 344 48.96 3.90 -4.94
CA GLU B 344 50.34 3.51 -5.17
C GLU B 344 51.00 2.83 -3.98
N GLY B 345 50.40 2.92 -2.80
CA GLY B 345 50.80 2.13 -1.65
C GLY B 345 49.73 1.14 -1.26
N MET B 346 49.96 0.47 -0.14
CA MET B 346 48.97 -0.49 0.36
C MET B 346 47.77 0.25 0.93
N ILE B 347 46.58 -0.31 0.71
CA ILE B 347 45.34 0.31 1.16
C ILE B 347 45.10 -0.11 2.59
N TRP B 348 45.15 0.84 3.51
CA TRP B 348 44.97 0.53 4.93
C TRP B 348 43.50 0.49 5.31
N SER B 349 42.69 1.40 4.80
CA SER B 349 41.32 1.55 5.29
C SER B 349 40.36 1.80 4.13
N LEU B 350 39.13 1.30 4.29
CA LEU B 350 38.05 1.54 3.34
C LEU B 350 36.81 1.92 4.14
N ALA B 351 36.12 2.98 3.71
CA ALA B 351 34.95 3.49 4.43
C ALA B 351 33.86 3.84 3.43
N TRP B 352 32.71 3.17 3.55
CA TRP B 352 31.56 3.54 2.74
C TRP B 352 30.85 4.75 3.33
N HIS B 353 30.39 5.64 2.45
CA HIS B 353 29.52 6.71 2.91
C HIS B 353 28.21 6.08 3.43
N PRO B 354 27.63 6.64 4.50
CA PRO B 354 26.41 6.04 5.07
C PRO B 354 25.32 5.78 4.05
N LEU B 355 25.20 6.61 3.02
CA LEU B 355 24.21 6.34 1.97
C LEU B 355 24.61 5.14 1.13
N GLY B 356 25.91 4.86 1.01
CA GLY B 356 26.40 3.75 0.22
C GLY B 356 26.75 4.09 -1.21
N HIS B 357 26.87 5.36 -1.55
CA HIS B 357 27.18 5.78 -2.92
C HIS B 357 28.61 6.25 -3.08
N ILE B 358 29.34 6.50 -2.00
CA ILE B 358 30.74 6.89 -2.05
C ILE B 358 31.53 5.91 -1.20
N LEU B 359 32.68 5.48 -1.72
CA LEU B 359 33.64 4.67 -0.98
C LEU B 359 34.96 5.43 -0.94
N CYS B 360 35.47 5.66 0.27
CA CYS B 360 36.76 6.32 0.43
C CYS B 360 37.82 5.30 0.80
N SER B 361 39.02 5.48 0.24
CA SER B 361 40.16 4.60 0.45
C SER B 361 41.30 5.41 1.06
N GLY B 362 41.85 4.90 2.16
CA GLY B 362 43.02 5.48 2.78
C GLY B 362 44.19 4.52 2.69
N SER B 363 45.26 4.93 2.01
CA SER B 363 46.37 4.05 1.69
C SER B 363 47.68 4.60 2.27
N ASN B 364 48.76 3.87 2.01
CA ASN B 364 50.08 4.19 2.53
C ASN B 364 50.82 5.21 1.67
N ASP B 365 50.29 5.57 0.50
CA ASP B 365 50.95 6.51 -0.40
C ASP B 365 50.68 7.98 -0.04
N HIS B 366 50.34 8.25 1.22
CA HIS B 366 50.10 9.58 1.77
C HIS B 366 48.83 10.24 1.25
N THR B 367 47.96 9.51 0.56
CA THR B 367 46.75 10.08 -0.03
C THR B 367 45.53 9.27 0.38
N SER B 368 44.36 9.87 0.22
CA SER B 368 43.10 9.18 0.40
C SER B 368 42.15 9.59 -0.72
N LYS B 369 41.57 8.61 -1.39
CA LYS B 369 40.78 8.87 -2.60
C LYS B 369 39.30 8.59 -2.36
N PHE B 370 38.47 9.23 -3.18
CA PHE B 370 37.02 9.04 -3.15
C PHE B 370 36.57 8.39 -4.45
N TRP B 371 35.66 7.43 -4.35
CA TRP B 371 35.20 6.65 -5.48
C TRP B 371 33.68 6.65 -5.49
N THR B 372 33.09 6.89 -6.66
CA THR B 372 31.65 6.93 -6.82
C THR B 372 31.21 5.92 -7.87
N ARG B 373 29.89 5.78 -8.00
CA ARG B 373 29.32 4.88 -8.98
C ARG B 373 29.49 5.44 -10.38
N ASN B 374 29.57 4.55 -11.36
CA ASN B 374 29.80 4.96 -12.73
C ASN B 374 28.55 5.62 -13.31
N ARG B 375 28.77 6.72 -14.04
CA ARG B 375 27.66 7.41 -14.68
C ARG B 375 27.15 6.60 -15.87
N PRO B 376 25.83 6.50 -16.04
CA PRO B 376 25.30 5.82 -17.23
C PRO B 376 25.76 6.53 -18.51
N GLY B 377 26.29 5.76 -19.43
CA GLY B 377 26.84 6.28 -20.66
C GLY B 377 28.35 6.42 -20.68
N ASP B 378 29.02 6.18 -19.56
CA ASP B 378 30.47 6.25 -19.52
C ASP B 378 31.08 5.15 -20.38
N LYS B 379 32.19 5.47 -21.03
CA LYS B 379 32.89 4.51 -21.87
C LYS B 379 33.87 3.68 -21.06
#